data_8P1M
#
_entry.id   8P1M
#
_cell.length_a   1.00
_cell.length_b   1.00
_cell.length_c   1.00
_cell.angle_alpha   90.00
_cell.angle_beta   90.00
_cell.angle_gamma   90.00
#
_symmetry.space_group_name_H-M   'P 1'
#
loop_
_entity.id
_entity.type
_entity.pdbx_description
1 polymer 'RNA-directed RNA polymerase L'
2 polymer "RNA (5'-R(P*AP*GP*UP*AP*G)-3')"
3 non-polymer "ADENOSINE-5'-TRIPHOSPHATE"
4 non-polymer 'MAGNESIUM ION'
#
loop_
_entity_poly.entity_id
_entity_poly.type
_entity_poly.pdbx_seq_one_letter_code
_entity_poly.pdbx_strand_id
1 'polypeptide(L)'
;MWSHPQFEKGGGSGGGSGGSSAWSHPQFEKHHHHHHHHENLYFQGMDKYREIHNKLKEFSPGTLTAVECIDYLDRLYAVR
HDIVDQMIKHDWSDNKDSEEAIGKVLLFAGVPSNIITALEKKIIPNHPTGKSLKAFFKMTPANYKISGTTIEFVEVTVTA
DVDKGIREKKLKYEAGLTYIEQELHKFFLKGEIPQPYKITFNVVAVRTDGSNITTQWPSRRNDGVVQYMRLVQAEISYVR
EHLIKTEERAALEAMFNLKFNISTHKSQPYYIPDYKGMEPIGANIEDLVDYSKDWLSRARNFSFFEVKGTAVFECFNSNE
ANHCQRYPMSRKPRNFLLIQCSLITSYKPATTLSDQIDSRRACSYILNLIPDTPASYLIHDMAYRYINLTREDMINYYAP
RIQFKQTQNVREPGTFKLTSSMLRAESKAMLDLLNNHKSGEKHGAQIESLNIASHIVQSESVSLITKILSDLELNITEPS
TQEYSTTKHTYVDTVLDKFFQNETQKYLIDVLKKTTAWHIGHLIRDITESLIAHSGLKRSKYWSLHSYNNGNVILFILPS
KSLEVAGSFIRFITVFRIGPGLVDKDNLDTILIDGDSQWGVSKVMSIDLNRLLALNIAFEKALIATATWFQYYTEDQGQF
PLQYAIRSVFANHFLLAICQKMKLCAIFDNLRYLIPAVTSLYSGFPSLIEKLFERPFKSSLEVYIYYNIKSLLVALAQNN
KARFYSKVKLLGLTVDQSTVGASGVYPSFMSRIVYKHYRSLISEVTTCFFLFEKGLHGNMNEEAKIHLETVEWALKFREK
EEKYGESLVENGYMMWELRANAELAEQQLYCQDAIELAAIELNKVLATKSSVVANSILSKNWEEPYFSQTRNISLKGMSG
QVQEDGHLSSSVTIIEAIRYLSNSRHNPSLLKLYEETREQKAMARIVRKYQRTEADRGFFITTLPTRCRLEIIEDYYDAI
AKNISEEYISYGGEKKILAIQGALEKALRWASGESFIELSNHKFIRMKRKLMYVSADATKWSPGDNSAKFRRFTSMLHNG
LPNNKLKNCVIDALKQVYKTDFFMSRKLRNYIDSMESLDPHIKQFLDFFPDGHHGEVKGNWLQGNLNKCSSLFGVAMSLL
FKQVWTNLFPELDCFFEFAHHSDDALFIYGYLEPVDDGTDWFLFVSQQIQAGHLHWFSVNTEMWKSMFNLHEHILLLGSI
KISPKKTTVSPTNAEFLSTFFEGCAVSIPFVKILLGSLSDLPGLGYFDDLAAAQSRCVKALDLGASPQVAQLAVALCTSK
VERLYGTAPGMVNHPAAYLQVKHTDTPIPLGGNGAMSIMELATAGIGMSDKNLLKRALLGYSHKRQKSMLYILGLFKFLM
KLSDETFQHERLGQFSFIGKVQWKIFTPKSEFEFADMYTSKFLELWSSQHVTYDYIIPKGRDNLLIYLVRKLNDPSIVTA
MTMQSPLQLRFRMQAKQHMKVCRLDGEWVTFREVLAAANSFAENYSATSQDMDLFQTLTSCTFSKEYAWKDFLNGIHCDV
IPTKQVQRAKVARTFTVREKDQIIQNSIPAVIGYKFAVTVEEMSDVLDTAKFPDSLSVDLKTMKDGVYRELGLDISLPDV
MKRIAPMLYKSSKSRVVIVQGNVEGTAEAICRYWLKSMSLVKTIRVKPHKEVLQAVSIFNRKEDIGQQKDLAALKLCIEV
WRWCKANSAPYRDWFQALWFEDKTFSEWLDRFCRVGVPPIDPEIQCAALMIADIKGDYSVLQLQANRRAYSGKQYDAYCV
QTYNEVTKLYEGDLRVTFNFGLDCARLEIFWDKKAYILETSITQKHVLKIMMDEVSKELIKCGMRFNTEQVQGVRHMVLF
KTESGFEWGKPNIPCIVYKNCVLRTSLRTTQAINHKFMITIKDDGLRAIAQHDEDSPRFLLAHAFHTIRDIRYQAVDAVS
NVWFIHKGVKLYLNPIISSGLLENFMKNLPAAIPPAAYSLIMNRAKISVDLFMFNDLLKLINPRNTLDLSGLETTGDEFS
TVSSMSSRLWSEEMSLVDDDEELDDEFTIDLQDVDFENIDIEADIEHFLQDESSYTGDLLISTEETESKKMRGIVKILEP
VRLIKSWVSRGLSIEKVYSPVNIILMSRYISKTFNLSTKQVSLLDPYDLTELESIVRGWGECVIDQFESLDREAQNMVVN
KGICPEDVIPDSLFSFRHTMVLLRRLFPQDSISSFY
;
A
2 'polyribonucleotide' UAGUAGUAGACUGCUCC D
#
loop_
_chem_comp.id
_chem_comp.type
_chem_comp.name
_chem_comp.formula
A RNA linking ADENOSINE-5'-MONOPHOSPHATE 'C10 H14 N5 O7 P'
ATP non-polymer ADENOSINE-5'-TRIPHOSPHATE 'C10 H16 N5 O13 P3'
C RNA linking CYTIDINE-5'-MONOPHOSPHATE 'C9 H14 N3 O8 P'
G RNA linking GUANOSINE-5'-MONOPHOSPHATE 'C10 H14 N5 O8 P'
MG non-polymer 'MAGNESIUM ION' 'Mg 2'
U RNA linking URIDINE-5'-MONOPHOSPHATE 'C9 H13 N2 O9 P'
#
# COMPACT_ATOMS: atom_id res chain seq x y z
N TYR A 271 -21.86 8.72 32.95
CA TYR A 271 -21.15 9.16 34.15
C TYR A 271 -19.65 9.19 33.91
N ILE A 272 -19.09 10.39 33.90
CA ILE A 272 -17.66 10.59 33.62
C ILE A 272 -16.93 10.60 34.96
N PRO A 273 -15.96 9.71 35.18
CA PRO A 273 -15.32 9.63 36.51
C PRO A 273 -14.55 10.90 36.85
N ASP A 274 -14.44 11.16 38.14
CA ASP A 274 -13.67 12.30 38.63
C ASP A 274 -12.18 12.02 38.54
N TYR A 275 -11.40 13.08 38.33
CA TYR A 275 -9.96 12.95 38.23
C TYR A 275 -9.32 14.25 38.69
N LYS A 276 -8.04 14.16 39.09
CA LYS A 276 -7.38 15.26 39.78
C LYS A 276 -7.09 16.43 38.83
N GLY A 277 -6.52 16.15 37.66
CA GLY A 277 -6.30 17.17 36.66
C GLY A 277 -5.13 18.09 36.99
N MET A 278 -4.74 18.87 35.98
CA MET A 278 -3.61 19.78 36.07
C MET A 278 -4.10 21.22 36.26
N GLU A 279 -3.14 22.10 36.54
CA GLU A 279 -3.40 23.52 36.78
C GLU A 279 -2.42 24.36 35.98
N PRO A 280 -2.76 25.61 35.69
CA PRO A 280 -1.84 26.48 34.95
C PRO A 280 -0.60 26.82 35.77
N ILE A 281 0.49 27.12 35.06
CA ILE A 281 1.75 27.50 35.68
C ILE A 281 2.11 28.95 35.39
N GLY A 282 1.21 29.72 34.79
CA GLY A 282 1.49 31.12 34.51
C GLY A 282 2.71 31.32 33.64
N ALA A 283 2.63 30.88 32.39
CA ALA A 283 3.70 31.06 31.42
C ALA A 283 3.44 32.33 30.60
N ASN A 284 4.45 33.16 30.46
CA ASN A 284 4.33 34.45 29.81
C ASN A 284 4.98 34.41 28.43
N ILE A 285 4.29 35.02 27.45
CA ILE A 285 4.85 35.10 26.11
C ILE A 285 6.10 35.96 26.09
N GLU A 286 6.14 37.01 26.92
CA GLU A 286 7.30 37.89 26.94
C GLU A 286 8.57 37.14 27.29
N ASP A 287 8.48 36.11 28.14
CA ASP A 287 9.67 35.32 28.47
C ASP A 287 10.23 34.65 27.22
N LEU A 288 9.37 34.02 26.42
CA LEU A 288 9.82 33.37 25.20
C LEU A 288 10.33 34.39 24.18
N VAL A 289 9.68 35.55 24.11
CA VAL A 289 10.13 36.58 23.17
C VAL A 289 11.52 37.09 23.56
N ASP A 290 11.75 37.32 24.84
CA ASP A 290 13.08 37.74 25.29
C ASP A 290 14.12 36.66 25.06
N TYR A 291 13.75 35.40 25.30
CA TYR A 291 14.67 34.31 25.03
C TYR A 291 15.04 34.27 23.55
N SER A 292 14.06 34.45 22.67
CA SER A 292 14.34 34.48 21.24
C SER A 292 15.23 35.65 20.87
N LYS A 293 14.93 36.84 21.40
CA LYS A 293 15.79 38.01 21.17
C LYS A 293 17.22 37.68 21.51
N ASP A 294 17.44 37.11 22.71
CA ASP A 294 18.78 36.67 23.06
C ASP A 294 19.28 35.56 22.14
N TRP A 295 18.37 34.85 21.48
CA TRP A 295 18.75 33.75 20.60
C TRP A 295 19.11 34.24 19.20
N LEU A 296 18.21 35.02 18.58
CA LEU A 296 18.46 35.53 17.24
C LEU A 296 19.36 36.76 17.28
N SER A 297 20.49 36.66 17.97
CA SER A 297 21.46 37.74 18.02
C SER A 297 22.87 37.19 17.97
N ARG A 298 23.04 36.03 17.32
CA ARG A 298 24.32 35.34 17.31
C ARG A 298 24.36 34.43 16.09
N ALA A 299 25.58 34.04 15.72
CA ALA A 299 25.77 33.20 14.53
C ALA A 299 25.10 31.85 14.75
N ARG A 300 24.04 31.59 13.98
CA ARG A 300 23.33 30.31 14.03
C ARG A 300 23.53 29.58 12.72
N ASN A 301 23.93 28.32 12.81
CA ASN A 301 24.25 27.53 11.63
C ASN A 301 22.98 27.02 10.98
N PHE A 302 22.79 27.34 9.70
CA PHE A 302 21.62 26.86 8.97
C PHE A 302 21.66 25.34 8.88
N SER A 303 20.48 24.72 8.99
CA SER A 303 20.40 23.26 9.00
C SER A 303 20.84 22.68 7.66
N PHE A 304 20.44 23.30 6.55
CA PHE A 304 20.58 22.73 5.23
C PHE A 304 21.79 23.33 4.50
N PHE A 305 22.01 22.87 3.28
CA PHE A 305 23.13 23.28 2.44
C PHE A 305 22.61 23.83 1.12
N GLU A 306 23.41 24.69 0.51
CA GLU A 306 23.07 25.24 -0.79
C GLU A 306 23.29 24.20 -1.89
N VAL A 307 22.43 24.23 -2.90
CA VAL A 307 22.50 23.25 -3.99
C VAL A 307 23.32 23.86 -5.12
N LYS A 308 24.44 23.22 -5.43
CA LYS A 308 25.34 23.69 -6.48
C LYS A 308 25.96 22.48 -7.15
N GLY A 309 26.15 22.57 -8.47
CA GLY A 309 26.68 21.44 -9.20
C GLY A 309 28.02 20.97 -8.67
N THR A 310 28.91 21.92 -8.36
CA THR A 310 30.21 21.56 -7.82
C THR A 310 30.07 20.87 -6.48
N ALA A 311 29.13 21.33 -5.64
CA ALA A 311 28.93 20.72 -4.33
C ALA A 311 28.50 19.26 -4.47
N VAL A 312 27.52 18.99 -5.33
CA VAL A 312 27.04 17.63 -5.50
C VAL A 312 28.13 16.75 -6.11
N PHE A 313 28.86 17.28 -7.08
CA PHE A 313 29.94 16.51 -7.70
C PHE A 313 31.01 16.15 -6.66
N GLU A 314 31.39 17.11 -5.81
CA GLU A 314 32.40 16.84 -4.79
C GLU A 314 31.87 15.85 -3.76
N CYS A 315 30.60 15.97 -3.38
CA CYS A 315 30.02 15.00 -2.46
C CYS A 315 30.12 13.59 -3.03
N PHE A 316 29.71 13.43 -4.30
CA PHE A 316 29.77 12.11 -4.91
C PHE A 316 31.20 11.59 -4.97
N ASN A 317 32.15 12.44 -5.36
CA ASN A 317 33.54 11.99 -5.49
C ASN A 317 34.12 11.60 -4.12
N SER A 318 33.87 12.41 -3.09
CA SER A 318 34.40 12.10 -1.77
C SER A 318 33.79 10.82 -1.21
N ASN A 319 32.47 10.64 -1.40
CA ASN A 319 31.85 9.40 -0.94
C ASN A 319 32.39 8.20 -1.70
N GLU A 320 32.63 8.35 -3.01
CA GLU A 320 33.25 7.28 -3.77
C GLU A 320 34.62 6.93 -3.21
N ALA A 321 35.41 7.95 -2.87
CA ALA A 321 36.73 7.71 -2.31
C ALA A 321 36.63 6.96 -0.98
N ASN A 322 35.68 7.35 -0.13
CA ASN A 322 35.54 6.70 1.17
C ASN A 322 35.04 5.26 1.03
N HIS A 323 34.21 4.99 0.02
CA HIS A 323 33.66 3.65 -0.14
C HIS A 323 34.77 2.60 -0.23
N CYS A 324 35.86 2.92 -0.92
CA CYS A 324 36.93 1.95 -1.10
C CYS A 324 37.49 1.48 0.25
N GLN A 325 37.68 2.42 1.18
CA GLN A 325 38.16 2.04 2.50
C GLN A 325 37.07 1.39 3.34
N ARG A 326 35.81 1.78 3.14
CA ARG A 326 34.74 1.26 3.99
C ARG A 326 34.58 -0.25 3.82
N TYR A 327 34.67 -0.75 2.59
CA TYR A 327 34.38 -2.14 2.26
C TYR A 327 35.60 -2.84 1.71
N PRO A 328 35.63 -4.17 1.73
CA PRO A 328 36.67 -4.92 1.03
C PRO A 328 36.28 -5.14 -0.42
N MET A 329 37.09 -4.60 -1.34
CA MET A 329 36.73 -4.59 -2.75
C MET A 329 36.65 -6.01 -3.32
N SER A 330 35.80 -6.17 -4.33
CA SER A 330 35.62 -7.42 -5.04
C SER A 330 35.84 -7.20 -6.53
N ARG A 331 36.21 -8.27 -7.23
CA ARG A 331 36.50 -8.20 -8.66
C ARG A 331 35.50 -8.96 -9.52
N LYS A 332 34.60 -9.74 -8.92
CA LYS A 332 33.66 -10.57 -9.67
C LYS A 332 32.25 -10.07 -9.41
N PRO A 333 31.65 -9.32 -10.33
CA PRO A 333 30.28 -8.84 -10.11
C PRO A 333 29.32 -10.00 -9.86
N ARG A 334 28.42 -9.80 -8.91
CA ARG A 334 27.49 -10.85 -8.53
C ARG A 334 26.34 -10.93 -9.52
N ASN A 335 25.52 -11.96 -9.37
CA ASN A 335 24.41 -12.22 -10.26
C ASN A 335 23.27 -11.24 -10.01
N PHE A 336 22.70 -10.71 -11.09
CA PHE A 336 21.52 -9.87 -11.01
C PHE A 336 20.35 -10.38 -11.83
N LEU A 337 20.56 -11.39 -12.68
CA LEU A 337 19.51 -11.97 -13.49
C LEU A 337 19.06 -13.27 -12.85
N LEU A 338 17.76 -13.38 -12.57
CA LEU A 338 17.23 -14.61 -11.98
C LEU A 338 17.12 -15.71 -13.02
N ILE A 339 16.35 -15.47 -14.08
CA ILE A 339 16.21 -16.39 -15.19
C ILE A 339 16.87 -15.77 -16.41
N GLN A 340 17.79 -16.51 -17.03
CA GLN A 340 18.50 -16.07 -18.23
C GLN A 340 17.93 -16.81 -19.43
N CYS A 341 17.45 -16.06 -20.41
CA CYS A 341 16.83 -16.62 -21.62
C CYS A 341 17.55 -16.07 -22.84
N SER A 342 17.10 -16.51 -24.01
CA SER A 342 17.67 -16.04 -25.27
C SER A 342 16.68 -16.37 -26.38
N LEU A 343 16.13 -15.33 -27.01
CA LEU A 343 15.14 -15.49 -28.07
C LEU A 343 15.70 -14.98 -29.38
N ILE A 344 15.62 -15.81 -30.41
CA ILE A 344 16.00 -15.43 -31.76
C ILE A 344 14.79 -15.32 -32.69
N THR A 345 13.69 -16.01 -32.39
CA THR A 345 12.50 -16.01 -33.22
C THR A 345 11.28 -15.74 -32.33
N SER A 346 10.23 -15.23 -32.96
CA SER A 346 9.01 -14.92 -32.22
C SER A 346 8.56 -16.12 -31.41
N TYR A 347 7.88 -15.85 -30.29
CA TYR A 347 7.53 -16.87 -29.33
C TYR A 347 6.06 -17.25 -29.48
N LYS A 348 5.81 -18.55 -29.66
CA LYS A 348 4.46 -19.09 -29.67
C LYS A 348 4.19 -19.76 -28.34
N PRO A 349 3.22 -19.29 -27.54
CA PRO A 349 3.01 -19.86 -26.20
C PRO A 349 3.04 -21.38 -26.17
N ALA A 350 3.50 -21.95 -25.06
CA ALA A 350 3.71 -23.38 -24.96
C ALA A 350 2.39 -24.10 -24.67
N THR A 351 2.37 -25.39 -24.99
CA THR A 351 1.21 -26.25 -24.75
C THR A 351 1.70 -27.66 -24.52
N THR A 352 0.85 -28.47 -23.87
CA THR A 352 1.22 -29.84 -23.56
C THR A 352 1.57 -30.63 -24.81
N LEU A 353 0.93 -30.32 -25.94
CA LEU A 353 1.27 -30.96 -27.20
C LEU A 353 2.55 -30.42 -27.81
N SER A 354 3.06 -29.29 -27.30
CA SER A 354 4.30 -28.72 -27.79
C SER A 354 5.51 -29.21 -27.00
N ASP A 355 5.36 -29.43 -25.69
CA ASP A 355 6.47 -29.89 -24.88
C ASP A 355 6.94 -31.26 -25.34
N GLN A 356 6.01 -32.17 -25.63
CA GLN A 356 6.41 -33.54 -25.97
C GLN A 356 7.35 -33.56 -27.16
N ILE A 357 7.28 -32.55 -28.03
CA ILE A 357 8.16 -32.47 -29.19
C ILE A 357 9.40 -31.64 -28.87
N ASP A 358 9.20 -30.44 -28.34
CA ASP A 358 10.31 -29.57 -27.98
C ASP A 358 11.30 -30.31 -27.08
N SER A 359 10.83 -30.73 -25.91
CA SER A 359 11.71 -31.35 -24.93
C SER A 359 12.53 -32.47 -25.55
N ARG A 360 11.93 -33.27 -26.42
CA ARG A 360 12.69 -34.33 -27.07
C ARG A 360 13.79 -33.76 -27.95
N ARG A 361 13.45 -32.77 -28.78
CA ARG A 361 14.48 -32.17 -29.64
C ARG A 361 15.60 -31.56 -28.80
N ALA A 362 15.23 -30.81 -27.77
CA ALA A 362 16.21 -30.13 -26.93
C ALA A 362 17.08 -31.12 -26.19
N CYS A 363 16.50 -32.23 -25.72
CA CYS A 363 17.30 -33.23 -25.02
C CYS A 363 18.25 -33.96 -25.96
N SER A 364 17.83 -34.20 -27.21
CA SER A 364 18.77 -34.73 -28.18
C SER A 364 19.93 -33.76 -28.40
N TYR A 365 19.63 -32.46 -28.54
CA TYR A 365 20.69 -31.47 -28.64
C TYR A 365 21.63 -31.57 -27.44
N ILE A 366 21.07 -31.58 -26.23
CA ILE A 366 21.89 -31.57 -25.02
C ILE A 366 22.78 -32.81 -24.97
N LEU A 367 22.21 -33.98 -25.26
CA LEU A 367 23.02 -35.19 -25.28
C LEU A 367 24.12 -35.09 -26.33
N ASN A 368 23.90 -34.30 -27.39
CA ASN A 368 24.96 -34.08 -28.37
C ASN A 368 26.13 -33.29 -27.79
N LEU A 369 25.91 -32.53 -26.71
CA LEU A 369 26.92 -31.66 -26.16
C LEU A 369 27.92 -32.45 -25.31
N ILE A 370 28.93 -31.75 -24.80
CA ILE A 370 29.97 -32.36 -23.96
C ILE A 370 30.07 -31.57 -22.66
N PRO A 371 29.69 -32.12 -21.52
CA PRO A 371 29.72 -31.35 -20.27
C PRO A 371 31.13 -31.20 -19.72
N ASP A 372 31.33 -30.12 -18.97
CA ASP A 372 32.60 -29.85 -18.29
C ASP A 372 32.42 -29.52 -16.81
N THR A 373 31.36 -28.83 -16.44
CA THR A 373 31.13 -28.39 -15.07
C THR A 373 30.09 -29.27 -14.37
N PRO A 374 30.06 -29.27 -13.05
CA PRO A 374 29.06 -30.10 -12.35
C PRO A 374 27.62 -29.76 -12.72
N ALA A 375 27.30 -28.48 -12.90
CA ALA A 375 25.95 -28.13 -13.33
C ALA A 375 25.66 -28.66 -14.73
N SER A 376 26.64 -28.56 -15.63
CA SER A 376 26.47 -29.13 -16.96
C SER A 376 26.34 -30.64 -16.90
N TYR A 377 27.09 -31.29 -16.00
CA TYR A 377 26.97 -32.73 -15.84
C TYR A 377 25.57 -33.11 -15.36
N LEU A 378 25.01 -32.35 -14.43
CA LEU A 378 23.65 -32.62 -13.96
C LEU A 378 22.65 -32.41 -15.10
N ILE A 379 22.86 -31.39 -15.91
CA ILE A 379 22.01 -31.18 -17.09
C ILE A 379 22.06 -32.42 -17.98
N HIS A 380 23.27 -32.91 -18.25
CA HIS A 380 23.43 -34.07 -19.11
C HIS A 380 22.70 -35.29 -18.54
N ASP A 381 22.86 -35.51 -17.23
CA ASP A 381 22.23 -36.68 -16.60
C ASP A 381 20.71 -36.58 -16.64
N MET A 382 20.16 -35.40 -16.33
CA MET A 382 18.71 -35.23 -16.39
C MET A 382 18.19 -35.46 -17.79
N ALA A 383 18.88 -34.91 -18.80
CA ALA A 383 18.42 -35.11 -20.18
C ALA A 383 18.48 -36.59 -20.56
N TYR A 384 19.56 -37.27 -20.20
CA TYR A 384 19.69 -38.69 -20.56
C TYR A 384 18.60 -39.51 -19.88
N ARG A 385 18.28 -39.20 -18.63
CA ARG A 385 17.18 -39.91 -17.97
C ARG A 385 15.86 -39.64 -18.67
N TYR A 386 15.57 -38.37 -18.97
CA TYR A 386 14.28 -38.03 -19.56
C TYR A 386 14.11 -38.70 -20.91
N ILE A 387 15.15 -38.72 -21.73
CA ILE A 387 15.03 -39.33 -23.05
C ILE A 387 14.74 -40.82 -22.95
N ASN A 388 15.29 -41.48 -21.94
CA ASN A 388 15.14 -42.92 -21.79
C ASN A 388 13.92 -43.31 -20.96
N LEU A 389 12.91 -42.45 -20.89
CA LEU A 389 11.65 -42.82 -20.26
C LEU A 389 10.82 -43.66 -21.21
N THR A 390 10.01 -44.55 -20.64
CA THR A 390 9.21 -45.45 -21.44
C THR A 390 7.93 -44.75 -21.92
N ARG A 391 7.25 -45.40 -22.88
CA ARG A 391 6.07 -44.80 -23.48
C ARG A 391 4.96 -44.60 -22.45
N GLU A 392 4.74 -45.60 -21.59
CA GLU A 392 3.76 -45.44 -20.52
C GLU A 392 4.18 -44.32 -19.57
N ASP A 393 5.48 -44.24 -19.26
CA ASP A 393 5.97 -43.19 -18.39
C ASP A 393 5.66 -41.82 -18.98
N MET A 394 5.91 -41.63 -20.27
CA MET A 394 5.64 -40.34 -20.89
C MET A 394 4.14 -40.05 -20.96
N ILE A 395 3.34 -41.08 -21.25
CA ILE A 395 1.89 -40.89 -21.32
C ILE A 395 1.37 -40.38 -19.99
N ASN A 396 1.82 -40.99 -18.89
CA ASN A 396 1.44 -40.50 -17.57
C ASN A 396 2.07 -39.15 -17.27
N TYR A 397 3.27 -38.90 -17.80
CA TYR A 397 4.02 -37.69 -17.49
C TYR A 397 3.38 -36.45 -18.12
N TYR A 398 2.63 -36.64 -19.21
CA TYR A 398 1.98 -35.52 -19.88
C TYR A 398 0.45 -35.56 -19.80
N ALA A 399 -0.13 -36.66 -19.36
CA ALA A 399 -1.58 -36.74 -19.28
C ALA A 399 -2.11 -35.88 -18.14
N PRO A 400 -3.34 -35.36 -18.26
CA PRO A 400 -3.90 -34.55 -17.19
C PRO A 400 -4.03 -35.34 -15.90
N ARG A 401 -4.19 -34.62 -14.79
CA ARG A 401 -4.28 -35.28 -13.49
C ARG A 401 -5.47 -36.22 -13.41
N ILE A 402 -6.53 -35.93 -14.17
CA ILE A 402 -7.72 -36.79 -14.15
C ILE A 402 -7.38 -38.17 -14.69
N GLN A 403 -6.64 -38.23 -15.80
CA GLN A 403 -6.22 -39.49 -16.40
C GLN A 403 -4.88 -39.97 -15.88
N PHE A 404 -4.28 -39.28 -14.92
CA PHE A 404 -2.95 -39.66 -14.46
C PHE A 404 -2.97 -41.03 -13.81
N LYS A 405 -1.91 -41.80 -14.04
CA LYS A 405 -1.73 -43.12 -13.44
C LYS A 405 -0.31 -43.21 -12.91
N GLN A 406 -0.16 -43.41 -11.60
CA GLN A 406 1.16 -43.48 -11.01
C GLN A 406 1.95 -44.63 -11.61
N THR A 407 3.26 -44.43 -11.77
CA THR A 407 4.11 -45.39 -12.45
C THR A 407 5.43 -45.49 -11.69
N GLN A 408 6.21 -46.54 -12.00
CA GLN A 408 7.48 -46.74 -11.32
C GLN A 408 8.42 -45.56 -11.52
N ASN A 409 8.46 -45.01 -12.73
CA ASN A 409 9.39 -43.92 -13.04
C ASN A 409 8.76 -42.55 -12.85
N VAL A 410 7.56 -42.35 -13.38
CA VAL A 410 6.88 -41.06 -13.31
C VAL A 410 5.84 -41.18 -12.20
N ARG A 411 6.22 -40.77 -11.00
CA ARG A 411 5.37 -40.91 -9.83
C ARG A 411 4.45 -39.71 -9.60
N GLU A 412 4.46 -38.73 -10.50
CA GLU A 412 3.57 -37.58 -10.41
C GLU A 412 3.34 -37.06 -11.81
N PRO A 413 2.30 -36.24 -12.01
CA PRO A 413 1.91 -35.87 -13.38
C PRO A 413 3.04 -35.24 -14.18
N GLY A 414 3.59 -34.13 -13.69
CA GLY A 414 4.57 -33.39 -14.46
C GLY A 414 5.98 -33.50 -13.93
N THR A 415 6.31 -34.63 -13.33
CA THR A 415 7.65 -34.83 -12.76
C THR A 415 8.06 -36.28 -12.97
N PHE A 416 9.37 -36.51 -12.94
CA PHE A 416 9.92 -37.86 -13.04
C PHE A 416 10.91 -38.07 -11.92
N LYS A 417 11.11 -39.33 -11.56
CA LYS A 417 11.95 -39.71 -10.42
C LYS A 417 13.32 -40.14 -10.92
N LEU A 418 14.36 -39.48 -10.40
CA LEU A 418 15.74 -39.83 -10.72
C LEU A 418 16.42 -40.33 -9.46
N THR A 419 16.87 -41.58 -9.50
CA THR A 419 17.53 -42.17 -8.35
C THR A 419 18.98 -41.73 -8.26
N SER A 420 19.54 -41.86 -7.06
CA SER A 420 20.92 -41.42 -6.84
C SER A 420 21.93 -42.28 -7.58
N SER A 421 21.52 -43.44 -8.11
CA SER A 421 22.46 -44.31 -8.80
C SER A 421 22.78 -43.80 -10.20
N MET A 422 21.83 -43.16 -10.86
CA MET A 422 22.05 -42.72 -12.24
C MET A 422 22.94 -41.49 -12.30
N LEU A 423 22.84 -40.60 -11.31
CA LEU A 423 23.68 -39.42 -11.28
C LEU A 423 25.15 -39.81 -11.21
N ARG A 424 25.99 -39.06 -11.90
CA ARG A 424 27.42 -39.29 -11.88
C ARG A 424 28.05 -38.58 -10.67
N ALA A 425 29.35 -38.77 -10.50
CA ALA A 425 30.02 -38.22 -9.31
C ALA A 425 29.90 -36.70 -9.27
N GLU A 426 30.10 -36.03 -10.42
CA GLU A 426 30.06 -34.58 -10.45
C GLU A 426 28.68 -34.06 -10.05
N SER A 427 27.62 -34.68 -10.56
CA SER A 427 26.28 -34.25 -10.20
C SER A 427 25.99 -34.50 -8.73
N LYS A 428 26.47 -35.63 -8.19
CA LYS A 428 26.30 -35.89 -6.77
C LYS A 428 26.99 -34.82 -5.94
N ALA A 429 28.21 -34.44 -6.33
CA ALA A 429 28.91 -33.38 -5.61
C ALA A 429 28.15 -32.07 -5.71
N MET A 430 27.59 -31.76 -6.88
CA MET A 430 26.83 -30.53 -7.03
C MET A 430 25.62 -30.53 -6.11
N LEU A 431 24.89 -31.65 -6.05
CA LEU A 431 23.74 -31.73 -5.15
C LEU A 431 24.17 -31.58 -3.70
N ASP A 432 25.30 -32.20 -3.32
CA ASP A 432 25.80 -32.05 -1.96
C ASP A 432 26.11 -30.59 -1.65
N LEU A 433 26.75 -29.90 -2.58
CA LEU A 433 27.04 -28.48 -2.39
C LEU A 433 25.76 -27.68 -2.23
N LEU A 434 24.71 -28.02 -2.99
CA LEU A 434 23.44 -27.33 -2.84
C LEU A 434 22.89 -27.50 -1.42
N ASN A 435 22.97 -28.71 -0.87
CA ASN A 435 22.44 -28.98 0.44
C ASN A 435 23.38 -29.88 1.24
N ILE A 447 31.00 -9.25 3.46
CA ILE A 447 30.38 -8.38 2.47
C ILE A 447 31.45 -7.66 1.67
N GLU A 448 31.40 -7.82 0.36
CA GLU A 448 32.33 -7.15 -0.55
C GLU A 448 31.54 -6.32 -1.55
N SER A 449 32.16 -5.23 -2.01
CA SER A 449 31.53 -4.35 -2.98
C SER A 449 32.56 -4.00 -4.06
N LEU A 450 32.05 -3.66 -5.24
CA LEU A 450 32.92 -3.33 -6.36
C LEU A 450 33.51 -1.94 -6.18
N ASN A 451 34.47 -1.63 -7.04
CA ASN A 451 35.10 -0.30 -7.08
C ASN A 451 34.20 0.62 -7.89
N ILE A 452 33.23 1.25 -7.23
CA ILE A 452 32.47 2.29 -7.89
C ILE A 452 33.36 3.48 -8.20
N ALA A 453 34.33 3.76 -7.33
CA ALA A 453 35.26 4.86 -7.58
C ALA A 453 36.07 4.65 -8.84
N SER A 454 36.37 3.39 -9.16
CA SER A 454 37.14 3.10 -10.37
C SER A 454 36.35 3.50 -11.61
N HIS A 455 37.09 3.81 -12.67
CA HIS A 455 36.45 4.16 -13.94
C HIS A 455 36.36 2.98 -14.90
N ILE A 456 37.29 2.03 -14.81
CA ILE A 456 37.22 0.85 -15.67
C ILE A 456 36.01 0.00 -15.29
N VAL A 457 35.83 -0.26 -13.99
CA VAL A 457 34.71 -1.08 -13.54
C VAL A 457 33.39 -0.44 -13.92
N GLN A 458 33.28 0.87 -13.70
CA GLN A 458 32.02 1.55 -13.95
C GLN A 458 31.66 1.52 -15.42
N SER A 459 32.64 1.77 -16.29
CA SER A 459 32.40 1.69 -17.73
C SER A 459 32.06 0.26 -18.16
N GLU A 460 32.74 -0.73 -17.57
CA GLU A 460 32.45 -2.12 -17.93
C GLU A 460 31.00 -2.47 -17.61
N SER A 461 30.56 -2.12 -16.40
CA SER A 461 29.18 -2.41 -16.02
C SER A 461 28.20 -1.66 -16.92
N VAL A 462 28.49 -0.39 -17.22
CA VAL A 462 27.60 0.38 -18.06
C VAL A 462 27.49 -0.25 -19.44
N SER A 463 28.63 -0.69 -20.00
CA SER A 463 28.61 -1.30 -21.32
C SER A 463 27.82 -2.60 -21.31
N LEU A 464 28.00 -3.42 -20.28
CA LEU A 464 27.26 -4.69 -20.21
C LEU A 464 25.76 -4.44 -20.16
N ILE A 465 25.31 -3.56 -19.26
CA ILE A 465 23.88 -3.34 -19.15
C ILE A 465 23.34 -2.67 -20.40
N THR A 466 24.12 -1.80 -21.04
CA THR A 466 23.67 -1.19 -22.29
C THR A 466 23.54 -2.25 -23.39
N LYS A 467 24.44 -3.22 -23.41
CA LYS A 467 24.32 -4.31 -24.37
C LYS A 467 23.04 -5.11 -24.14
N ILE A 468 22.73 -5.40 -22.87
CA ILE A 468 21.51 -6.14 -22.58
C ILE A 468 20.29 -5.33 -23.01
N LEU A 469 20.30 -4.03 -22.73
CA LEU A 469 19.17 -3.19 -23.10
C LEU A 469 19.03 -3.06 -24.62
N SER A 470 20.16 -3.03 -25.34
CA SER A 470 20.11 -3.03 -26.79
C SER A 470 19.52 -4.33 -27.31
N ASP A 471 19.88 -5.45 -26.68
CA ASP A 471 19.31 -6.74 -27.07
C ASP A 471 17.79 -6.75 -26.85
N LEU A 472 17.33 -6.22 -25.72
CA LEU A 472 15.91 -6.22 -25.44
C LEU A 472 15.14 -5.16 -26.22
N GLU A 473 15.80 -4.41 -27.10
CA GLU A 473 15.15 -3.41 -27.93
C GLU A 473 15.05 -3.84 -29.40
N LEU A 474 15.63 -4.98 -29.76
CA LEU A 474 15.65 -5.43 -31.14
C LEU A 474 14.24 -5.67 -31.65
N ASN A 475 14.11 -6.02 -32.92
CA ASN A 475 12.84 -6.43 -33.51
C ASN A 475 12.99 -7.86 -33.99
N ILE A 476 12.34 -8.79 -33.30
CA ILE A 476 12.45 -10.20 -33.68
C ILE A 476 11.78 -10.40 -35.03
N THR A 477 12.46 -11.15 -35.91
CA THR A 477 11.95 -11.45 -37.24
C THR A 477 10.64 -12.23 -37.15
N ASP A 493 -18.91 -0.26 -32.02
CA ASP A 493 -17.55 0.26 -32.03
C ASP A 493 -17.48 1.57 -31.25
N THR A 494 -17.47 1.47 -29.93
CA THR A 494 -17.45 2.65 -29.08
C THR A 494 -16.26 3.54 -29.45
N VAL A 495 -16.38 4.83 -29.08
CA VAL A 495 -15.35 5.80 -29.45
C VAL A 495 -14.03 5.45 -28.80
N LEU A 496 -14.06 4.92 -27.58
CA LEU A 496 -12.81 4.54 -26.91
C LEU A 496 -12.05 3.51 -27.74
N ASP A 497 -12.76 2.62 -28.43
CA ASP A 497 -12.08 1.66 -29.29
C ASP A 497 -11.34 2.36 -30.41
N LYS A 498 -11.96 3.37 -31.02
CA LYS A 498 -11.28 4.14 -32.06
C LYS A 498 -10.05 4.85 -31.51
N PHE A 499 -10.19 5.49 -30.34
CA PHE A 499 -9.09 6.26 -29.79
C PHE A 499 -7.98 5.38 -29.25
N PHE A 500 -8.26 4.12 -28.95
CA PHE A 500 -7.24 3.18 -28.50
C PHE A 500 -6.54 2.51 -29.66
N GLN A 501 -7.28 2.11 -30.69
CA GLN A 501 -6.69 1.48 -31.85
C GLN A 501 -5.91 2.46 -32.71
N ASN A 502 -6.03 3.75 -32.43
CA ASN A 502 -5.39 4.80 -33.22
C ASN A 502 -4.20 5.45 -32.52
N GLU A 503 -4.30 5.68 -31.21
CA GLU A 503 -3.25 6.37 -30.47
C GLU A 503 -2.37 5.42 -29.66
N THR A 504 -2.97 4.68 -28.73
CA THR A 504 -2.17 3.85 -27.83
C THR A 504 -1.60 2.64 -28.54
N GLN A 505 -2.41 1.93 -29.33
CA GLN A 505 -1.93 0.71 -29.96
C GLN A 505 -1.05 1.02 -31.17
N LYS A 506 -1.18 2.22 -31.74
CA LYS A 506 -0.34 2.57 -32.88
C LYS A 506 1.08 2.92 -32.46
N TYR A 507 1.24 3.52 -31.28
CA TYR A 507 2.54 4.01 -30.84
C TYR A 507 3.15 3.21 -29.69
N LEU A 508 2.35 2.46 -28.93
CA LEU A 508 2.87 1.69 -27.81
C LEU A 508 2.84 0.19 -28.05
N ILE A 509 1.67 -0.37 -28.34
CA ILE A 509 1.58 -1.83 -28.45
C ILE A 509 2.18 -2.30 -29.76
N ASP A 510 1.81 -1.68 -30.87
CA ASP A 510 2.38 -2.06 -32.16
C ASP A 510 3.87 -1.78 -32.26
N VAL A 511 4.41 -0.98 -31.35
CA VAL A 511 5.85 -0.74 -31.32
C VAL A 511 6.57 -1.81 -30.51
N LEU A 512 6.04 -2.16 -29.34
CA LEU A 512 6.63 -3.18 -28.50
C LEU A 512 6.22 -4.59 -28.91
N LYS A 513 5.18 -4.74 -29.74
CA LYS A 513 4.67 -6.06 -30.11
C LYS A 513 5.65 -6.84 -30.96
N LYS A 514 6.84 -6.31 -31.26
CA LYS A 514 7.81 -7.00 -32.07
C LYS A 514 9.20 -7.04 -31.45
N THR A 515 9.37 -6.52 -30.24
CA THR A 515 10.68 -6.46 -29.60
C THR A 515 10.94 -7.70 -28.76
N THR A 516 12.22 -8.00 -28.58
CA THR A 516 12.59 -9.15 -27.76
C THR A 516 12.08 -9.04 -26.34
N ALA A 517 11.82 -7.82 -25.85
CA ALA A 517 11.28 -7.64 -24.51
C ALA A 517 9.81 -8.01 -24.40
N TRP A 518 9.11 -8.16 -25.53
CA TRP A 518 7.72 -8.56 -25.52
C TRP A 518 7.54 -10.07 -25.66
N HIS A 519 8.54 -10.77 -26.18
CA HIS A 519 8.50 -12.21 -26.34
C HIS A 519 9.29 -12.93 -25.25
N ILE A 520 10.40 -12.37 -24.78
CA ILE A 520 11.02 -12.90 -23.58
C ILE A 520 10.10 -12.72 -22.38
N GLY A 521 9.23 -11.70 -22.42
CA GLY A 521 8.26 -11.54 -21.36
C GLY A 521 7.25 -12.66 -21.28
N HIS A 522 7.01 -13.37 -22.39
CA HIS A 522 6.16 -14.54 -22.40
C HIS A 522 6.95 -15.82 -22.13
N LEU A 523 8.19 -15.88 -22.63
CA LEU A 523 9.04 -17.02 -22.33
C LEU A 523 9.27 -17.15 -20.84
N ILE A 524 9.54 -16.04 -20.16
CA ILE A 524 9.73 -16.03 -18.71
C ILE A 524 8.42 -16.09 -17.95
N ARG A 525 7.28 -16.03 -18.64
CA ARG A 525 6.01 -16.36 -18.01
C ARG A 525 5.76 -17.86 -18.02
N ASP A 526 6.02 -18.51 -19.16
CA ASP A 526 5.90 -19.96 -19.21
C ASP A 526 6.91 -20.63 -18.30
N ILE A 527 8.14 -20.12 -18.26
CA ILE A 527 9.17 -20.72 -17.43
C ILE A 527 8.80 -20.66 -15.95
N THR A 528 8.08 -19.62 -15.54
CA THR A 528 7.67 -19.49 -14.15
C THR A 528 6.38 -20.23 -13.85
N GLU A 529 5.47 -20.36 -14.83
CA GLU A 529 4.31 -21.20 -14.61
C GLU A 529 4.73 -22.65 -14.44
N SER A 530 5.75 -23.08 -15.17
CA SER A 530 6.26 -24.44 -14.98
C SER A 530 6.78 -24.64 -13.55
N LEU A 531 7.52 -23.66 -13.04
CA LEU A 531 8.03 -23.77 -11.66
C LEU A 531 6.88 -23.78 -10.65
N ILE A 532 5.92 -22.88 -10.84
CA ILE A 532 4.78 -22.84 -9.91
C ILE A 532 4.07 -24.18 -9.90
N ALA A 533 3.94 -24.81 -11.07
CA ALA A 533 3.39 -26.17 -11.11
C ALA A 533 4.27 -27.13 -10.34
N HIS A 534 5.58 -27.08 -10.56
CA HIS A 534 6.53 -27.91 -9.83
C HIS A 534 7.00 -27.21 -8.55
N SER A 535 6.07 -26.66 -7.79
CA SER A 535 6.36 -26.18 -6.44
C SER A 535 5.21 -26.50 -5.50
N GLY A 536 4.68 -27.72 -5.60
CA GLY A 536 3.65 -28.20 -4.69
C GLY A 536 4.23 -29.12 -3.63
N LEU A 537 3.34 -29.70 -2.83
CA LEU A 537 3.77 -30.60 -1.76
C LEU A 537 4.17 -31.97 -2.26
N LYS A 538 3.45 -32.50 -3.25
CA LYS A 538 3.74 -33.84 -3.75
C LYS A 538 4.67 -33.81 -4.96
N ARG A 539 4.63 -32.74 -5.74
CA ARG A 539 5.52 -32.63 -6.90
C ARG A 539 6.94 -32.29 -6.47
N SER A 540 7.10 -31.46 -5.45
CA SER A 540 8.38 -30.82 -5.17
C SER A 540 9.34 -31.74 -4.42
N LYS A 541 9.51 -32.96 -4.92
CA LYS A 541 10.60 -33.82 -4.47
C LYS A 541 11.18 -34.59 -5.65
N TYR A 542 10.72 -34.35 -6.86
CA TYR A 542 11.11 -35.07 -8.05
C TYR A 542 11.71 -34.11 -9.06
N TRP A 543 12.36 -34.69 -10.06
CA TRP A 543 13.07 -33.98 -11.11
C TRP A 543 12.10 -33.69 -12.24
N SER A 544 12.34 -32.60 -12.97
CA SER A 544 11.53 -32.36 -14.16
C SER A 544 12.34 -31.61 -15.20
N LEU A 545 11.95 -31.78 -16.46
CA LEU A 545 12.65 -31.19 -17.60
C LEU A 545 11.60 -30.68 -18.57
N HIS A 546 11.70 -29.41 -18.95
CA HIS A 546 10.78 -28.80 -19.88
C HIS A 546 11.55 -28.04 -20.96
N SER A 547 10.92 -27.84 -22.11
CA SER A 547 11.53 -27.10 -23.19
C SER A 547 10.54 -26.08 -23.74
N TYR A 548 11.07 -24.97 -24.23
CA TYR A 548 10.26 -23.84 -24.66
C TYR A 548 10.76 -23.34 -26.01
N ASN A 549 9.98 -22.44 -26.60
CA ASN A 549 10.27 -21.94 -27.93
C ASN A 549 10.07 -23.07 -28.93
N ASN A 550 11.10 -23.42 -29.70
CA ASN A 550 11.08 -24.60 -30.56
C ASN A 550 12.19 -25.56 -30.17
N GLY A 551 12.48 -25.64 -28.88
CA GLY A 551 13.58 -26.43 -28.38
C GLY A 551 14.83 -25.66 -28.07
N ASN A 552 14.80 -24.32 -28.14
CA ASN A 552 16.00 -23.53 -27.91
C ASN A 552 16.34 -23.46 -26.42
N VAL A 553 15.32 -23.27 -25.57
CA VAL A 553 15.51 -23.07 -24.14
C VAL A 553 14.97 -24.27 -23.39
N ILE A 554 15.70 -24.71 -22.37
CA ILE A 554 15.33 -25.87 -21.57
C ILE A 554 15.39 -25.46 -20.10
N LEU A 555 14.34 -25.77 -19.35
CA LEU A 555 14.27 -25.53 -17.93
C LEU A 555 14.37 -26.86 -17.21
N PHE A 556 15.38 -27.01 -16.35
CA PHE A 556 15.58 -28.21 -15.55
C PHE A 556 15.21 -27.88 -14.12
N ILE A 557 14.07 -28.38 -13.65
CA ILE A 557 13.61 -28.11 -12.31
C ILE A 557 14.06 -29.24 -11.39
N LEU A 558 14.63 -28.86 -10.26
CA LEU A 558 15.38 -29.74 -9.36
C LEU A 558 14.53 -30.17 -8.18
N PRO A 559 15.00 -31.16 -7.41
CA PRO A 559 14.30 -31.51 -6.16
C PRO A 559 14.41 -30.39 -5.15
N SER A 560 13.30 -29.74 -4.86
CA SER A 560 13.27 -28.57 -3.99
C SER A 560 12.40 -28.85 -2.77
N LYS A 561 12.15 -27.80 -1.99
CA LYS A 561 11.21 -27.84 -0.88
C LYS A 561 9.95 -27.11 -1.29
N SER A 562 8.80 -27.72 -1.01
CA SER A 562 7.53 -27.13 -1.41
C SER A 562 7.47 -25.67 -1.00
N LEU A 563 6.83 -24.86 -1.83
CA LEU A 563 6.64 -23.44 -1.55
C LEU A 563 5.36 -23.17 -0.78
N GLU A 564 4.71 -24.21 -0.24
CA GLU A 564 3.59 -24.03 0.66
C GLU A 564 4.03 -23.84 2.10
N VAL A 565 5.30 -23.51 2.32
CA VAL A 565 5.80 -23.10 3.62
C VAL A 565 6.41 -21.70 3.45
N ALA A 566 6.96 -21.14 4.52
CA ALA A 566 7.41 -19.76 4.51
C ALA A 566 8.92 -19.61 4.31
N GLY A 567 9.65 -20.71 4.10
CA GLY A 567 11.09 -20.62 3.96
C GLY A 567 11.70 -21.53 2.92
N SER A 568 10.98 -21.83 1.86
CA SER A 568 11.46 -22.76 0.84
C SER A 568 11.84 -22.03 -0.45
N PHE A 569 12.76 -22.65 -1.18
CA PHE A 569 13.27 -22.13 -2.44
C PHE A 569 13.10 -23.18 -3.51
N ILE A 570 12.55 -22.79 -4.66
CA ILE A 570 12.47 -23.67 -5.82
C ILE A 570 13.71 -23.43 -6.67
N ARG A 571 14.45 -24.49 -6.95
CA ARG A 571 15.76 -24.42 -7.60
C ARG A 571 15.66 -24.99 -9.00
N PHE A 572 16.40 -24.38 -9.93
CA PHE A 572 16.32 -24.78 -11.33
C PHE A 572 17.59 -24.39 -12.06
N ILE A 573 17.69 -24.86 -13.30
CA ILE A 573 18.74 -24.47 -14.23
C ILE A 573 18.06 -24.18 -15.56
N THR A 574 18.75 -23.39 -16.39
CA THR A 574 18.26 -23.08 -17.73
C THR A 574 19.40 -23.23 -18.72
N VAL A 575 19.15 -23.96 -19.81
CA VAL A 575 20.12 -24.15 -20.88
C VAL A 575 19.52 -23.62 -22.17
N PHE A 576 20.15 -22.60 -22.74
CA PHE A 576 19.57 -21.86 -23.85
C PHE A 576 20.62 -21.63 -24.91
N ARG A 577 20.15 -21.41 -26.14
CA ARG A 577 21.03 -21.06 -27.24
C ARG A 577 21.44 -19.60 -27.11
N ILE A 578 22.74 -19.35 -27.01
CA ILE A 578 23.23 -18.00 -26.76
C ILE A 578 22.78 -17.09 -27.90
N GLY A 579 22.20 -15.96 -27.54
CA GLY A 579 21.69 -15.01 -28.50
C GLY A 579 21.14 -13.78 -27.82
N PRO A 580 20.51 -12.90 -28.59
CA PRO A 580 19.94 -11.68 -28.00
C PRO A 580 18.93 -12.02 -26.91
N GLY A 581 18.93 -11.21 -25.86
CA GLY A 581 18.00 -11.35 -24.77
C GLY A 581 18.70 -11.19 -23.45
N LEU A 582 18.05 -11.66 -22.39
CA LEU A 582 18.59 -11.58 -21.03
C LEU A 582 19.68 -12.63 -20.89
N VAL A 583 20.87 -12.29 -21.39
CA VAL A 583 22.04 -13.14 -21.28
C VAL A 583 23.14 -12.35 -20.60
N ASP A 584 23.74 -12.94 -19.57
CA ASP A 584 24.87 -12.37 -18.84
C ASP A 584 25.98 -13.40 -18.88
N LYS A 585 26.80 -13.34 -19.93
CA LYS A 585 27.77 -14.40 -20.18
C LYS A 585 28.76 -14.57 -19.04
N ASP A 586 28.88 -13.56 -18.17
CA ASP A 586 29.80 -13.68 -17.03
C ASP A 586 29.25 -14.63 -15.98
N ASN A 587 27.94 -14.61 -15.75
CA ASN A 587 27.32 -15.36 -14.67
C ASN A 587 26.76 -16.71 -15.11
N LEU A 588 26.90 -17.07 -16.38
CA LEU A 588 26.51 -18.41 -16.81
C LEU A 588 27.45 -19.43 -16.20
N ASP A 589 26.91 -20.58 -15.82
CA ASP A 589 27.77 -21.64 -15.30
C ASP A 589 28.77 -22.10 -16.35
N THR A 590 28.33 -22.21 -17.60
CA THR A 590 29.24 -22.57 -18.67
C THR A 590 28.61 -22.14 -20.00
N ILE A 591 29.44 -22.13 -21.03
CA ILE A 591 28.99 -21.90 -22.40
C ILE A 591 29.50 -23.07 -23.22
N LEU A 592 28.68 -24.10 -23.36
CA LEU A 592 29.07 -25.29 -24.12
C LEU A 592 29.05 -24.99 -25.60
N ILE A 593 30.09 -25.40 -26.30
CA ILE A 593 30.29 -25.01 -27.69
C ILE A 593 29.58 -26.00 -28.60
N ASP A 594 28.73 -25.47 -29.49
CA ASP A 594 28.09 -26.25 -30.54
C ASP A 594 28.63 -25.80 -31.89
N GLY A 595 28.47 -26.67 -32.89
CA GLY A 595 29.05 -26.40 -34.19
C GLY A 595 28.59 -25.08 -34.78
N ASP A 596 27.27 -24.83 -34.74
CA ASP A 596 26.70 -23.61 -35.29
C ASP A 596 26.33 -22.58 -34.25
N SER A 597 25.91 -23.02 -33.06
CA SER A 597 25.56 -22.11 -31.97
C SER A 597 26.34 -22.48 -30.73
N GLN A 598 25.97 -21.89 -29.58
CA GLN A 598 26.62 -22.20 -28.32
C GLN A 598 25.59 -22.07 -27.21
N TRP A 599 25.53 -23.08 -26.34
CA TRP A 599 24.47 -23.23 -25.36
C TRP A 599 24.94 -22.70 -24.01
N GLY A 600 24.18 -21.78 -23.43
CA GLY A 600 24.55 -21.18 -22.18
C GLY A 600 23.95 -21.88 -20.97
N VAL A 601 24.72 -22.74 -20.33
CA VAL A 601 24.25 -23.48 -19.15
C VAL A 601 24.30 -22.54 -17.97
N SER A 602 23.12 -22.10 -17.51
CA SER A 602 23.01 -21.26 -16.34
C SER A 602 23.42 -22.04 -15.09
N LYS A 603 23.57 -21.32 -13.98
CA LYS A 603 23.91 -21.93 -12.71
C LYS A 603 22.65 -22.18 -11.89
N VAL A 604 22.76 -23.06 -10.91
CA VAL A 604 21.60 -23.51 -10.15
C VAL A 604 21.04 -22.33 -9.37
N MET A 605 19.88 -21.84 -9.79
CA MET A 605 19.25 -20.71 -9.14
C MET A 605 18.41 -21.17 -7.95
N SER A 606 17.88 -20.20 -7.22
CA SER A 606 17.02 -20.49 -6.07
C SER A 606 16.14 -19.26 -5.87
N ILE A 607 14.86 -19.39 -6.16
CA ILE A 607 13.92 -18.28 -6.18
C ILE A 607 12.78 -18.60 -5.22
N ASP A 608 12.52 -17.70 -4.28
CA ASP A 608 11.46 -17.91 -3.31
C ASP A 608 10.11 -17.64 -3.97
N LEU A 609 9.03 -17.74 -3.20
CA LEU A 609 7.70 -17.56 -3.77
C LEU A 609 7.38 -16.09 -4.04
N ASN A 610 8.05 -15.15 -3.39
CA ASN A 610 7.86 -13.74 -3.70
C ASN A 610 8.57 -13.32 -4.97
N ARG A 611 9.70 -13.95 -5.29
CA ARG A 611 10.41 -13.69 -6.54
C ARG A 611 10.01 -14.66 -7.64
N LEU A 612 9.05 -15.55 -7.38
CA LEU A 612 8.51 -16.45 -8.39
C LEU A 612 7.16 -16.00 -8.91
N LEU A 613 6.34 -15.36 -8.09
CA LEU A 613 5.14 -14.71 -8.56
C LEU A 613 5.40 -13.30 -9.06
N ALA A 614 6.64 -12.82 -8.95
CA ALA A 614 7.01 -11.52 -9.47
C ALA A 614 7.61 -11.58 -10.86
N LEU A 615 8.13 -12.74 -11.27
CA LEU A 615 8.53 -12.96 -12.65
C LEU A 615 7.38 -13.48 -13.50
N ASN A 616 6.41 -14.13 -12.88
CA ASN A 616 5.22 -14.57 -13.61
C ASN A 616 4.44 -13.40 -14.17
N ILE A 617 4.59 -12.21 -13.58
CA ILE A 617 3.92 -11.01 -14.09
C ILE A 617 4.96 -9.94 -14.40
N ALA A 618 6.16 -10.37 -14.81
CA ALA A 618 7.16 -9.40 -15.24
C ALA A 618 6.66 -8.63 -16.46
N PHE A 619 6.07 -9.33 -17.42
CA PHE A 619 5.61 -8.67 -18.64
C PHE A 619 4.51 -7.67 -18.34
N GLU A 620 3.52 -8.06 -17.54
CA GLU A 620 2.42 -7.15 -17.24
C GLU A 620 2.92 -5.92 -16.49
N LYS A 621 3.79 -6.10 -15.51
CA LYS A 621 4.32 -4.96 -14.76
C LYS A 621 5.12 -4.03 -15.67
N ALA A 622 5.99 -4.60 -16.50
CA ALA A 622 6.79 -3.77 -17.41
C ALA A 622 5.90 -3.02 -18.39
N LEU A 623 4.88 -3.68 -18.94
CA LEU A 623 4.03 -3.02 -19.91
C LEU A 623 3.17 -1.94 -19.27
N ILE A 624 2.71 -2.15 -18.03
CA ILE A 624 1.94 -1.10 -17.37
C ILE A 624 2.83 0.08 -17.02
N ALA A 625 4.07 -0.17 -16.60
CA ALA A 625 4.99 0.93 -16.35
C ALA A 625 5.27 1.70 -17.63
N THR A 626 5.45 0.99 -18.74
CA THR A 626 5.68 1.68 -20.01
C THR A 626 4.46 2.47 -20.43
N ALA A 627 3.26 1.94 -20.20
CA ALA A 627 2.05 2.69 -20.50
C ALA A 627 1.96 3.96 -19.67
N THR A 628 2.32 3.88 -18.38
CA THR A 628 2.34 5.08 -17.56
C THR A 628 3.37 6.10 -18.06
N TRP A 629 4.56 5.64 -18.45
CA TRP A 629 5.56 6.55 -18.99
C TRP A 629 5.06 7.20 -20.27
N PHE A 630 4.40 6.42 -21.12
CA PHE A 630 3.80 6.95 -22.34
C PHE A 630 2.77 8.02 -22.04
N GLN A 631 1.90 7.77 -21.06
CA GLN A 631 0.90 8.76 -20.68
C GLN A 631 1.56 10.04 -20.18
N TYR A 632 2.55 9.91 -19.29
CA TYR A 632 3.20 11.10 -18.74
C TYR A 632 3.93 11.89 -19.82
N TYR A 633 4.56 11.20 -20.77
CA TYR A 633 5.19 11.89 -21.88
C TYR A 633 4.16 12.66 -22.70
N THR A 634 3.01 12.05 -22.99
CA THR A 634 2.02 12.76 -23.78
C THR A 634 1.12 13.62 -22.88
N GLU A 635 1.75 14.32 -21.93
CA GLU A 635 1.16 15.46 -21.25
C GLU A 635 2.23 16.53 -21.09
N ASP A 636 3.49 16.10 -21.14
CA ASP A 636 4.66 16.94 -20.89
C ASP A 636 5.30 17.41 -22.18
N GLN A 637 4.94 16.82 -23.31
CA GLN A 637 5.48 17.23 -24.60
C GLN A 637 4.35 17.45 -25.59
N GLY A 638 3.18 16.87 -25.34
CA GLY A 638 2.07 17.03 -26.24
C GLY A 638 2.18 16.21 -27.51
N GLN A 639 3.15 15.32 -27.60
CA GLN A 639 3.36 14.49 -28.76
C GLN A 639 3.68 13.07 -28.31
N PHE A 640 3.34 12.10 -29.16
CA PHE A 640 3.59 10.72 -28.80
C PHE A 640 5.09 10.43 -28.83
N PRO A 641 5.60 9.64 -27.89
CA PRO A 641 7.04 9.33 -27.91
C PRO A 641 7.44 8.67 -29.21
N LEU A 642 8.64 9.02 -29.68
CA LEU A 642 9.14 8.40 -30.89
C LEU A 642 9.27 6.89 -30.71
N GLN A 643 9.27 6.17 -31.83
CA GLN A 643 9.35 4.72 -31.77
C GLN A 643 10.59 4.24 -31.03
N TYR A 644 11.66 5.04 -31.00
CA TYR A 644 12.90 4.60 -30.37
C TYR A 644 12.89 4.79 -28.87
N ALA A 645 12.19 5.82 -28.37
CA ALA A 645 12.20 6.08 -26.94
C ALA A 645 11.40 5.04 -26.18
N ILE A 646 10.19 4.74 -26.66
CA ILE A 646 9.30 3.82 -25.95
C ILE A 646 9.87 2.41 -25.87
N ARG A 647 10.55 1.94 -26.90
CA ARG A 647 11.18 0.63 -26.85
C ARG A 647 12.26 0.55 -25.79
N SER A 648 13.09 1.59 -25.67
CA SER A 648 14.11 1.61 -24.62
C SER A 648 13.49 1.70 -23.24
N VAL A 649 12.42 2.49 -23.10
CA VAL A 649 11.72 2.57 -21.82
C VAL A 649 11.18 1.21 -21.43
N PHE A 650 10.55 0.51 -22.37
CA PHE A 650 10.02 -0.81 -22.10
C PHE A 650 11.13 -1.79 -21.74
N ALA A 651 12.26 -1.72 -22.45
CA ALA A 651 13.37 -2.61 -22.13
C ALA A 651 13.88 -2.35 -20.72
N ASN A 652 14.02 -1.09 -20.32
CA ASN A 652 14.48 -0.77 -18.98
C ASN A 652 13.48 -1.27 -17.93
N HIS A 653 12.19 -1.03 -18.16
CA HIS A 653 11.19 -1.47 -17.19
C HIS A 653 11.16 -2.99 -17.08
N PHE A 654 11.29 -3.69 -18.20
CA PHE A 654 11.34 -5.15 -18.16
C PHE A 654 12.56 -5.65 -17.40
N LEU A 655 13.72 -5.03 -17.66
CA LEU A 655 14.93 -5.45 -16.96
C LEU A 655 14.84 -5.16 -15.46
N LEU A 656 14.09 -4.12 -15.08
CA LEU A 656 13.90 -3.86 -13.65
C LEU A 656 12.93 -4.85 -13.04
N ALA A 657 11.83 -5.15 -13.74
CA ALA A 657 10.84 -6.08 -13.21
C ALA A 657 11.39 -7.50 -13.10
N ILE A 658 12.33 -7.85 -13.97
CA ILE A 658 12.93 -9.18 -13.90
C ILE A 658 13.90 -9.26 -12.73
N CYS A 659 14.73 -8.24 -12.54
CA CYS A 659 15.73 -8.22 -11.48
C CYS A 659 15.05 -7.78 -10.19
N GLN A 660 14.49 -8.74 -9.46
CA GLN A 660 13.81 -8.46 -8.20
C GLN A 660 14.78 -8.65 -7.03
N LYS A 661 15.77 -7.77 -6.99
CA LYS A 661 16.72 -7.71 -5.89
C LYS A 661 16.30 -6.60 -4.93
N MET A 662 16.80 -6.68 -3.70
CA MET A 662 16.55 -5.63 -2.73
C MET A 662 17.65 -4.58 -2.71
N LYS A 663 18.83 -4.89 -3.26
CA LYS A 663 19.87 -3.87 -3.36
C LYS A 663 19.52 -2.80 -4.37
N LEU A 664 18.50 -3.01 -5.21
CA LEU A 664 18.02 -2.00 -6.15
C LEU A 664 16.81 -1.23 -5.65
N CYS A 665 15.95 -1.83 -4.84
CA CYS A 665 14.82 -1.09 -4.32
C CYS A 665 15.25 -0.03 -3.33
N ALA A 666 16.33 -0.28 -2.59
CA ALA A 666 16.87 0.75 -1.70
C ALA A 666 17.35 1.96 -2.49
N ILE A 667 18.07 1.72 -3.59
CA ILE A 667 18.56 2.82 -4.40
C ILE A 667 17.41 3.63 -4.98
N PHE A 668 16.38 2.95 -5.48
CA PHE A 668 15.24 3.63 -6.07
C PHE A 668 14.33 4.24 -5.02
N ASP A 669 14.53 3.93 -3.74
CA ASP A 669 13.85 4.63 -2.67
C ASP A 669 14.61 5.87 -2.24
N ASN A 670 15.94 5.79 -2.20
CA ASN A 670 16.75 6.99 -1.95
C ASN A 670 16.61 8.00 -3.06
N LEU A 671 16.47 7.54 -4.31
CA LEU A 671 16.42 8.46 -5.43
C LEU A 671 15.20 9.36 -5.38
N ARG A 672 14.09 8.87 -4.84
CA ARG A 672 12.88 9.69 -4.78
C ARG A 672 13.06 10.91 -3.88
N TYR A 673 13.86 10.78 -2.82
CA TYR A 673 14.17 11.90 -1.96
C TYR A 673 15.39 12.67 -2.44
N LEU A 674 16.23 12.05 -3.26
CA LEU A 674 17.39 12.77 -3.81
C LEU A 674 16.99 13.74 -4.90
N ILE A 675 16.07 13.36 -5.78
CA ILE A 675 15.69 14.24 -6.88
C ILE A 675 15.12 15.56 -6.38
N PRO A 676 14.17 15.59 -5.44
CA PRO A 676 13.74 16.89 -4.89
C PRO A 676 14.85 17.62 -4.17
N ALA A 677 15.87 16.92 -3.68
CA ALA A 677 16.93 17.56 -2.91
C ALA A 677 17.89 18.35 -3.79
N VAL A 678 18.13 17.89 -5.02
CA VAL A 678 19.09 18.56 -5.90
C VAL A 678 18.43 19.55 -6.85
N THR A 679 17.09 19.63 -6.87
CA THR A 679 16.36 20.58 -7.70
C THR A 679 15.73 21.69 -6.87
N SER A 680 16.29 21.97 -5.70
CA SER A 680 15.76 22.98 -4.79
C SER A 680 16.90 23.83 -4.28
N LEU A 681 16.57 25.04 -3.83
CA LEU A 681 17.59 25.99 -3.42
C LEU A 681 18.48 25.40 -2.32
N TYR A 682 17.89 25.14 -1.15
CA TYR A 682 18.61 24.58 -0.02
C TYR A 682 17.95 23.26 0.39
N SER A 683 18.76 22.26 0.65
CA SER A 683 18.26 20.94 1.02
C SER A 683 19.36 20.22 1.78
N GLY A 684 19.06 18.98 2.18
CA GLY A 684 20.02 18.18 2.91
C GLY A 684 20.67 17.13 2.04
N PHE A 685 21.03 17.51 0.81
CA PHE A 685 21.52 16.51 -0.13
C PHE A 685 22.82 15.82 0.30
N PRO A 686 23.74 16.43 1.05
CA PRO A 686 24.93 15.67 1.45
C PRO A 686 24.59 14.44 2.26
N SER A 687 23.59 14.53 3.14
CA SER A 687 23.23 13.38 3.96
C SER A 687 22.60 12.28 3.12
N LEU A 688 21.72 12.64 2.19
CA LEU A 688 21.10 11.64 1.33
C LEU A 688 22.14 10.99 0.42
N ILE A 689 23.08 11.78 -0.10
CA ILE A 689 24.13 11.22 -0.94
C ILE A 689 24.98 10.24 -0.12
N GLU A 690 25.36 10.63 1.09
CA GLU A 690 26.14 9.73 1.93
C GLU A 690 25.36 8.47 2.27
N LYS A 691 24.04 8.58 2.42
CA LYS A 691 23.21 7.39 2.59
C LYS A 691 23.28 6.51 1.36
N LEU A 692 23.33 7.12 0.17
CA LEU A 692 23.36 6.35 -1.06
C LEU A 692 24.52 5.36 -1.11
N PHE A 693 25.61 5.66 -0.39
CA PHE A 693 26.80 4.82 -0.39
C PHE A 693 26.88 3.89 0.81
N GLU A 694 25.82 3.80 1.61
CA GLU A 694 25.85 2.94 2.78
C GLU A 694 25.80 1.46 2.44
N ARG A 695 25.55 1.11 1.19
CA ARG A 695 25.32 -0.26 0.76
C ARG A 695 26.43 -0.75 -0.15
N PRO A 696 26.65 -2.06 -0.22
CA PRO A 696 27.56 -2.60 -1.22
C PRO A 696 27.01 -2.46 -2.62
N PHE A 697 27.90 -2.29 -3.59
CA PHE A 697 27.55 -2.27 -5.00
C PHE A 697 28.17 -3.49 -5.65
N LYS A 698 27.42 -4.58 -5.71
CA LYS A 698 27.97 -5.89 -6.05
C LYS A 698 27.76 -6.30 -7.49
N SER A 699 26.52 -6.31 -7.98
CA SER A 699 26.28 -6.73 -9.36
C SER A 699 26.51 -5.56 -10.31
N SER A 700 26.36 -5.81 -11.62
CA SER A 700 26.61 -4.79 -12.62
C SER A 700 25.38 -3.95 -12.92
N LEU A 701 24.25 -4.21 -12.27
CA LEU A 701 23.05 -3.40 -12.41
C LEU A 701 22.91 -2.39 -11.27
N GLU A 702 23.80 -2.43 -10.28
CA GLU A 702 23.89 -1.36 -9.30
C GLU A 702 24.99 -0.37 -9.62
N VAL A 703 26.04 -0.79 -10.33
CA VAL A 703 27.06 0.13 -10.82
C VAL A 703 26.59 0.89 -12.06
N TYR A 704 25.51 0.45 -12.70
CA TYR A 704 24.91 1.15 -13.83
C TYR A 704 23.71 1.99 -13.41
N ILE A 705 22.88 1.49 -12.51
CA ILE A 705 21.80 2.30 -11.97
C ILE A 705 22.35 3.42 -11.09
N TYR A 706 23.57 3.27 -10.58
CA TYR A 706 24.20 4.33 -9.80
C TYR A 706 24.83 5.37 -10.72
N TYR A 707 25.75 4.93 -11.59
CA TYR A 707 26.34 5.82 -12.59
C TYR A 707 25.28 6.71 -13.22
N ASN A 708 24.15 6.13 -13.59
CA ASN A 708 23.04 6.92 -14.11
C ASN A 708 22.54 7.91 -13.07
N ILE A 709 22.42 7.47 -11.81
CA ILE A 709 21.96 8.36 -10.76
C ILE A 709 22.96 9.48 -10.54
N LYS A 710 24.26 9.15 -10.52
CA LYS A 710 25.27 10.18 -10.37
C LYS A 710 25.16 11.22 -11.48
N SER A 711 25.09 10.77 -12.73
CA SER A 711 25.00 11.71 -13.85
C SER A 711 23.75 12.56 -13.75
N LEU A 712 22.60 11.94 -13.47
CA LEU A 712 21.35 12.68 -13.41
C LEU A 712 21.39 13.74 -12.31
N LEU A 713 21.90 13.38 -11.13
CA LEU A 713 21.88 14.32 -10.02
C LEU A 713 22.89 15.45 -10.24
N VAL A 714 24.08 15.12 -10.74
CA VAL A 714 25.05 16.17 -11.02
C VAL A 714 24.55 17.10 -12.12
N ALA A 715 23.77 16.59 -13.06
CA ALA A 715 23.21 17.45 -14.10
C ALA A 715 22.04 18.28 -13.60
N LEU A 716 21.23 17.73 -12.69
CA LEU A 716 20.12 18.49 -12.14
C LEU A 716 20.61 19.57 -11.20
N ALA A 717 21.75 19.36 -10.54
CA ALA A 717 22.32 20.36 -9.65
C ALA A 717 23.11 21.42 -10.39
N GLN A 718 22.96 21.54 -11.70
CA GLN A 718 23.65 22.55 -12.49
C GLN A 718 22.70 23.52 -13.16
N ASN A 719 21.67 23.03 -13.84
CA ASN A 719 20.67 23.93 -14.42
C ASN A 719 19.96 24.74 -13.35
N ASN A 720 19.94 24.25 -12.11
CA ASN A 720 19.38 24.99 -10.99
C ASN A 720 19.98 26.39 -10.91
N VAL A 745 13.84 22.85 -17.81
CA VAL A 745 14.09 21.53 -18.38
C VAL A 745 14.76 20.63 -17.36
N TYR A 746 14.23 19.42 -17.21
CA TYR A 746 14.74 18.44 -16.26
C TYR A 746 15.19 17.19 -17.01
N PRO A 747 16.48 16.86 -17.02
CA PRO A 747 16.93 15.70 -17.79
C PRO A 747 16.21 14.43 -17.38
N SER A 748 15.95 13.58 -18.36
CA SER A 748 15.28 12.31 -18.11
C SER A 748 16.23 11.32 -17.45
N PHE A 749 15.66 10.24 -16.95
CA PHE A 749 16.41 9.21 -16.24
C PHE A 749 16.71 7.99 -17.10
N MET A 750 15.68 7.40 -17.71
CA MET A 750 15.84 6.18 -18.50
C MET A 750 16.20 6.48 -19.95
N SER A 751 15.41 7.29 -20.62
CA SER A 751 15.60 7.57 -22.04
C SER A 751 16.58 8.73 -22.21
N ARG A 752 16.70 9.23 -23.45
CA ARG A 752 17.58 10.35 -23.77
C ARG A 752 16.83 11.66 -23.89
N ILE A 753 15.53 11.67 -23.55
CA ILE A 753 14.68 12.84 -23.76
C ILE A 753 14.86 13.84 -22.62
N VAL A 754 14.32 15.05 -22.82
CA VAL A 754 14.36 16.11 -21.83
C VAL A 754 12.94 16.57 -21.57
N TYR A 755 12.60 16.75 -20.31
CA TYR A 755 11.24 17.08 -19.90
C TYR A 755 11.07 18.59 -19.75
N LYS A 756 9.81 19.00 -19.58
CA LYS A 756 9.47 20.40 -19.37
C LYS A 756 8.70 20.60 -18.08
N HIS A 757 8.72 19.59 -17.20
CA HIS A 757 8.03 19.67 -15.92
C HIS A 757 8.76 18.75 -14.95
N TYR A 758 8.61 19.04 -13.65
CA TYR A 758 9.21 18.23 -12.60
C TYR A 758 8.40 16.96 -12.36
N ARG A 759 7.09 17.05 -12.56
CA ARG A 759 6.18 15.93 -12.33
C ARG A 759 6.59 14.72 -13.15
N SER A 760 6.92 14.93 -14.43
CA SER A 760 7.31 13.80 -15.28
C SER A 760 8.57 13.13 -14.74
N LEU A 761 9.57 13.93 -14.36
CA LEU A 761 10.83 13.37 -13.90
C LEU A 761 10.65 12.59 -12.62
N ILE A 762 9.87 13.12 -11.67
CA ILE A 762 9.68 12.38 -10.43
C ILE A 762 8.82 11.15 -10.66
N SER A 763 7.86 11.21 -11.59
CA SER A 763 7.03 10.05 -11.86
C SER A 763 7.83 8.93 -12.51
N GLU A 764 8.84 9.27 -13.31
CA GLU A 764 9.71 8.24 -13.87
C GLU A 764 10.30 7.36 -12.78
N VAL A 765 10.95 8.00 -11.80
CA VAL A 765 11.58 7.24 -10.72
C VAL A 765 10.55 6.59 -9.81
N THR A 766 9.42 7.22 -9.57
CA THR A 766 8.39 6.58 -8.77
C THR A 766 7.92 5.27 -9.42
N THR A 767 7.64 5.32 -10.72
CA THR A 767 7.21 4.11 -11.43
C THR A 767 8.31 3.07 -11.42
N CYS A 768 9.56 3.46 -11.68
CA CYS A 768 10.66 2.52 -11.60
C CYS A 768 10.80 1.92 -10.21
N PHE A 769 10.38 2.64 -9.17
CA PHE A 769 10.43 2.18 -7.80
C PHE A 769 9.32 1.18 -7.47
N PHE A 770 8.12 1.36 -8.03
CA PHE A 770 7.03 0.43 -7.74
C PHE A 770 7.13 -0.89 -8.50
N LEU A 771 8.06 -1.03 -9.45
CA LEU A 771 8.22 -2.30 -10.13
C LEU A 771 8.90 -3.35 -9.27
N PHE A 772 9.20 -3.05 -8.01
CA PHE A 772 9.80 -4.00 -7.09
C PHE A 772 8.75 -4.48 -6.09
N GLU A 773 8.87 -5.74 -5.70
CA GLU A 773 7.87 -6.34 -4.83
C GLU A 773 8.02 -5.86 -3.40
N LYS A 774 6.91 -5.86 -2.67
CA LYS A 774 6.90 -5.50 -1.26
C LYS A 774 7.45 -6.65 -0.46
N GLY A 775 8.50 -6.41 0.32
CA GLY A 775 9.04 -7.43 1.19
C GLY A 775 10.06 -8.34 0.54
N LEU A 776 11.14 -7.75 0.02
CA LEU A 776 12.28 -8.51 -0.49
C LEU A 776 13.41 -8.57 0.53
N HIS A 777 13.15 -8.13 1.76
CA HIS A 777 14.22 -7.88 2.72
C HIS A 777 14.88 -9.17 3.18
N GLY A 778 14.09 -10.15 3.60
CA GLY A 778 14.55 -11.20 4.47
C GLY A 778 13.95 -11.01 5.84
N ASN A 779 13.40 -12.06 6.44
CA ASN A 779 12.49 -11.90 7.56
C ASN A 779 13.18 -11.42 8.83
N MET A 780 14.09 -12.24 9.37
CA MET A 780 14.57 -11.96 10.72
C MET A 780 15.44 -10.71 10.78
N ASN A 781 16.22 -10.41 9.75
CA ASN A 781 17.01 -9.19 9.80
C ASN A 781 16.12 -7.97 9.95
N GLU A 782 15.05 -7.89 9.17
CA GLU A 782 14.14 -6.76 9.28
C GLU A 782 13.41 -6.76 10.61
N GLU A 783 13.03 -7.93 11.11
CA GLU A 783 12.37 -7.96 12.42
C GLU A 783 13.29 -7.42 13.51
N ALA A 784 14.56 -7.83 13.48
CA ALA A 784 15.52 -7.32 14.44
C ALA A 784 15.73 -5.82 14.27
N LYS A 785 15.82 -5.34 13.04
CA LYS A 785 16.00 -3.91 12.82
C LYS A 785 14.80 -3.14 13.35
N ILE A 786 13.59 -3.70 13.20
CA ILE A 786 12.40 -3.08 13.76
C ILE A 786 12.51 -2.98 15.27
N HIS A 787 12.94 -4.05 15.92
CA HIS A 787 13.04 -4.05 17.38
C HIS A 787 14.09 -3.06 17.89
N LEU A 788 15.24 -2.99 17.19
CA LEU A 788 16.36 -2.20 17.70
C LEU A 788 16.03 -0.72 17.81
N GLU A 789 15.28 -0.18 16.86
CA GLU A 789 14.96 1.25 16.95
C GLU A 789 14.23 1.57 18.24
N THR A 790 13.17 0.82 18.53
CA THR A 790 12.37 1.08 19.72
C THR A 790 13.15 0.79 20.98
N VAL A 791 14.04 -0.20 20.96
CA VAL A 791 14.84 -0.48 22.15
C VAL A 791 15.85 0.64 22.39
N GLU A 792 16.50 1.11 21.34
CA GLU A 792 17.56 2.10 21.50
C GLU A 792 17.00 3.46 21.90
N TRP A 793 15.87 3.86 21.30
CA TRP A 793 15.29 5.12 21.72
C TRP A 793 14.85 5.10 23.19
N ALA A 794 14.28 3.99 23.65
CA ALA A 794 13.93 3.83 25.07
C ALA A 794 15.14 3.83 25.99
N LEU A 795 16.23 3.17 25.59
CA LEU A 795 17.45 3.23 26.39
C LEU A 795 17.99 4.65 26.45
N LYS A 796 17.88 5.39 25.35
CA LYS A 796 18.28 6.80 25.35
C LYS A 796 17.39 7.62 26.28
N PHE A 797 16.09 7.32 26.30
CA PHE A 797 15.19 7.99 27.23
C PHE A 797 15.58 7.72 28.67
N ARG A 798 15.93 6.48 28.99
CA ARG A 798 16.40 6.18 30.33
C ARG A 798 17.70 6.93 30.65
N GLU A 799 18.60 7.01 29.68
CA GLU A 799 19.82 7.77 29.89
C GLU A 799 19.51 9.23 30.18
N LYS A 800 18.51 9.79 29.48
CA LYS A 800 18.10 11.17 29.75
C LYS A 800 17.44 11.30 31.12
N GLU A 801 16.80 10.24 31.60
CA GLU A 801 16.26 10.27 32.96
C GLU A 801 17.36 10.18 34.02
N GLU A 802 18.46 9.48 33.73
CA GLU A 802 19.55 9.43 34.69
C GLU A 802 20.16 10.80 34.91
N LYS A 803 20.36 11.57 33.83
CA LYS A 803 20.83 12.95 33.92
C LYS A 803 19.62 13.85 34.11
N TYR A 804 19.55 14.56 35.23
CA TYR A 804 18.36 15.30 35.61
C TYR A 804 17.26 14.32 35.99
N GLY A 805 16.50 14.64 37.02
CA GLY A 805 15.60 13.66 37.61
C GLY A 805 14.48 13.26 36.67
N GLU A 806 13.76 12.22 37.09
CA GLU A 806 12.59 11.75 36.34
C GLU A 806 11.43 12.73 36.42
N SER A 807 11.49 13.71 37.32
CA SER A 807 10.47 14.74 37.40
C SER A 807 10.70 15.88 36.43
N LEU A 808 11.84 15.87 35.72
CA LEU A 808 12.12 16.85 34.68
C LEU A 808 11.78 16.32 33.30
N VAL A 809 12.06 15.04 33.04
CA VAL A 809 11.70 14.45 31.76
C VAL A 809 10.18 14.29 31.66
N GLU A 810 9.55 13.86 32.74
CA GLU A 810 8.10 13.62 32.71
C GLU A 810 7.31 14.92 32.71
N ASN A 811 7.70 15.88 33.53
CA ASN A 811 6.98 17.14 33.65
C ASN A 811 7.60 18.28 32.86
N GLY A 812 8.70 18.03 32.16
CA GLY A 812 9.34 19.06 31.37
C GLY A 812 10.15 20.01 32.23
N TYR A 813 10.90 20.87 31.55
CA TYR A 813 11.79 21.83 32.21
C TYR A 813 11.23 23.23 32.05
N MET A 814 11.20 23.98 33.15
CA MET A 814 10.76 25.37 33.09
C MET A 814 11.70 26.17 32.19
N MET A 815 11.20 27.30 31.69
CA MET A 815 12.02 28.14 30.83
C MET A 815 13.25 28.66 31.59
N TRP A 816 13.07 29.08 32.84
CA TRP A 816 14.18 29.66 33.59
C TRP A 816 15.35 28.70 33.70
N GLU A 817 15.10 27.39 33.65
CA GLU A 817 16.17 26.40 33.69
C GLU A 817 16.60 25.96 32.29
N LEU A 818 16.02 26.52 31.23
CA LEU A 818 16.54 26.34 29.89
C LEU A 818 17.57 27.40 29.55
N ARG A 819 17.29 28.66 29.90
CA ARG A 819 18.25 29.73 29.67
C ARG A 819 19.53 29.52 30.48
N ALA A 820 19.42 28.92 31.67
CA ALA A 820 20.61 28.63 32.46
C ALA A 820 21.46 27.54 31.82
N ASN A 821 20.85 26.63 31.06
CA ASN A 821 21.55 25.53 30.42
C ASN A 821 21.57 25.65 28.91
N ALA A 822 20.40 25.77 28.28
CA ALA A 822 20.28 25.94 26.84
C ALA A 822 20.59 24.64 26.09
N GLU A 823 21.06 23.62 26.80
CA GLU A 823 21.28 22.30 26.23
C GLU A 823 20.12 21.35 26.51
N LEU A 824 19.17 21.75 27.35
CA LEU A 824 18.01 20.92 27.60
C LEU A 824 17.11 20.81 26.39
N ALA A 825 17.23 21.72 25.42
CA ALA A 825 16.38 21.73 24.23
C ALA A 825 16.83 20.59 23.31
N GLU A 826 16.54 19.38 23.74
CA GLU A 826 16.78 18.18 22.98
C GLU A 826 15.47 17.46 22.72
N GLN A 827 15.51 16.49 21.82
CA GLN A 827 14.35 15.64 21.60
C GLN A 827 14.16 14.72 22.80
N GLN A 828 12.89 14.42 23.09
CA GLN A 828 12.43 13.68 24.27
C GLN A 828 12.32 14.57 25.50
N LEU A 829 12.71 15.84 25.41
CA LEU A 829 12.53 16.80 26.50
C LEU A 829 11.71 17.98 25.96
N TYR A 830 10.69 18.38 26.71
CA TYR A 830 9.77 19.42 26.30
C TYR A 830 9.68 20.48 27.38
N CYS A 831 9.65 21.74 26.96
CA CYS A 831 9.46 22.83 27.91
C CYS A 831 8.02 22.80 28.41
N GLN A 832 7.78 23.50 29.53
CA GLN A 832 6.44 23.66 30.06
C GLN A 832 5.79 24.94 29.54
N ASP A 833 6.52 26.05 29.62
CA ASP A 833 5.98 27.32 29.15
C ASP A 833 5.70 27.26 27.66
N ALA A 834 6.57 26.60 26.89
CA ALA A 834 6.33 26.51 25.45
C ALA A 834 5.02 25.78 25.16
N ILE A 835 4.77 24.67 25.86
CA ILE A 835 3.55 23.90 25.61
C ILE A 835 2.32 24.70 26.04
N GLU A 836 2.39 25.35 27.19
CA GLU A 836 1.25 26.15 27.63
C GLU A 836 0.98 27.29 26.65
N LEU A 837 2.03 27.93 26.14
CA LEU A 837 1.84 29.02 25.20
C LEU A 837 1.30 28.52 23.86
N ALA A 838 1.72 27.34 23.42
CA ALA A 838 1.17 26.76 22.20
C ALA A 838 -0.32 26.48 22.36
N ALA A 839 -0.72 25.92 23.49
CA ALA A 839 -2.14 25.70 23.75
C ALA A 839 -2.89 27.02 23.76
N ILE A 840 -2.31 28.05 24.40
CA ILE A 840 -2.97 29.35 24.44
C ILE A 840 -3.11 29.92 23.02
N GLU A 841 -2.12 29.68 22.17
CA GLU A 841 -2.17 30.20 20.81
C GLU A 841 -3.26 29.52 20.00
N LEU A 842 -3.40 28.21 20.13
CA LEU A 842 -4.57 27.57 19.52
C LEU A 842 -5.88 28.07 20.12
N ASN A 843 -5.89 28.44 21.40
CA ASN A 843 -7.11 28.89 22.06
C ASN A 843 -7.59 30.24 21.53
N LYS A 844 -6.84 30.89 20.64
CA LYS A 844 -7.31 32.10 19.98
C LYS A 844 -8.15 31.81 18.75
N VAL A 845 -8.17 30.57 18.28
CA VAL A 845 -8.99 30.18 17.14
C VAL A 845 -9.99 29.12 17.58
N LEU A 846 -9.71 28.46 18.72
CA LEU A 846 -10.68 27.56 19.34
C LEU A 846 -11.56 28.27 20.36
N ALA A 847 -11.40 29.58 20.54
CA ALA A 847 -12.25 30.35 21.43
C ALA A 847 -13.29 31.18 20.69
N THR A 848 -13.07 31.48 19.41
CA THR A 848 -14.10 32.03 18.55
C THR A 848 -14.93 30.93 17.92
N LYS A 849 -14.66 29.68 18.29
CA LYS A 849 -15.28 28.52 17.68
C LYS A 849 -15.67 27.56 18.80
N SER A 850 -16.19 28.10 19.90
CA SER A 850 -16.39 27.33 21.12
C SER A 850 -17.57 26.37 20.97
N SER A 851 -18.73 26.89 20.55
CA SER A 851 -19.91 26.05 20.46
C SER A 851 -19.72 24.93 19.43
N VAL A 852 -19.10 25.23 18.30
CA VAL A 852 -18.88 24.20 17.28
C VAL A 852 -17.95 23.13 17.82
N VAL A 853 -16.89 23.52 18.52
CA VAL A 853 -15.95 22.54 19.06
C VAL A 853 -16.62 21.66 20.11
N ALA A 854 -17.40 22.27 21.00
CA ALA A 854 -18.09 21.49 22.02
C ALA A 854 -19.08 20.52 21.39
N ASN A 855 -19.82 20.99 20.38
CA ASN A 855 -20.78 20.11 19.72
C ASN A 855 -20.07 18.97 18.99
N SER A 856 -18.91 19.25 18.39
CA SER A 856 -18.16 18.20 17.73
C SER A 856 -17.64 17.17 18.71
N ILE A 857 -17.15 17.62 19.88
CA ILE A 857 -16.64 16.69 20.87
C ILE A 857 -17.78 15.82 21.42
N LEU A 858 -18.93 16.42 21.71
CA LEU A 858 -20.05 15.64 22.20
C LEU A 858 -20.62 14.74 21.11
N SER A 859 -20.45 15.11 19.85
CA SER A 859 -20.95 14.28 18.75
C SER A 859 -20.29 12.91 18.75
N LYS A 860 -19.00 12.86 19.05
CA LYS A 860 -18.37 11.57 19.31
C LYS A 860 -19.14 10.86 20.41
N ASN A 861 -19.42 9.58 20.21
CA ASN A 861 -20.27 8.81 21.10
C ASN A 861 -19.41 8.17 22.17
N TRP A 862 -19.45 8.73 23.38
CA TRP A 862 -18.79 8.13 24.53
C TRP A 862 -19.70 7.13 25.23
N GLU A 863 -20.97 7.49 25.41
CA GLU A 863 -21.91 6.58 26.07
C GLU A 863 -22.16 5.32 25.25
N GLU A 864 -21.97 5.38 23.94
CA GLU A 864 -22.25 4.22 23.10
C GLU A 864 -21.40 3.05 23.57
N PRO A 865 -21.99 1.87 23.79
CA PRO A 865 -21.22 0.76 24.37
C PRO A 865 -20.02 0.39 23.52
N TYR A 866 -18.92 0.11 24.19
CA TYR A 866 -17.78 -0.51 23.54
C TYR A 866 -18.18 -1.90 23.04
N PHE A 867 -17.43 -2.41 22.07
CA PHE A 867 -17.66 -3.71 21.44
C PHE A 867 -18.90 -3.73 20.55
N SER A 868 -19.70 -2.65 20.54
CA SER A 868 -20.83 -2.53 19.64
C SER A 868 -20.51 -1.62 18.46
N GLN A 869 -19.24 -1.34 18.23
CA GLN A 869 -18.78 -0.52 17.12
C GLN A 869 -17.87 -1.36 16.24
N THR A 870 -17.95 -1.14 14.93
CA THR A 870 -17.25 -2.00 13.98
C THR A 870 -15.76 -2.06 14.30
N ARG A 871 -15.20 -0.99 14.86
CA ARG A 871 -13.75 -0.93 15.04
C ARG A 871 -13.26 -1.82 16.17
N ASN A 872 -14.10 -2.09 17.18
CA ASN A 872 -13.70 -2.93 18.28
C ASN A 872 -14.03 -4.41 18.08
N ILE A 873 -14.84 -4.73 17.07
CA ILE A 873 -15.17 -6.11 16.76
C ILE A 873 -14.67 -6.44 15.36
N SER A 874 -13.59 -5.77 14.95
CA SER A 874 -13.01 -5.98 13.63
C SER A 874 -12.13 -7.22 13.65
N LEU A 875 -11.35 -7.42 12.58
CA LEU A 875 -10.44 -8.55 12.47
C LEU A 875 -8.99 -8.14 12.59
N LYS A 876 -8.71 -6.88 12.92
CA LYS A 876 -7.34 -6.43 13.02
C LYS A 876 -6.65 -7.07 14.22
N GLY A 877 -5.32 -7.06 14.19
CA GLY A 877 -4.56 -7.68 15.25
C GLY A 877 -4.72 -6.98 16.58
N MET A 878 -4.44 -7.72 17.65
CA MET A 878 -4.54 -7.21 19.00
C MET A 878 -3.87 -8.22 19.92
N SER A 879 -3.08 -7.72 20.86
CA SER A 879 -2.37 -8.61 21.77
C SER A 879 -3.36 -9.27 22.72
N GLY A 880 -2.98 -10.45 23.21
CA GLY A 880 -3.82 -11.19 24.12
C GLY A 880 -3.42 -10.99 25.56
N GLN A 881 -3.08 -12.07 26.25
CA GLN A 881 -2.70 -12.01 27.65
C GLN A 881 -1.36 -12.69 27.83
N VAL A 882 -0.58 -12.19 28.80
CA VAL A 882 0.73 -12.76 29.06
C VAL A 882 0.58 -14.24 29.39
N GLN A 883 1.16 -15.08 28.56
CA GLN A 883 1.00 -16.53 28.70
C GLN A 883 2.00 -17.06 29.71
N GLU A 884 2.09 -18.40 29.79
CA GLU A 884 3.00 -19.00 30.76
C GLU A 884 4.45 -18.87 30.33
N ASP A 885 4.73 -19.03 29.04
CA ASP A 885 6.10 -18.93 28.53
C ASP A 885 6.65 -17.51 28.63
N GLY A 886 5.80 -16.53 28.91
CA GLY A 886 6.22 -15.15 29.06
C GLY A 886 5.91 -14.26 27.87
N HIS A 887 5.60 -14.84 26.71
CA HIS A 887 5.32 -14.04 25.54
C HIS A 887 3.87 -13.56 25.55
N LEU A 888 3.63 -12.47 24.83
CA LEU A 888 2.31 -11.87 24.73
C LEU A 888 1.59 -12.48 23.53
N SER A 889 0.50 -13.20 23.80
CA SER A 889 -0.21 -13.91 22.75
C SER A 889 -0.88 -12.94 21.79
N SER A 890 -0.91 -13.32 20.52
CA SER A 890 -1.59 -12.56 19.49
C SER A 890 -3.05 -13.01 19.38
N SER A 891 -3.85 -12.16 18.76
CA SER A 891 -5.25 -12.49 18.47
C SER A 891 -5.79 -11.38 17.59
N VAL A 892 -7.09 -11.43 17.28
CA VAL A 892 -7.75 -10.34 16.60
C VAL A 892 -8.81 -9.76 17.53
N THR A 893 -9.26 -8.55 17.22
CA THR A 893 -10.09 -7.82 18.16
C THR A 893 -11.36 -8.57 18.53
N ILE A 894 -11.88 -9.40 17.62
CA ILE A 894 -13.17 -10.03 17.86
C ILE A 894 -13.07 -11.07 18.97
N ILE A 895 -11.99 -11.86 19.00
CA ILE A 895 -11.82 -12.82 20.08
C ILE A 895 -11.67 -12.11 21.41
N GLU A 896 -10.96 -10.98 21.44
CA GLU A 896 -10.82 -10.24 22.69
C GLU A 896 -12.16 -9.70 23.16
N ALA A 897 -12.97 -9.18 22.24
CA ALA A 897 -14.30 -8.72 22.61
C ALA A 897 -15.14 -9.86 23.16
N ILE A 898 -15.08 -11.02 22.53
CA ILE A 898 -15.82 -12.18 23.02
C ILE A 898 -15.35 -12.56 24.42
N ARG A 899 -14.03 -12.55 24.64
CA ARG A 899 -13.50 -12.91 25.95
C ARG A 899 -13.99 -11.96 27.02
N TYR A 900 -13.89 -10.65 26.75
CA TYR A 900 -14.31 -9.68 27.76
C TYR A 900 -15.81 -9.82 28.04
N LEU A 901 -16.62 -10.00 27.00
CA LEU A 901 -18.06 -10.13 27.21
C LEU A 901 -18.38 -11.40 28.00
N SER A 902 -17.67 -12.50 27.72
CA SER A 902 -17.90 -13.73 28.45
C SER A 902 -17.53 -13.59 29.92
N ASN A 903 -16.42 -12.89 30.21
CA ASN A 903 -15.98 -12.73 31.59
C ASN A 903 -16.69 -11.60 32.32
N SER A 904 -17.53 -10.82 31.65
CA SER A 904 -18.21 -9.69 32.26
C SER A 904 -19.71 -9.79 32.03
N ARG A 905 -20.47 -9.15 32.92
CA ARG A 905 -21.93 -9.19 32.88
C ARG A 905 -22.54 -7.93 32.29
N HIS A 906 -21.74 -7.10 31.61
CA HIS A 906 -22.26 -5.88 31.00
C HIS A 906 -21.47 -5.57 29.74
N ASN A 907 -22.04 -4.71 28.91
CA ASN A 907 -21.38 -4.20 27.72
C ASN A 907 -21.13 -2.71 27.93
N PRO A 908 -19.95 -2.31 28.40
CA PRO A 908 -19.77 -0.97 28.96
C PRO A 908 -19.39 0.09 27.92
N SER A 909 -19.65 1.34 28.29
CA SER A 909 -19.29 2.46 27.46
C SER A 909 -17.76 2.57 27.34
N LEU A 910 -17.31 3.50 26.51
CA LEU A 910 -15.88 3.69 26.33
C LEU A 910 -15.23 4.21 27.60
N LEU A 911 -15.92 5.10 28.32
CA LEU A 911 -15.34 5.66 29.54
C LEU A 911 -15.37 4.65 30.67
N LYS A 912 -16.48 3.91 30.82
CA LYS A 912 -16.58 2.94 31.91
C LYS A 912 -15.72 1.71 31.68
N LEU A 913 -15.30 1.45 30.45
CA LEU A 913 -14.32 0.39 30.21
C LEU A 913 -12.91 0.85 30.50
N TYR A 914 -12.68 2.15 30.62
CA TYR A 914 -11.35 2.64 30.94
C TYR A 914 -11.06 2.51 32.43
N GLU A 915 -11.99 2.96 33.28
CA GLU A 915 -11.76 2.88 34.72
C GLU A 915 -11.70 1.45 35.21
N GLU A 916 -12.24 0.50 34.46
CA GLU A 916 -12.08 -0.91 34.82
C GLU A 916 -10.67 -1.39 34.52
N THR A 917 -10.12 -1.00 33.37
CA THR A 917 -8.76 -1.38 32.97
C THR A 917 -7.75 -0.28 33.20
N ARG A 918 -8.11 0.77 33.94
CA ARG A 918 -7.15 1.82 34.25
C ARG A 918 -5.93 1.28 34.96
N GLU A 919 -6.10 0.22 35.75
CA GLU A 919 -4.99 -0.33 36.52
C GLU A 919 -4.02 -1.13 35.67
N GLN A 920 -4.52 -1.80 34.64
CA GLN A 920 -3.66 -2.66 33.82
C GLN A 920 -2.64 -1.83 33.06
N LYS A 921 -1.39 -2.30 33.07
CA LYS A 921 -0.32 -1.62 32.36
C LYS A 921 -0.44 -1.87 30.86
N ALA A 922 -0.28 -0.79 30.09
CA ALA A 922 -0.30 -0.92 28.64
C ALA A 922 0.80 -1.88 28.19
N MET A 923 0.44 -2.81 27.31
CA MET A 923 1.39 -3.76 26.76
C MET A 923 1.31 -3.72 25.24
N ALA A 924 2.42 -3.98 24.58
CA ALA A 924 2.48 -3.89 23.13
C ALA A 924 3.57 -4.79 22.60
N ARG A 925 3.35 -5.32 21.41
CA ARG A 925 4.37 -6.01 20.65
C ARG A 925 4.37 -5.44 19.24
N ILE A 926 5.32 -5.88 18.42
CA ILE A 926 5.53 -5.29 17.11
C ILE A 926 5.61 -6.39 16.07
N VAL A 927 4.85 -6.23 14.99
CA VAL A 927 4.82 -7.18 13.88
C VAL A 927 5.29 -6.45 12.63
N ARG A 928 6.19 -7.10 11.88
CA ARG A 928 6.74 -6.45 10.71
C ARG A 928 5.63 -6.03 9.74
N LYS A 929 5.71 -4.79 9.27
CA LYS A 929 4.82 -4.27 8.24
C LYS A 929 5.53 -4.44 6.91
N TYR A 930 5.13 -5.44 6.15
CA TYR A 930 5.83 -5.77 4.90
C TYR A 930 5.65 -4.63 3.92
N GLN A 931 6.71 -3.84 3.75
CA GLN A 931 6.70 -2.67 2.89
C GLN A 931 7.89 -2.76 1.94
N ARG A 932 7.98 -1.78 1.04
CA ARG A 932 9.01 -1.72 0.00
C ARG A 932 9.87 -0.50 0.26
N THR A 933 10.84 -0.65 1.15
CA THR A 933 11.79 0.40 1.50
C THR A 933 12.99 -0.26 2.16
N GLU A 934 14.08 0.48 2.26
CA GLU A 934 15.16 0.07 3.13
C GLU A 934 14.73 0.26 4.58
N ALA A 935 15.14 -0.66 5.45
CA ALA A 935 14.82 -0.61 6.88
C ALA A 935 13.30 -0.61 7.08
N ASP A 936 12.71 -1.76 6.74
CA ASP A 936 11.26 -1.93 6.82
C ASP A 936 10.71 -1.40 8.14
N ARG A 937 9.45 -0.96 8.09
CA ARG A 937 8.77 -0.42 9.25
C ARG A 937 8.10 -1.54 10.04
N GLY A 938 7.46 -1.21 11.16
CA GLY A 938 6.81 -2.19 11.99
C GLY A 938 5.53 -1.69 12.61
N PHE A 939 4.45 -2.46 12.44
CA PHE A 939 3.17 -2.10 13.01
C PHE A 939 3.12 -2.54 14.48
N PHE A 940 2.45 -1.76 15.31
CA PHE A 940 2.38 -2.01 16.74
C PHE A 940 1.02 -2.59 17.10
N ILE A 941 1.02 -3.73 17.77
CA ILE A 941 -0.20 -4.40 18.21
C ILE A 941 -0.27 -4.27 19.72
N THR A 942 -1.38 -3.72 20.21
CA THR A 942 -1.55 -3.35 21.61
C THR A 942 -2.74 -4.09 22.21
N THR A 943 -2.67 -4.31 23.52
CA THR A 943 -3.72 -5.04 24.22
C THR A 943 -5.02 -4.24 24.21
N LEU A 944 -6.06 -4.82 24.84
CA LEU A 944 -7.35 -4.14 24.87
C LEU A 944 -7.32 -2.87 25.71
N PRO A 945 -6.78 -2.86 26.93
CA PRO A 945 -6.75 -1.60 27.69
C PRO A 945 -6.01 -0.48 26.98
N THR A 946 -4.87 -0.79 26.35
CA THR A 946 -4.14 0.23 25.61
C THR A 946 -4.97 0.76 24.46
N ARG A 947 -5.69 -0.13 23.76
CA ARG A 947 -6.56 0.30 22.68
C ARG A 947 -7.66 1.20 23.21
N CYS A 948 -8.21 0.88 24.38
CA CYS A 948 -9.26 1.73 24.96
C CYS A 948 -8.73 3.12 25.29
N ARG A 949 -7.54 3.19 25.89
CA ARG A 949 -6.97 4.49 26.22
C ARG A 949 -6.69 5.30 24.96
N LEU A 950 -6.10 4.67 23.95
CA LEU A 950 -5.81 5.39 22.72
C LEU A 950 -7.08 5.83 22.03
N GLU A 951 -8.13 5.02 22.10
CA GLU A 951 -9.41 5.43 21.53
C GLU A 951 -9.96 6.64 22.26
N ILE A 952 -9.88 6.68 23.59
CA ILE A 952 -10.33 7.84 24.32
C ILE A 952 -9.56 9.08 23.85
N ILE A 953 -8.24 8.98 23.78
CA ILE A 953 -7.41 10.13 23.43
C ILE A 953 -7.72 10.62 22.03
N GLU A 954 -7.78 9.69 21.07
CA GLU A 954 -8.02 10.07 19.68
C GLU A 954 -9.44 10.62 19.51
N ASP A 955 -10.43 10.03 20.16
CA ASP A 955 -11.78 10.54 20.05
C ASP A 955 -11.87 11.96 20.59
N TYR A 956 -11.14 12.25 21.68
CA TYR A 956 -11.13 13.62 22.17
C TYR A 956 -10.43 14.56 21.20
N TYR A 957 -9.25 14.18 20.72
CA TYR A 957 -8.42 15.11 19.96
C TYR A 957 -8.89 15.30 18.53
N ASP A 958 -9.47 14.28 17.90
CA ASP A 958 -9.96 14.42 16.54
C ASP A 958 -11.12 15.40 16.47
N ALA A 959 -12.01 15.38 17.45
CA ALA A 959 -13.15 16.28 17.44
C ALA A 959 -12.70 17.74 17.44
N ILE A 960 -11.55 18.03 18.04
CA ILE A 960 -11.01 19.38 18.03
C ILE A 960 -10.18 19.63 16.78
N ALA A 961 -9.38 18.65 16.36
CA ALA A 961 -8.52 18.84 15.20
C ALA A 961 -9.33 19.12 13.95
N LYS A 962 -10.43 18.38 13.76
CA LYS A 962 -11.27 18.63 12.59
C LYS A 962 -11.83 20.04 12.56
N ASN A 963 -11.66 20.81 13.65
CA ASN A 963 -12.12 22.19 13.72
C ASN A 963 -10.97 23.19 13.62
N ILE A 964 -9.78 22.76 13.22
CA ILE A 964 -8.64 23.64 13.01
C ILE A 964 -8.27 23.56 11.54
N SER A 965 -8.13 24.73 10.90
CA SER A 965 -8.02 24.79 9.45
C SER A 965 -6.63 24.49 8.91
N GLU A 966 -5.62 24.36 9.77
CA GLU A 966 -4.26 24.11 9.34
C GLU A 966 -3.78 22.69 9.59
N GLU A 967 -4.59 21.85 10.22
CA GLU A 967 -4.20 20.48 10.57
C GLU A 967 -4.92 19.52 9.64
N TYR A 968 -4.24 19.13 8.56
CA TYR A 968 -4.77 18.12 7.67
C TYR A 968 -4.56 16.74 8.26
N ILE A 969 -5.25 15.75 7.69
CA ILE A 969 -5.40 14.38 8.20
C ILE A 969 -6.81 14.25 8.72
N SER A 970 -7.41 15.36 9.14
CA SER A 970 -8.79 15.41 9.59
C SER A 970 -9.75 15.74 8.46
N TYR A 971 -9.25 15.83 7.22
CA TYR A 971 -10.08 16.14 6.06
C TYR A 971 -10.49 14.86 5.33
N GLY A 972 -11.48 15.01 4.47
CA GLY A 972 -12.11 13.89 3.80
C GLY A 972 -11.35 13.32 2.62
N GLY A 973 -10.19 13.88 2.28
CA GLY A 973 -9.42 13.39 1.16
C GLY A 973 -9.56 14.27 -0.06
N GLU A 974 -10.77 14.73 -0.33
CA GLU A 974 -11.02 15.69 -1.40
C GLU A 974 -11.03 17.12 -0.89
N LYS A 975 -10.84 17.33 0.41
CA LYS A 975 -10.66 18.66 0.97
C LYS A 975 -9.20 18.96 1.30
N LYS A 976 -8.35 17.94 1.38
CA LYS A 976 -6.92 18.18 1.57
C LYS A 976 -6.36 18.98 0.41
N ILE A 977 -6.66 18.56 -0.82
CA ILE A 977 -6.19 19.29 -1.99
C ILE A 977 -6.88 20.63 -2.11
N LEU A 978 -8.20 20.68 -1.88
CA LEU A 978 -8.94 21.92 -1.98
C LEU A 978 -8.54 22.92 -0.89
N ALA A 979 -7.83 22.48 0.14
CA ALA A 979 -7.31 23.38 1.17
C ALA A 979 -5.86 23.76 0.95
N ILE A 980 -5.02 22.82 0.50
CA ILE A 980 -3.65 23.18 0.16
C ILE A 980 -3.64 24.18 -0.99
N GLN A 981 -4.53 24.00 -1.97
CA GLN A 981 -4.63 24.96 -3.06
C GLN A 981 -5.03 26.33 -2.55
N GLY A 982 -6.00 26.38 -1.64
CA GLY A 982 -6.39 27.66 -1.08
C GLY A 982 -5.25 28.34 -0.35
N ALA A 983 -4.49 27.56 0.42
CA ALA A 983 -3.35 28.14 1.13
C ALA A 983 -2.30 28.68 0.16
N LEU A 984 -1.97 27.90 -0.88
CA LEU A 984 -0.98 28.37 -1.85
C LEU A 984 -1.47 29.61 -2.57
N GLU A 985 -2.77 29.66 -2.91
CA GLU A 985 -3.33 30.85 -3.54
C GLU A 985 -3.27 32.06 -2.63
N LYS A 986 -3.55 31.90 -1.34
CA LYS A 986 -3.41 33.03 -0.42
C LYS A 986 -1.97 33.50 -0.35
N ALA A 987 -1.03 32.56 -0.31
CA ALA A 987 0.39 32.95 -0.30
C ALA A 987 0.75 33.74 -1.55
N LEU A 988 0.31 33.26 -2.71
CA LEU A 988 0.63 33.94 -3.96
C LEU A 988 0.01 35.33 -4.00
N ARG A 989 -1.24 35.45 -3.53
CA ARG A 989 -1.88 36.76 -3.52
C ARG A 989 -1.19 37.71 -2.55
N TRP A 990 -0.65 37.21 -1.43
CA TRP A 990 0.16 38.06 -0.58
C TRP A 990 1.43 38.50 -1.30
N ALA A 991 2.08 37.58 -2.03
CA ALA A 991 3.33 37.90 -2.68
C ALA A 991 3.18 39.04 -3.68
N SER A 992 1.99 39.19 -4.27
CA SER A 992 1.75 40.23 -5.27
C SER A 992 1.53 41.56 -4.55
N GLY A 993 2.63 42.13 -4.08
CA GLY A 993 2.57 43.39 -3.38
C GLY A 993 3.96 43.87 -3.04
N GLU A 994 4.02 44.98 -2.30
CA GLU A 994 5.29 45.53 -1.86
C GLU A 994 5.07 46.26 -0.54
N SER A 995 5.96 46.05 0.41
CA SER A 995 5.80 46.57 1.76
C SER A 995 6.61 47.85 1.94
N PHE A 996 6.20 48.67 2.88
CA PHE A 996 6.87 49.93 3.19
C PHE A 996 7.42 49.86 4.61
N ILE A 997 8.71 50.10 4.76
CA ILE A 997 9.37 50.15 6.06
C ILE A 997 9.64 51.61 6.40
N GLU A 998 9.12 52.06 7.54
CA GLU A 998 9.24 53.45 7.93
C GLU A 998 10.67 53.77 8.38
N LEU A 999 11.03 55.04 8.26
CA LEU A 999 12.33 55.55 8.68
C LEU A 999 12.12 56.71 9.66
N SER A 1000 13.19 57.43 9.96
CA SER A 1000 13.23 58.39 11.06
C SER A 1000 11.96 59.25 11.14
N ASN A 1001 11.67 60.04 10.10
CA ASN A 1001 10.56 60.98 10.15
C ASN A 1001 9.47 60.64 9.14
N HIS A 1002 9.79 60.65 7.84
CA HIS A 1002 8.80 60.37 6.81
C HIS A 1002 9.28 59.41 5.72
N LYS A 1003 10.60 59.27 5.52
CA LYS A 1003 11.09 58.42 4.45
C LYS A 1003 10.59 56.99 4.63
N PHE A 1004 10.17 56.38 3.53
CA PHE A 1004 9.79 54.97 3.50
C PHE A 1004 10.75 54.24 2.55
N ILE A 1005 11.02 52.98 2.88
CA ILE A 1005 11.80 52.09 2.03
C ILE A 1005 10.85 51.03 1.48
N ARG A 1006 10.88 50.82 0.17
CA ARG A 1006 10.03 49.83 -0.47
C ARG A 1006 10.78 48.50 -0.50
N MET A 1007 10.15 47.47 0.09
CA MET A 1007 10.71 46.14 0.16
C MET A 1007 9.86 45.21 -0.68
N LYS A 1008 10.50 44.41 -1.53
CA LYS A 1008 9.80 43.47 -2.38
C LYS A 1008 9.49 42.20 -1.59
N ARG A 1009 8.22 41.79 -1.61
CA ARG A 1009 7.79 40.60 -0.91
C ARG A 1009 8.09 39.36 -1.74
N LYS A 1010 8.57 38.31 -1.09
CA LYS A 1010 8.91 37.07 -1.77
C LYS A 1010 8.57 35.88 -0.89
N LEU A 1011 8.45 34.71 -1.51
CA LEU A 1011 8.07 33.50 -0.83
C LEU A 1011 9.18 32.47 -0.93
N MET A 1012 9.28 31.62 0.11
CA MET A 1012 10.26 30.53 0.15
C MET A 1012 9.56 29.32 0.73
N TYR A 1013 9.08 28.44 -0.14
CA TYR A 1013 8.30 27.28 0.29
C TYR A 1013 9.23 26.24 0.89
N VAL A 1014 9.06 25.96 2.17
CA VAL A 1014 9.87 24.99 2.89
C VAL A 1014 8.99 23.78 3.16
N SER A 1015 9.30 22.65 2.53
CA SER A 1015 8.65 21.41 2.92
C SER A 1015 9.18 20.99 4.29
N ALA A 1016 8.74 19.84 4.77
CA ALA A 1016 9.16 19.43 6.11
C ALA A 1016 9.00 17.93 6.29
N ASP A 1017 9.70 17.42 7.30
CA ASP A 1017 9.63 16.03 7.72
C ASP A 1017 10.36 15.93 9.04
N ALA A 1018 9.81 15.18 9.98
CA ALA A 1018 10.39 15.05 11.30
C ALA A 1018 11.11 13.71 11.43
N THR A 1019 12.29 13.74 12.04
CA THR A 1019 13.07 12.53 12.29
C THR A 1019 12.55 11.87 13.56
N LYS A 1020 12.08 10.64 13.43
CA LYS A 1020 11.57 9.88 14.57
C LYS A 1020 10.45 10.66 15.26
N TRP A 1021 9.36 10.82 14.51
CA TRP A 1021 8.21 11.58 14.97
C TRP A 1021 7.72 11.03 16.30
N SER A 1022 7.20 9.81 16.31
CA SER A 1022 6.81 9.13 17.52
C SER A 1022 7.98 8.42 18.21
N PRO A 1023 8.86 7.72 17.48
CA PRO A 1023 9.86 6.89 18.16
C PRO A 1023 10.77 7.68 19.09
N GLY A 1024 10.95 8.96 18.82
CA GLY A 1024 11.81 9.79 19.63
C GLY A 1024 11.07 10.92 20.30
N ASP A 1025 9.84 10.64 20.74
CA ASP A 1025 8.99 11.64 21.34
C ASP A 1025 8.88 11.40 22.85
N ASN A 1026 8.03 12.19 23.50
CA ASN A 1026 7.79 12.09 24.93
C ASN A 1026 6.31 12.40 25.14
N SER A 1027 5.50 11.35 25.32
CA SER A 1027 4.06 11.54 25.39
C SER A 1027 3.63 12.03 26.76
N ALA A 1028 4.29 13.06 27.26
CA ALA A 1028 3.83 13.82 28.41
C ALA A 1028 3.55 15.26 28.04
N LYS A 1029 3.87 15.68 26.81
CA LYS A 1029 3.55 17.03 26.37
C LYS A 1029 2.05 17.23 26.33
N PHE A 1030 1.32 16.20 25.90
CA PHE A 1030 -0.11 16.33 25.71
C PHE A 1030 -0.87 16.44 27.03
N ARG A 1031 -0.27 16.03 28.13
CA ARG A 1031 -0.91 16.21 29.43
C ARG A 1031 -1.10 17.69 29.74
N ARG A 1032 -0.03 18.47 29.62
CA ARG A 1032 -0.14 19.92 29.80
C ARG A 1032 -0.76 20.60 28.60
N PHE A 1033 -0.71 19.98 27.42
CA PHE A 1033 -1.34 20.55 26.24
C PHE A 1033 -2.87 20.58 26.39
N THR A 1034 -3.46 19.45 26.78
CA THR A 1034 -4.91 19.38 26.87
C THR A 1034 -5.44 20.13 28.08
N SER A 1035 -4.64 20.26 29.14
CA SER A 1035 -5.08 21.01 30.30
C SER A 1035 -5.33 22.47 29.98
N MET A 1036 -4.77 22.98 28.89
CA MET A 1036 -4.96 24.35 28.46
C MET A 1036 -5.86 24.50 27.25
N LEU A 1037 -6.07 23.43 26.48
CA LEU A 1037 -6.91 23.51 25.30
C LEU A 1037 -8.34 23.88 25.68
N HIS A 1038 -8.97 24.66 24.81
CA HIS A 1038 -10.34 25.13 25.01
C HIS A 1038 -11.28 24.23 24.22
N ASN A 1039 -12.02 23.37 24.93
CA ASN A 1039 -13.00 22.51 24.30
C ASN A 1039 -14.42 23.05 24.40
N GLY A 1040 -14.69 23.94 25.35
CA GLY A 1040 -15.99 24.58 25.47
C GLY A 1040 -16.98 23.84 26.33
N LEU A 1041 -16.65 22.63 26.79
CA LEU A 1041 -17.56 21.92 27.67
C LEU A 1041 -17.64 22.62 29.03
N PRO A 1042 -18.81 22.60 29.68
CA PRO A 1042 -18.97 23.37 30.92
C PRO A 1042 -18.10 22.88 32.06
N ASN A 1043 -17.57 21.67 32.00
CA ASN A 1043 -16.78 21.10 33.09
C ASN A 1043 -15.56 20.40 32.52
N ASN A 1044 -14.58 20.15 33.40
CA ASN A 1044 -13.31 19.56 33.01
C ASN A 1044 -13.27 18.04 33.16
N LYS A 1045 -14.42 17.40 33.41
CA LYS A 1045 -14.41 15.97 33.71
C LYS A 1045 -13.88 15.16 32.53
N LEU A 1046 -14.34 15.47 31.32
CA LEU A 1046 -13.82 14.79 30.14
C LEU A 1046 -12.37 15.18 29.86
N LYS A 1047 -12.03 16.45 30.07
CA LYS A 1047 -10.65 16.89 29.91
C LYS A 1047 -9.73 16.14 30.87
N ASN A 1048 -10.15 16.01 32.14
CA ASN A 1048 -9.33 15.28 33.10
C ASN A 1048 -9.26 13.80 32.77
N CYS A 1049 -10.36 13.24 32.25
CA CYS A 1049 -10.32 11.84 31.82
C CYS A 1049 -9.30 11.65 30.70
N VAL A 1050 -9.23 12.59 29.75
CA VAL A 1050 -8.26 12.47 28.68
C VAL A 1050 -6.84 12.65 29.20
N ILE A 1051 -6.66 13.56 30.17
CA ILE A 1051 -5.34 13.71 30.79
C ILE A 1051 -4.91 12.40 31.41
N ASP A 1052 -5.81 11.73 32.14
CA ASP A 1052 -5.47 10.47 32.79
C ASP A 1052 -5.22 9.38 31.76
N ALA A 1053 -5.99 9.36 30.67
CA ALA A 1053 -5.74 8.40 29.62
C ALA A 1053 -4.35 8.57 29.03
N LEU A 1054 -3.93 9.83 28.80
CA LEU A 1054 -2.57 10.09 28.36
C LEU A 1054 -1.57 9.65 29.41
N LYS A 1055 -1.92 9.80 30.69
CA LYS A 1055 -0.99 9.45 31.75
C LYS A 1055 -0.77 7.95 31.84
N GLN A 1056 -1.78 7.14 31.51
CA GLN A 1056 -1.67 5.71 31.63
C GLN A 1056 -0.93 5.07 30.46
N VAL A 1057 -0.78 5.77 29.34
CA VAL A 1057 -0.04 5.23 28.19
C VAL A 1057 1.39 5.75 28.23
N TYR A 1058 1.78 6.35 29.35
CA TYR A 1058 3.16 6.81 29.50
C TYR A 1058 4.13 5.63 29.50
N LYS A 1059 3.82 4.60 30.28
CA LYS A 1059 4.67 3.43 30.43
C LYS A 1059 4.02 2.25 29.70
N THR A 1060 4.83 1.51 28.95
CA THR A 1060 4.38 0.36 28.18
C THR A 1060 5.33 -0.80 28.40
N ASP A 1061 4.80 -2.01 28.31
CA ASP A 1061 5.62 -3.22 28.28
C ASP A 1061 5.76 -3.66 26.83
N PHE A 1062 6.95 -3.47 26.27
CA PHE A 1062 7.26 -3.87 24.92
C PHE A 1062 7.75 -5.32 24.93
N PHE A 1063 7.09 -6.17 24.15
CA PHE A 1063 7.40 -7.60 24.07
C PHE A 1063 8.07 -7.89 22.74
N MET A 1064 9.22 -8.57 22.79
CA MET A 1064 9.89 -8.98 21.56
C MET A 1064 9.16 -10.18 20.97
N SER A 1065 8.91 -10.13 19.66
CA SER A 1065 8.09 -11.14 19.01
C SER A 1065 8.72 -12.52 19.18
N ARG A 1066 7.94 -13.54 18.78
CA ARG A 1066 8.36 -14.92 19.01
C ARG A 1066 9.54 -15.30 18.13
N LYS A 1067 9.59 -14.81 16.89
CA LYS A 1067 10.67 -15.20 15.99
C LYS A 1067 12.04 -14.76 16.51
N LEU A 1068 12.14 -13.50 16.91
CA LEU A 1068 13.42 -12.97 17.38
C LEU A 1068 13.90 -13.71 18.61
N ARG A 1069 13.02 -13.90 19.59
CA ARG A 1069 13.39 -14.64 20.78
C ARG A 1069 13.78 -16.07 20.45
N ASN A 1070 13.01 -16.72 19.57
CA ASN A 1070 13.28 -18.11 19.24
C ASN A 1070 14.66 -18.26 18.61
N TYR A 1071 15.01 -17.39 17.67
CA TYR A 1071 16.31 -17.57 17.02
C TYR A 1071 17.45 -17.15 17.94
N ILE A 1072 17.26 -16.07 18.72
CA ILE A 1072 18.33 -15.64 19.62
C ILE A 1072 18.68 -16.74 20.59
N ASP A 1073 17.74 -17.62 20.91
CA ASP A 1073 18.03 -18.78 21.72
C ASP A 1073 18.95 -19.78 21.02
N SER A 1074 19.16 -19.62 19.71
CA SER A 1074 19.97 -20.56 18.93
C SER A 1074 21.34 -20.01 18.57
N MET A 1075 21.55 -18.70 18.67
CA MET A 1075 22.86 -18.15 18.34
C MET A 1075 23.93 -18.75 19.25
N GLU A 1076 25.04 -19.17 18.63
CA GLU A 1076 26.14 -19.74 19.41
C GLU A 1076 26.72 -18.71 20.37
N SER A 1077 26.90 -17.47 19.91
CA SER A 1077 27.41 -16.40 20.74
C SER A 1077 26.68 -15.12 20.40
N LEU A 1078 26.57 -14.24 21.39
CA LEU A 1078 25.84 -12.97 21.25
C LEU A 1078 26.86 -11.85 21.08
N ASP A 1079 26.78 -11.14 19.97
CA ASP A 1079 27.66 -10.01 19.74
C ASP A 1079 27.24 -8.85 20.64
N PRO A 1080 28.15 -7.90 20.90
CA PRO A 1080 27.76 -6.70 21.66
C PRO A 1080 26.67 -5.91 20.99
N HIS A 1081 26.45 -6.10 19.69
CA HIS A 1081 25.40 -5.37 19.00
C HIS A 1081 24.03 -5.69 19.57
N ILE A 1082 23.78 -6.96 19.86
CA ILE A 1082 22.48 -7.39 20.39
C ILE A 1082 22.53 -7.70 21.87
N LYS A 1083 23.71 -7.74 22.49
CA LYS A 1083 23.76 -7.88 23.95
C LYS A 1083 23.20 -6.64 24.64
N GLN A 1084 23.48 -5.46 24.10
CA GLN A 1084 22.85 -4.25 24.61
C GLN A 1084 21.35 -4.24 24.35
N PHE A 1085 20.87 -5.08 23.44
CA PHE A 1085 19.45 -5.21 23.15
C PHE A 1085 18.77 -6.25 24.03
N LEU A 1086 19.51 -7.25 24.49
CA LEU A 1086 18.97 -8.26 25.40
C LEU A 1086 19.11 -7.86 26.86
N ASP A 1087 19.85 -6.79 27.16
CA ASP A 1087 19.85 -6.22 28.50
C ASP A 1087 18.65 -5.33 28.76
N PHE A 1088 17.95 -4.92 27.70
CA PHE A 1088 16.72 -4.14 27.84
C PHE A 1088 15.55 -4.98 28.31
N PHE A 1089 15.62 -6.31 28.13
CA PHE A 1089 14.58 -7.23 28.55
C PHE A 1089 15.03 -8.01 29.78
N PRO A 1090 14.89 -7.47 30.99
CA PRO A 1090 15.39 -8.22 32.16
C PRO A 1090 14.75 -9.58 32.32
N ASP A 1091 13.46 -9.70 32.00
CA ASP A 1091 12.79 -11.00 32.03
C ASP A 1091 13.19 -11.87 30.85
N GLY A 1092 13.57 -11.26 29.74
CA GLY A 1092 13.88 -11.97 28.51
C GLY A 1092 12.78 -11.90 27.48
N HIS A 1093 11.58 -11.45 27.85
CA HIS A 1093 10.47 -11.35 26.92
C HIS A 1093 9.78 -9.98 26.92
N HIS A 1094 10.12 -9.08 27.83
CA HIS A 1094 9.46 -7.79 27.90
C HIS A 1094 10.39 -6.75 28.51
N GLY A 1095 10.09 -5.49 28.21
CA GLY A 1095 10.87 -4.39 28.75
C GLY A 1095 10.03 -3.14 28.88
N GLU A 1096 10.44 -2.25 29.78
CA GLU A 1096 9.71 -1.01 29.99
C GLU A 1096 10.09 0.01 28.95
N VAL A 1097 9.09 0.68 28.38
CA VAL A 1097 9.28 1.74 27.39
C VAL A 1097 8.47 2.94 27.85
N LYS A 1098 9.13 4.09 27.96
CA LYS A 1098 8.49 5.31 28.43
C LYS A 1098 8.56 6.37 27.35
N GLY A 1099 7.58 7.27 27.36
CA GLY A 1099 7.57 8.40 26.46
C GLY A 1099 7.12 8.10 25.05
N ASN A 1100 7.72 7.12 24.39
CA ASN A 1100 7.33 6.74 23.03
C ASN A 1100 5.88 6.29 23.06
N TRP A 1101 5.09 6.74 22.08
CA TRP A 1101 3.68 6.40 22.03
C TRP A 1101 3.35 5.48 20.86
N LEU A 1102 4.21 4.51 20.55
CA LEU A 1102 3.81 3.38 19.72
C LEU A 1102 3.32 3.84 18.34
N GLN A 1103 4.30 4.24 17.52
CA GLN A 1103 4.06 4.93 16.26
C GLN A 1103 2.77 4.50 15.57
N GLY A 1104 1.96 5.47 15.16
CA GLY A 1104 0.71 5.22 14.50
C GLY A 1104 -0.52 5.32 15.37
N ASN A 1105 -0.35 5.62 16.66
CA ASN A 1105 -1.46 5.63 17.61
C ASN A 1105 -2.05 7.03 17.79
N LEU A 1106 -1.22 8.00 18.17
CA LEU A 1106 -1.66 9.39 18.36
C LEU A 1106 -1.18 10.19 17.16
N ASN A 1107 -2.00 10.23 16.11
CA ASN A 1107 -1.65 10.93 14.88
C ASN A 1107 -2.31 12.30 14.77
N LYS A 1108 -3.60 12.41 15.13
CA LYS A 1108 -4.26 13.71 15.09
C LYS A 1108 -3.84 14.58 16.27
N CYS A 1109 -3.62 13.96 17.43
CA CYS A 1109 -3.12 14.72 18.58
C CYS A 1109 -1.74 15.30 18.29
N SER A 1110 -0.85 14.50 17.72
CA SER A 1110 0.49 14.99 17.42
C SER A 1110 0.45 16.11 16.38
N SER A 1111 -0.37 15.97 15.35
CA SER A 1111 -0.47 17.00 14.34
C SER A 1111 -1.04 18.29 14.92
N LEU A 1112 -2.05 18.18 15.78
CA LEU A 1112 -2.59 19.37 16.44
C LEU A 1112 -1.53 20.04 17.29
N PHE A 1113 -0.73 19.25 18.00
CA PHE A 1113 0.36 19.81 18.80
C PHE A 1113 1.37 20.54 17.91
N GLY A 1114 1.71 19.95 16.78
CA GLY A 1114 2.62 20.60 15.86
C GLY A 1114 2.07 21.91 15.33
N VAL A 1115 0.78 21.93 15.01
CA VAL A 1115 0.15 23.18 14.55
C VAL A 1115 0.21 24.23 15.65
N ALA A 1116 0.01 23.80 16.90
CA ALA A 1116 0.11 24.73 18.02
C ALA A 1116 1.51 25.33 18.10
N MET A 1117 2.54 24.50 17.95
CA MET A 1117 3.91 25.00 17.99
C MET A 1117 4.16 25.99 16.85
N SER A 1118 3.64 25.68 15.66
CA SER A 1118 3.84 26.57 14.52
C SER A 1118 3.18 27.93 14.76
N LEU A 1119 1.96 27.95 15.29
CA LEU A 1119 1.32 29.22 15.61
C LEU A 1119 2.08 29.96 16.71
N LEU A 1120 2.65 29.22 17.67
CA LEU A 1120 3.48 29.87 18.67
C LEU A 1120 4.66 30.58 18.03
N PHE A 1121 5.31 29.93 17.07
CA PHE A 1121 6.40 30.59 16.35
C PHE A 1121 5.91 31.81 15.58
N LYS A 1122 4.73 31.69 14.95
CA LYS A 1122 4.16 32.85 14.28
C LYS A 1122 4.08 34.04 15.22
N GLN A 1123 3.49 33.83 16.40
CA GLN A 1123 3.32 34.92 17.34
C GLN A 1123 4.67 35.43 17.84
N VAL A 1124 5.61 34.54 18.12
CA VAL A 1124 6.91 34.97 18.64
C VAL A 1124 7.60 35.86 17.62
N TRP A 1125 7.61 35.44 16.35
CA TRP A 1125 8.25 36.27 15.33
C TRP A 1125 7.53 37.60 15.16
N THR A 1126 6.19 37.56 15.05
CA THR A 1126 5.43 38.79 14.89
C THR A 1126 5.69 39.75 16.04
N ASN A 1127 6.04 39.23 17.22
CA ASN A 1127 6.42 40.09 18.33
C ASN A 1127 7.88 40.53 18.25
N LEU A 1128 8.72 39.74 17.61
CA LEU A 1128 10.14 40.06 17.54
C LEU A 1128 10.39 41.25 16.60
N PHE A 1129 9.75 41.24 15.42
CA PHE A 1129 9.98 42.22 14.37
C PHE A 1129 8.64 42.85 14.00
N PRO A 1130 8.11 43.75 14.85
CA PRO A 1130 6.82 44.38 14.51
C PRO A 1130 6.87 45.20 13.23
N GLU A 1131 8.00 45.82 12.92
CA GLU A 1131 8.08 46.71 11.76
C GLU A 1131 7.86 45.93 10.46
N LEU A 1132 8.52 44.80 10.32
CA LEU A 1132 8.39 44.00 9.11
C LEU A 1132 7.06 43.25 9.12
N ASP A 1133 6.30 43.36 8.03
CA ASP A 1133 5.03 42.67 7.89
C ASP A 1133 5.25 41.43 7.04
N CYS A 1134 5.76 40.39 7.68
CA CYS A 1134 6.01 39.12 7.01
C CYS A 1134 4.74 38.28 6.97
N PHE A 1135 4.82 37.13 6.32
CA PHE A 1135 3.67 36.28 6.10
C PHE A 1135 4.10 34.82 6.24
N PHE A 1136 3.47 34.10 7.17
CA PHE A 1136 3.66 32.68 7.34
C PHE A 1136 2.33 31.97 7.12
N GLU A 1137 2.40 30.77 6.55
CA GLU A 1137 1.19 29.97 6.36
C GLU A 1137 1.60 28.51 6.30
N PHE A 1138 1.38 27.80 7.40
CA PHE A 1138 1.82 26.42 7.55
C PHE A 1138 0.67 25.46 7.26
N ALA A 1139 1.03 24.19 7.06
CA ALA A 1139 0.04 23.14 6.88
C ALA A 1139 0.68 21.83 7.30
N HIS A 1140 0.14 21.22 8.36
CA HIS A 1140 0.71 20.01 8.94
C HIS A 1140 -0.19 18.81 8.65
N HIS A 1141 0.45 17.65 8.54
CA HIS A 1141 -0.23 16.36 8.31
C HIS A 1141 0.71 15.31 8.92
N SER A 1142 0.38 14.86 10.13
CA SER A 1142 1.26 13.98 10.88
C SER A 1142 2.59 14.70 11.12
N ASP A 1143 3.70 14.14 10.65
CA ASP A 1143 4.97 14.85 10.70
C ASP A 1143 5.21 15.69 9.46
N ASP A 1144 4.64 15.29 8.32
CA ASP A 1144 4.82 16.04 7.09
C ASP A 1144 4.23 17.44 7.24
N ALA A 1145 4.85 18.42 6.59
CA ALA A 1145 4.34 19.77 6.70
C ALA A 1145 4.88 20.63 5.57
N LEU A 1146 4.17 21.72 5.31
CA LEU A 1146 4.58 22.74 4.36
C LEU A 1146 4.60 24.08 5.07
N PHE A 1147 5.74 24.76 5.03
CA PHE A 1147 5.89 26.10 5.56
C PHE A 1147 6.16 27.05 4.40
N ILE A 1148 5.47 28.19 4.39
CA ILE A 1148 5.46 29.07 3.24
C ILE A 1148 6.00 30.44 3.63
N TYR A 1149 7.01 30.45 4.51
CA TYR A 1149 7.62 31.70 4.97
C TYR A 1149 7.65 32.75 3.87
N GLY A 1150 7.12 33.92 4.17
CA GLY A 1150 7.17 35.06 3.27
C GLY A 1150 8.06 36.15 3.87
N TYR A 1151 9.07 36.55 3.10
CA TYR A 1151 10.06 37.50 3.57
C TYR A 1151 10.09 38.71 2.64
N LEU A 1152 10.95 39.66 2.98
CA LEU A 1152 11.12 40.90 2.25
C LEU A 1152 12.58 41.08 1.88
N GLU A 1153 12.84 41.54 0.65
CA GLU A 1153 14.21 41.86 0.28
C GLU A 1153 14.26 43.23 -0.36
N PRO A 1154 15.42 43.89 -0.32
CA PRO A 1154 15.50 45.26 -0.87
C PRO A 1154 15.15 45.29 -2.34
N VAL A 1155 14.49 46.38 -2.75
CA VAL A 1155 14.13 46.58 -4.15
C VAL A 1155 15.29 47.21 -4.92
N ASP A 1156 15.98 48.15 -4.31
CA ASP A 1156 17.14 48.79 -4.92
C ASP A 1156 18.40 48.01 -4.53
N ASP A 1157 19.58 48.61 -4.72
CA ASP A 1157 20.82 47.94 -4.34
C ASP A 1157 20.79 47.50 -2.88
N GLY A 1158 20.06 48.22 -2.04
CA GLY A 1158 19.82 47.80 -0.67
C GLY A 1158 20.67 48.47 0.38
N THR A 1159 21.46 49.49 0.03
CA THR A 1159 22.29 50.15 1.03
C THR A 1159 21.45 50.80 2.11
N ASP A 1160 20.31 51.39 1.74
CA ASP A 1160 19.44 52.02 2.73
C ASP A 1160 18.90 51.01 3.72
N TRP A 1161 18.52 49.81 3.25
CA TRP A 1161 18.03 48.77 4.15
C TRP A 1161 19.13 48.33 5.12
N PHE A 1162 20.36 48.17 4.62
CA PHE A 1162 21.45 47.80 5.50
C PHE A 1162 21.70 48.89 6.54
N LEU A 1163 21.62 50.15 6.14
CA LEU A 1163 21.79 51.24 7.09
C LEU A 1163 20.68 51.21 8.14
N PHE A 1164 19.44 50.95 7.73
CA PHE A 1164 18.35 50.87 8.69
C PHE A 1164 18.56 49.73 9.68
N VAL A 1165 19.00 48.57 9.20
CA VAL A 1165 19.26 47.45 10.09
C VAL A 1165 20.37 47.80 11.07
N SER A 1166 21.43 48.44 10.59
CA SER A 1166 22.52 48.82 11.47
C SER A 1166 22.05 49.83 12.52
N GLN A 1167 21.21 50.79 12.12
CA GLN A 1167 20.67 51.74 13.08
C GLN A 1167 19.84 51.02 14.14
N GLN A 1168 19.02 50.06 13.73
CA GLN A 1168 18.22 49.30 14.68
C GLN A 1168 19.11 48.53 15.65
N ILE A 1169 20.16 47.89 15.14
CA ILE A 1169 21.08 47.16 16.02
C ILE A 1169 21.71 48.10 17.02
N GLN A 1170 22.15 49.27 16.56
CA GLN A 1170 22.78 50.22 17.47
C GLN A 1170 21.81 50.77 18.50
N ALA A 1171 20.54 50.96 18.13
CA ALA A 1171 19.57 51.55 19.05
C ALA A 1171 19.37 50.70 20.28
N GLY A 1172 19.51 49.38 20.16
CA GLY A 1172 19.34 48.50 21.30
C GLY A 1172 18.68 47.19 20.96
N HIS A 1173 18.06 47.11 19.79
CA HIS A 1173 17.41 45.89 19.32
C HIS A 1173 18.46 45.03 18.63
N LEU A 1174 19.13 44.19 19.42
CA LEU A 1174 20.25 43.39 18.93
C LEU A 1174 19.81 42.15 18.16
N HIS A 1175 18.52 41.85 18.10
CA HIS A 1175 18.06 40.68 17.38
C HIS A 1175 17.91 40.92 15.88
N TRP A 1176 18.21 42.14 15.41
CA TRP A 1176 18.25 42.42 13.99
C TRP A 1176 19.55 41.98 13.35
N PHE A 1177 20.51 41.47 14.13
CA PHE A 1177 21.72 40.90 13.56
C PHE A 1177 21.42 39.77 12.59
N SER A 1178 20.25 39.14 12.72
CA SER A 1178 19.89 37.97 11.92
C SER A 1178 18.73 38.27 10.97
N VAL A 1179 18.52 39.53 10.61
CA VAL A 1179 17.43 39.89 9.71
C VAL A 1179 17.92 40.80 8.60
N ASN A 1180 19.23 40.80 8.34
CA ASN A 1180 19.79 41.67 7.31
C ASN A 1180 19.97 40.97 5.97
N THR A 1181 20.57 39.78 5.97
CA THR A 1181 20.81 39.02 4.75
C THR A 1181 20.09 37.68 4.86
N GLU A 1182 19.32 37.34 3.84
CA GLU A 1182 18.56 36.08 3.80
C GLU A 1182 17.62 36.00 5.01
N MET A 1183 16.64 36.90 4.99
CA MET A 1183 15.63 36.97 6.04
C MET A 1183 14.91 35.64 6.24
N TRP A 1184 14.78 34.83 5.19
CA TRP A 1184 14.06 33.57 5.28
C TRP A 1184 14.82 32.51 6.06
N LYS A 1185 16.10 32.72 6.36
CA LYS A 1185 16.87 31.76 7.13
C LYS A 1185 16.65 31.93 8.63
N SER A 1186 16.61 33.17 9.11
CA SER A 1186 16.38 33.46 10.51
C SER A 1186 14.94 33.21 10.93
N MET A 1187 14.03 33.05 9.97
CA MET A 1187 12.68 32.60 10.27
C MET A 1187 12.64 31.10 10.46
N PHE A 1188 13.31 30.36 9.57
CA PHE A 1188 13.33 28.91 9.70
C PHE A 1188 14.10 28.48 10.94
N ASN A 1189 15.21 29.14 11.25
CA ASN A 1189 15.97 28.77 12.44
C ASN A 1189 15.12 28.92 13.70
N LEU A 1190 14.44 30.05 13.83
CA LEU A 1190 13.59 30.27 15.00
C LEU A 1190 12.43 29.29 15.02
N HIS A 1191 11.81 29.03 13.87
CA HIS A 1191 10.71 28.08 13.83
C HIS A 1191 11.17 26.69 14.25
N GLU A 1192 12.33 26.27 13.75
CA GLU A 1192 12.87 24.96 14.11
C GLU A 1192 13.16 24.89 15.60
N HIS A 1193 13.72 25.96 16.18
CA HIS A 1193 14.01 25.94 17.60
C HIS A 1193 12.72 25.90 18.43
N ILE A 1194 11.73 26.72 18.07
CA ILE A 1194 10.49 26.73 18.84
C ILE A 1194 9.78 25.38 18.71
N LEU A 1195 9.91 24.71 17.56
CA LEU A 1195 9.37 23.37 17.45
C LEU A 1195 10.14 22.39 18.31
N LEU A 1196 11.46 22.53 18.38
CA LEU A 1196 12.26 21.65 19.22
C LEU A 1196 11.95 21.84 20.70
N LEU A 1197 11.48 23.02 21.08
CA LEU A 1197 11.04 23.24 22.46
C LEU A 1197 9.81 22.39 22.76
N GLY A 1198 9.19 21.83 21.72
CA GLY A 1198 8.10 20.91 21.89
C GLY A 1198 8.48 19.50 21.47
N SER A 1199 9.76 19.20 21.53
CA SER A 1199 10.27 17.87 21.19
C SER A 1199 9.89 17.47 19.76
N ILE A 1200 9.92 18.42 18.84
CA ILE A 1200 9.71 18.18 17.43
C ILE A 1200 10.98 18.59 16.69
N LYS A 1201 11.54 17.67 15.91
CA LYS A 1201 12.81 17.88 15.24
C LYS A 1201 12.60 17.80 13.73
N ILE A 1202 12.66 18.96 13.06
CA ILE A 1202 12.59 18.98 11.61
C ILE A 1202 13.78 18.23 11.04
N SER A 1203 13.51 17.35 10.08
CA SER A 1203 14.54 16.46 9.57
C SER A 1203 15.60 17.26 8.83
N PRO A 1204 16.89 17.02 9.08
CA PRO A 1204 17.94 17.64 8.27
C PRO A 1204 18.28 16.88 7.00
N LYS A 1205 17.50 15.88 6.63
CA LYS A 1205 17.75 15.06 5.44
C LYS A 1205 16.66 15.14 4.41
N LYS A 1206 15.39 15.04 4.82
CA LYS A 1206 14.27 14.96 3.90
C LYS A 1206 13.47 16.26 3.85
N THR A 1207 14.04 17.36 4.31
CA THR A 1207 13.43 18.67 4.17
C THR A 1207 14.03 19.39 2.98
N THR A 1208 13.26 20.30 2.39
CA THR A 1208 13.65 20.96 1.15
C THR A 1208 13.17 22.40 1.17
N VAL A 1209 14.03 23.30 0.71
CA VAL A 1209 13.73 24.73 0.63
C VAL A 1209 13.83 25.14 -0.82
N SER A 1210 12.76 25.74 -1.36
CA SER A 1210 12.73 26.08 -2.76
C SER A 1210 11.80 27.26 -3.03
N PRO A 1211 12.18 28.20 -3.88
CA PRO A 1211 11.28 29.34 -4.16
C PRO A 1211 9.99 28.94 -4.84
N THR A 1212 9.96 27.76 -5.49
CA THR A 1212 8.79 27.30 -6.22
C THR A 1212 8.25 26.04 -5.54
N ASN A 1213 6.92 25.91 -5.57
CA ASN A 1213 6.23 24.80 -4.94
C ASN A 1213 6.24 23.53 -5.79
N ALA A 1214 7.12 23.45 -6.79
CA ALA A 1214 7.15 22.27 -7.64
C ALA A 1214 7.55 21.03 -6.85
N GLU A 1215 8.52 21.16 -5.95
CA GLU A 1215 8.99 19.99 -5.20
C GLU A 1215 7.89 19.43 -4.32
N PHE A 1216 7.10 20.29 -3.67
CA PHE A 1216 6.04 19.82 -2.79
C PHE A 1216 4.81 19.41 -3.56
N LEU A 1217 4.33 20.26 -4.48
CA LEU A 1217 3.12 19.94 -5.22
C LEU A 1217 3.22 18.59 -5.91
N SER A 1218 4.42 18.20 -6.32
CA SER A 1218 4.61 16.87 -6.88
C SER A 1218 4.35 15.79 -5.84
N THR A 1219 4.79 16.00 -4.60
CA THR A 1219 4.64 15.00 -3.55
C THR A 1219 3.34 15.20 -2.75
N PHE A 1220 3.18 16.35 -2.10
CA PHE A 1220 1.99 16.64 -1.30
C PHE A 1220 1.81 15.60 -0.18
N PHE A 1221 2.75 15.66 0.77
CA PHE A 1221 2.69 14.83 1.97
C PHE A 1221 2.93 13.36 1.62
N GLU A 1222 2.55 12.46 2.52
CA GLU A 1222 2.60 11.03 2.27
C GLU A 1222 1.34 10.38 2.85
N GLY A 1223 0.19 11.02 2.65
CA GLY A 1223 -1.06 10.49 3.14
C GLY A 1223 -1.73 9.55 2.17
N CYS A 1224 -3.06 9.58 2.09
CA CYS A 1224 -3.82 8.72 1.20
C CYS A 1224 -4.45 9.45 0.03
N ALA A 1225 -4.87 10.70 0.19
CA ALA A 1225 -5.34 11.51 -0.92
C ALA A 1225 -4.21 12.10 -1.73
N VAL A 1226 -2.96 11.69 -1.44
CA VAL A 1226 -1.83 12.06 -2.26
C VAL A 1226 -1.75 11.07 -3.41
N SER A 1227 -2.63 11.25 -4.39
CA SER A 1227 -2.98 10.15 -5.28
C SER A 1227 -2.80 8.86 -4.48
N ILE A 1228 -2.12 7.89 -5.07
CA ILE A 1228 -1.21 6.98 -4.38
C ILE A 1228 -0.33 6.44 -5.50
N PRO A 1229 0.37 7.32 -6.22
CA PRO A 1229 0.75 7.02 -7.60
C PRO A 1229 -0.15 6.00 -8.28
N PHE A 1230 -1.00 6.46 -9.19
CA PHE A 1230 -1.99 5.60 -9.83
C PHE A 1230 -1.33 4.37 -10.45
N VAL A 1231 -0.02 4.37 -10.60
CA VAL A 1231 0.68 3.15 -10.96
C VAL A 1231 0.65 2.13 -9.82
N LYS A 1232 0.73 2.59 -8.57
CA LYS A 1232 0.76 1.66 -7.44
C LYS A 1232 -0.46 0.74 -7.47
N ILE A 1233 -1.60 1.24 -7.96
CA ILE A 1233 -2.79 0.42 -8.03
C ILE A 1233 -2.76 -0.47 -9.26
N LEU A 1234 -2.50 0.11 -10.43
CA LEU A 1234 -2.49 -0.66 -11.66
C LEU A 1234 -1.58 -1.87 -11.53
N LEU A 1235 -0.37 -1.67 -10.99
CA LEU A 1235 0.52 -2.79 -10.72
C LEU A 1235 0.00 -3.65 -9.59
N GLY A 1236 -0.86 -3.09 -8.71
CA GLY A 1236 -1.42 -3.88 -7.63
C GLY A 1236 -2.56 -4.77 -8.07
N SER A 1237 -3.30 -4.37 -9.11
CA SER A 1237 -4.42 -5.18 -9.56
C SER A 1237 -3.97 -6.51 -10.16
N LEU A 1238 -2.68 -6.64 -10.48
CA LEU A 1238 -2.15 -7.89 -11.00
C LEU A 1238 -1.92 -8.94 -9.93
N SER A 1239 -1.91 -8.54 -8.66
CA SER A 1239 -1.65 -9.47 -7.56
C SER A 1239 -2.50 -9.07 -6.37
N ASP A 1240 -2.36 -9.82 -5.28
CA ASP A 1240 -3.10 -9.56 -4.04
C ASP A 1240 -4.60 -9.58 -4.29
N LEU A 1241 -5.09 -10.75 -4.70
CA LEU A 1241 -6.50 -10.94 -4.99
C LEU A 1241 -7.17 -11.76 -3.90
N PRO A 1242 -8.48 -11.55 -3.65
CA PRO A 1242 -9.14 -12.30 -2.56
C PRO A 1242 -9.09 -13.80 -2.75
N GLY A 1243 -9.15 -14.29 -3.98
CA GLY A 1243 -9.16 -15.72 -4.21
C GLY A 1243 -10.46 -16.40 -3.89
N LEU A 1244 -11.56 -15.65 -3.88
CA LEU A 1244 -12.88 -16.17 -3.51
C LEU A 1244 -13.70 -16.59 -4.72
N GLY A 1245 -13.04 -17.10 -5.76
CA GLY A 1245 -13.73 -17.57 -6.94
C GLY A 1245 -13.53 -16.63 -8.12
N TYR A 1246 -13.67 -17.22 -9.32
CA TYR A 1246 -13.49 -16.47 -10.56
C TYR A 1246 -14.17 -15.11 -10.50
N PHE A 1247 -15.46 -15.08 -10.16
CA PHE A 1247 -16.19 -13.83 -10.13
C PHE A 1247 -15.59 -12.87 -9.11
N ASP A 1248 -15.27 -13.36 -7.91
CA ASP A 1248 -14.84 -12.48 -6.83
C ASP A 1248 -13.40 -12.03 -6.97
N ASP A 1249 -12.65 -12.56 -7.93
CA ASP A 1249 -11.32 -12.03 -8.26
C ASP A 1249 -11.35 -11.15 -9.50
N LEU A 1250 -12.09 -11.56 -10.53
CA LEU A 1250 -12.30 -10.70 -11.68
C LEU A 1250 -13.04 -9.42 -11.31
N ALA A 1251 -13.75 -9.43 -10.18
CA ALA A 1251 -14.37 -8.19 -9.71
C ALA A 1251 -13.37 -7.31 -8.97
N ALA A 1252 -12.53 -7.91 -8.12
CA ALA A 1252 -11.56 -7.11 -7.38
C ALA A 1252 -10.56 -6.46 -8.31
N ALA A 1253 -10.08 -7.20 -9.32
CA ALA A 1253 -9.10 -6.63 -10.24
C ALA A 1253 -9.68 -5.44 -10.99
N GLN A 1254 -10.90 -5.59 -11.51
CA GLN A 1254 -11.53 -4.50 -12.25
C GLN A 1254 -11.83 -3.32 -11.34
N SER A 1255 -12.19 -3.58 -10.08
CA SER A 1255 -12.43 -2.49 -9.15
C SER A 1255 -11.14 -1.72 -8.87
N ARG A 1256 -10.02 -2.42 -8.74
CA ARG A 1256 -8.74 -1.73 -8.53
C ARG A 1256 -8.34 -0.92 -9.76
N CYS A 1257 -8.58 -1.46 -10.96
CA CYS A 1257 -8.32 -0.68 -12.16
C CYS A 1257 -9.21 0.55 -12.23
N VAL A 1258 -10.47 0.43 -11.82
CA VAL A 1258 -11.36 1.59 -11.73
C VAL A 1258 -10.87 2.62 -10.74
N LYS A 1259 -10.37 2.20 -9.58
CA LYS A 1259 -9.77 3.15 -8.63
C LYS A 1259 -8.56 3.85 -9.26
N ALA A 1260 -7.72 3.10 -9.97
CA ALA A 1260 -6.59 3.72 -10.64
C ALA A 1260 -7.06 4.77 -11.64
N LEU A 1261 -8.12 4.47 -12.38
CA LEU A 1261 -8.69 5.48 -13.27
C LEU A 1261 -9.16 6.70 -12.47
N ASP A 1262 -9.83 6.48 -11.35
CA ASP A 1262 -10.29 7.59 -10.52
C ASP A 1262 -9.14 8.38 -9.89
N LEU A 1263 -7.93 7.83 -9.89
CA LEU A 1263 -6.76 8.48 -9.31
C LEU A 1263 -5.83 9.08 -10.37
N GLY A 1264 -6.39 9.60 -11.45
CA GLY A 1264 -5.64 10.36 -12.44
C GLY A 1264 -5.27 9.59 -13.70
N ALA A 1265 -5.41 8.27 -13.71
CA ALA A 1265 -5.04 7.52 -14.89
C ALA A 1265 -5.94 7.91 -16.06
N SER A 1266 -5.40 7.74 -17.26
CA SER A 1266 -6.16 8.02 -18.46
C SER A 1266 -7.01 6.81 -18.84
N PRO A 1267 -8.13 7.01 -19.52
CA PRO A 1267 -8.96 5.86 -19.91
C PRO A 1267 -8.20 4.83 -20.73
N GLN A 1268 -7.29 5.25 -21.59
CA GLN A 1268 -6.56 4.30 -22.42
C GLN A 1268 -5.54 3.50 -21.62
N VAL A 1269 -4.89 4.13 -20.64
CA VAL A 1269 -3.98 3.39 -19.77
C VAL A 1269 -4.72 2.60 -18.71
N ALA A 1270 -5.93 3.04 -18.34
CA ALA A 1270 -6.76 2.31 -17.38
C ALA A 1270 -7.60 1.24 -18.02
N GLN A 1271 -7.68 1.19 -19.35
CA GLN A 1271 -8.38 0.13 -20.06
C GLN A 1271 -7.43 -0.91 -20.66
N LEU A 1272 -6.13 -0.62 -20.71
CA LEU A 1272 -5.14 -1.66 -20.99
C LEU A 1272 -4.87 -2.48 -19.75
N ALA A 1273 -4.82 -1.84 -18.58
CA ALA A 1273 -4.63 -2.57 -17.34
C ALA A 1273 -5.80 -3.51 -17.07
N VAL A 1274 -7.01 -3.08 -17.40
CA VAL A 1274 -8.16 -3.96 -17.23
C VAL A 1274 -8.02 -5.21 -18.08
N ALA A 1275 -7.60 -5.04 -19.34
CA ALA A 1275 -7.41 -6.21 -20.20
C ALA A 1275 -6.33 -7.13 -19.65
N LEU A 1276 -5.21 -6.55 -19.20
CA LEU A 1276 -4.13 -7.38 -18.66
C LEU A 1276 -4.59 -8.15 -17.43
N CYS A 1277 -5.28 -7.46 -16.50
CA CYS A 1277 -5.75 -8.12 -15.30
C CYS A 1277 -6.78 -9.19 -15.61
N THR A 1278 -7.70 -8.92 -16.54
CA THR A 1278 -8.70 -9.91 -16.90
C THR A 1278 -8.05 -11.15 -17.51
N SER A 1279 -7.06 -10.96 -18.39
CA SER A 1279 -6.37 -12.11 -18.96
C SER A 1279 -5.64 -12.90 -17.89
N LYS A 1280 -4.97 -12.21 -16.96
CA LYS A 1280 -4.29 -12.92 -15.89
C LYS A 1280 -5.26 -13.72 -15.05
N VAL A 1281 -6.41 -13.12 -14.70
CA VAL A 1281 -7.39 -13.83 -13.89
C VAL A 1281 -7.92 -15.04 -14.63
N GLU A 1282 -8.17 -14.89 -15.94
CA GLU A 1282 -8.65 -16.03 -16.71
C GLU A 1282 -7.63 -17.16 -16.72
N ARG A 1283 -6.34 -16.84 -16.90
CA ARG A 1283 -5.33 -17.89 -16.83
C ARG A 1283 -5.29 -18.52 -15.44
N LEU A 1284 -5.41 -17.71 -14.40
CA LEU A 1284 -5.31 -18.22 -13.04
C LEU A 1284 -6.43 -19.19 -12.72
N TYR A 1285 -7.65 -18.87 -13.13
CA TYR A 1285 -8.82 -19.67 -12.82
C TYR A 1285 -9.16 -20.67 -13.92
N GLY A 1286 -8.38 -20.71 -15.00
CA GLY A 1286 -8.60 -21.69 -16.04
C GLY A 1286 -9.69 -21.34 -17.03
N THR A 1287 -10.36 -20.20 -16.87
CA THR A 1287 -11.43 -19.82 -17.77
C THR A 1287 -10.86 -19.25 -19.06
N ALA A 1288 -10.02 -20.01 -19.74
CA ALA A 1288 -9.38 -19.59 -20.97
C ALA A 1288 -9.63 -20.61 -22.07
N PRO A 1289 -9.61 -20.20 -23.33
CA PRO A 1289 -9.89 -21.15 -24.42
C PRO A 1289 -8.95 -22.34 -24.38
N GLY A 1290 -9.50 -23.52 -24.64
CA GLY A 1290 -8.73 -24.73 -24.64
C GLY A 1290 -7.99 -24.98 -23.35
N MET A 1291 -8.67 -24.77 -22.21
CA MET A 1291 -8.04 -24.97 -20.91
C MET A 1291 -9.11 -25.62 -20.02
N VAL A 1292 -8.81 -25.76 -18.73
CA VAL A 1292 -9.59 -26.64 -17.86
C VAL A 1292 -11.07 -26.22 -17.84
N ASN A 1293 -11.33 -24.93 -17.66
CA ASN A 1293 -12.69 -24.47 -17.37
C ASN A 1293 -13.25 -23.54 -18.44
N HIS A 1294 -13.08 -23.87 -19.71
CA HIS A 1294 -13.59 -23.01 -20.77
C HIS A 1294 -15.10 -23.19 -20.89
N PRO A 1295 -15.91 -22.15 -20.68
CA PRO A 1295 -17.36 -22.35 -20.78
C PRO A 1295 -17.85 -22.79 -22.15
N ALA A 1296 -17.22 -22.31 -23.23
CA ALA A 1296 -17.75 -22.57 -24.56
C ALA A 1296 -17.73 -24.06 -24.88
N ALA A 1297 -16.73 -24.78 -24.36
CA ALA A 1297 -16.64 -26.21 -24.63
C ALA A 1297 -17.84 -26.96 -24.07
N TYR A 1298 -18.01 -26.92 -22.75
CA TYR A 1298 -19.09 -27.68 -22.12
C TYR A 1298 -20.45 -27.08 -22.43
N LEU A 1299 -20.60 -25.77 -22.27
CA LEU A 1299 -21.87 -25.12 -22.55
C LEU A 1299 -21.99 -24.80 -24.03
N GLN A 1300 -23.19 -24.96 -24.57
CA GLN A 1300 -23.40 -24.68 -25.99
C GLN A 1300 -23.18 -23.21 -26.32
N VAL A 1301 -23.53 -22.31 -25.40
CA VAL A 1301 -23.43 -20.88 -25.68
C VAL A 1301 -21.96 -20.48 -25.83
N LYS A 1302 -21.75 -19.35 -26.49
CA LYS A 1302 -20.41 -18.84 -26.73
C LYS A 1302 -19.83 -18.23 -25.45
N HIS A 1303 -18.54 -17.91 -25.51
CA HIS A 1303 -17.83 -17.44 -24.32
C HIS A 1303 -18.41 -16.12 -23.82
N THR A 1304 -18.74 -15.21 -24.75
CA THR A 1304 -19.24 -13.89 -24.35
C THR A 1304 -20.69 -13.93 -23.88
N ASP A 1305 -21.41 -15.03 -24.07
CA ASP A 1305 -22.81 -15.13 -23.69
C ASP A 1305 -23.01 -15.84 -22.35
N THR A 1306 -21.93 -16.21 -21.67
CA THR A 1306 -22.08 -16.91 -20.40
C THR A 1306 -22.05 -15.92 -19.23
N PRO A 1307 -22.89 -16.12 -18.20
CA PRO A 1307 -22.79 -15.25 -17.02
C PRO A 1307 -21.41 -15.32 -16.39
N ILE A 1308 -20.96 -14.18 -15.86
CA ILE A 1308 -19.61 -14.11 -15.29
C ILE A 1308 -19.43 -15.11 -14.16
N PRO A 1309 -20.38 -15.29 -13.23
CA PRO A 1309 -20.14 -16.25 -12.14
C PRO A 1309 -19.77 -17.64 -12.62
N LEU A 1310 -20.37 -18.10 -13.72
CA LEU A 1310 -20.08 -19.41 -14.29
C LEU A 1310 -18.93 -19.38 -15.28
N GLY A 1311 -18.29 -18.24 -15.46
CA GLY A 1311 -17.21 -18.12 -16.43
C GLY A 1311 -17.65 -17.36 -17.66
N GLY A 1312 -17.27 -16.09 -17.74
CA GLY A 1312 -17.63 -15.26 -18.88
C GLY A 1312 -16.51 -14.29 -19.20
N ASN A 1313 -16.64 -13.65 -20.36
CA ASN A 1313 -15.62 -12.70 -20.79
C ASN A 1313 -15.40 -11.63 -19.74
N GLY A 1314 -16.48 -10.98 -19.30
CA GLY A 1314 -16.38 -10.01 -18.23
C GLY A 1314 -15.42 -8.88 -18.48
N ALA A 1315 -15.15 -8.57 -19.74
CA ALA A 1315 -14.25 -7.48 -20.12
C ALA A 1315 -15.08 -6.37 -20.76
N MET A 1316 -14.97 -5.17 -20.22
CA MET A 1316 -15.72 -4.03 -20.71
C MET A 1316 -14.82 -2.81 -20.76
N SER A 1317 -15.22 -1.84 -21.58
CA SER A 1317 -14.53 -0.57 -21.59
C SER A 1317 -14.55 0.04 -20.19
N ILE A 1318 -13.43 0.63 -19.79
CA ILE A 1318 -13.33 1.16 -18.44
C ILE A 1318 -14.42 2.18 -18.15
N MET A 1319 -15.02 2.77 -19.20
CA MET A 1319 -16.18 3.61 -18.99
C MET A 1319 -17.31 2.85 -18.31
N GLU A 1320 -17.53 1.59 -18.72
CA GLU A 1320 -18.58 0.79 -18.10
C GLU A 1320 -18.27 0.52 -16.63
N LEU A 1321 -17.05 0.07 -16.34
CA LEU A 1321 -16.68 -0.23 -14.96
C LEU A 1321 -16.72 1.01 -14.08
N ALA A 1322 -16.46 2.19 -14.66
CA ALA A 1322 -16.43 3.41 -13.87
C ALA A 1322 -17.84 3.97 -13.66
N THR A 1323 -18.51 4.34 -14.75
CA THR A 1323 -19.85 4.94 -14.64
C THR A 1323 -20.81 3.98 -13.95
N ALA A 1324 -20.91 2.75 -14.45
CA ALA A 1324 -21.68 1.71 -13.79
C ALA A 1324 -20.77 0.98 -12.80
N GLY A 1325 -21.23 -0.15 -12.28
CA GLY A 1325 -20.47 -0.94 -11.35
C GLY A 1325 -19.89 -2.19 -12.01
N ILE A 1326 -19.07 -2.89 -11.23
CA ILE A 1326 -18.54 -4.17 -11.66
C ILE A 1326 -19.62 -5.23 -11.49
N GLY A 1327 -19.67 -6.18 -12.43
CA GLY A 1327 -20.70 -7.19 -12.44
C GLY A 1327 -22.00 -6.76 -13.07
N MET A 1328 -22.10 -5.51 -13.53
CA MET A 1328 -23.31 -5.06 -14.21
C MET A 1328 -23.45 -5.73 -15.58
N SER A 1329 -22.38 -6.31 -16.10
CA SER A 1329 -22.49 -7.12 -17.31
C SER A 1329 -23.39 -8.33 -17.08
N ASP A 1330 -23.41 -8.86 -15.85
CA ASP A 1330 -24.37 -9.90 -15.52
C ASP A 1330 -25.79 -9.39 -15.71
N LYS A 1331 -26.07 -8.17 -15.25
CA LYS A 1331 -27.40 -7.61 -15.44
C LYS A 1331 -27.69 -7.36 -16.92
N ASN A 1332 -26.68 -6.96 -17.69
CA ASN A 1332 -26.90 -6.80 -19.13
C ASN A 1332 -27.30 -8.12 -19.76
N LEU A 1333 -26.57 -9.19 -19.43
CA LEU A 1333 -26.88 -10.50 -19.98
C LEU A 1333 -28.27 -10.97 -19.55
N LEU A 1334 -28.61 -10.76 -18.28
CA LEU A 1334 -29.93 -11.15 -17.80
C LEU A 1334 -31.02 -10.39 -18.54
N LYS A 1335 -30.85 -9.08 -18.71
CA LYS A 1335 -31.85 -8.29 -19.43
C LYS A 1335 -31.97 -8.75 -20.88
N ARG A 1336 -30.83 -9.02 -21.54
CA ARG A 1336 -30.86 -9.49 -22.91
C ARG A 1336 -31.66 -10.79 -23.00
N ALA A 1337 -31.35 -11.75 -22.13
CA ALA A 1337 -32.04 -13.04 -22.18
C ALA A 1337 -33.53 -12.87 -21.91
N LEU A 1338 -33.89 -12.09 -20.90
CA LEU A 1338 -35.29 -11.92 -20.56
C LEU A 1338 -36.05 -11.23 -21.69
N LEU A 1339 -35.47 -10.19 -22.28
CA LEU A 1339 -36.14 -9.52 -23.39
C LEU A 1339 -36.30 -10.45 -24.58
N GLY A 1340 -35.26 -11.21 -24.90
CA GLY A 1340 -35.36 -12.15 -26.01
C GLY A 1340 -36.45 -13.17 -25.78
N TYR A 1341 -36.52 -13.73 -24.57
CA TYR A 1341 -37.57 -14.69 -24.28
C TYR A 1341 -38.94 -14.04 -24.36
N SER A 1342 -39.08 -12.84 -23.80
CA SER A 1342 -40.38 -12.18 -23.78
C SER A 1342 -40.89 -11.88 -25.18
N HIS A 1343 -40.01 -11.39 -26.06
CA HIS A 1343 -40.45 -10.94 -27.38
C HIS A 1343 -40.33 -12.05 -28.43
N LYS A 1344 -39.11 -12.52 -28.68
CA LYS A 1344 -38.91 -13.52 -29.71
C LYS A 1344 -39.31 -14.91 -29.25
N ARG A 1345 -39.18 -15.20 -27.95
CA ARG A 1345 -39.51 -16.51 -27.39
C ARG A 1345 -38.65 -17.63 -27.96
N GLN A 1346 -37.47 -17.30 -28.49
CA GLN A 1346 -36.62 -18.32 -29.08
C GLN A 1346 -35.98 -19.18 -27.99
N LYS A 1347 -35.58 -20.40 -28.38
CA LYS A 1347 -34.94 -21.31 -27.44
C LYS A 1347 -33.55 -20.80 -27.05
N SER A 1348 -32.90 -20.03 -27.93
CA SER A 1348 -31.52 -19.63 -27.66
C SER A 1348 -31.41 -18.86 -26.36
N MET A 1349 -32.29 -17.88 -26.15
CA MET A 1349 -32.24 -17.07 -24.93
C MET A 1349 -33.14 -17.65 -23.85
N LEU A 1350 -32.95 -18.92 -23.58
CA LEU A 1350 -33.51 -19.62 -22.43
C LEU A 1350 -32.43 -20.40 -21.69
N TYR A 1351 -31.46 -20.93 -22.41
CA TYR A 1351 -30.29 -21.53 -21.77
C TYR A 1351 -29.67 -20.55 -20.78
N ILE A 1352 -29.63 -19.27 -21.14
CA ILE A 1352 -29.08 -18.26 -20.23
C ILE A 1352 -29.93 -18.16 -18.98
N LEU A 1353 -31.26 -18.18 -19.14
CA LEU A 1353 -32.13 -18.16 -17.97
C LEU A 1353 -31.95 -19.43 -17.13
N GLY A 1354 -31.71 -20.56 -17.78
CA GLY A 1354 -31.40 -21.76 -17.03
C GLY A 1354 -30.12 -21.62 -16.22
N LEU A 1355 -29.10 -20.99 -16.81
CA LEU A 1355 -27.86 -20.76 -16.08
C LEU A 1355 -28.10 -19.85 -14.87
N PHE A 1356 -28.91 -18.81 -15.06
CA PHE A 1356 -29.19 -17.90 -13.95
C PHE A 1356 -30.00 -18.58 -12.85
N LYS A 1357 -30.95 -19.44 -13.23
CA LYS A 1357 -31.69 -20.20 -12.24
C LYS A 1357 -30.78 -21.15 -11.48
N PHE A 1358 -29.82 -21.76 -12.18
CA PHE A 1358 -28.82 -22.57 -11.52
C PHE A 1358 -28.01 -21.74 -10.53
N LEU A 1359 -27.67 -20.51 -10.92
CA LEU A 1359 -26.93 -19.64 -10.01
C LEU A 1359 -27.73 -19.34 -8.75
N MET A 1360 -29.02 -19.03 -8.90
CA MET A 1360 -29.85 -18.80 -7.73
C MET A 1360 -29.95 -20.06 -6.87
N LYS A 1361 -30.07 -21.22 -7.51
CA LYS A 1361 -30.16 -22.47 -6.74
C LYS A 1361 -28.89 -22.69 -5.93
N LEU A 1362 -27.73 -22.40 -6.52
CA LEU A 1362 -26.48 -22.49 -5.77
C LEU A 1362 -26.44 -21.47 -4.64
N SER A 1363 -26.91 -20.25 -4.89
CA SER A 1363 -26.78 -19.16 -3.92
C SER A 1363 -27.76 -19.29 -2.76
N ASP A 1364 -28.85 -20.05 -2.92
CA ASP A 1364 -29.84 -20.13 -1.86
C ASP A 1364 -29.23 -20.65 -0.55
N GLU A 1365 -28.13 -21.39 -0.64
CA GLU A 1365 -27.52 -21.95 0.56
C GLU A 1365 -27.05 -20.86 1.51
N THR A 1366 -26.43 -19.81 0.98
CA THR A 1366 -25.91 -18.74 1.81
C THR A 1366 -27.04 -17.90 2.40
N PHE A 1367 -26.82 -17.42 3.63
CA PHE A 1367 -27.76 -16.54 4.31
C PHE A 1367 -26.97 -15.41 4.96
N GLN A 1368 -27.71 -14.48 5.59
CA GLN A 1368 -27.16 -13.34 6.31
C GLN A 1368 -26.57 -12.30 5.38
N HIS A 1369 -26.57 -12.53 4.05
CA HIS A 1369 -25.81 -11.70 3.12
C HIS A 1369 -24.34 -11.73 3.47
N GLU A 1370 -23.83 -12.94 3.78
CA GLU A 1370 -22.45 -13.11 4.18
C GLU A 1370 -21.55 -12.98 2.95
N ARG A 1371 -21.49 -11.77 2.40
CA ARG A 1371 -20.76 -11.49 1.17
C ARG A 1371 -19.52 -10.67 1.50
N LEU A 1372 -18.36 -11.15 1.04
CA LEU A 1372 -17.10 -10.44 1.20
C LEU A 1372 -16.56 -10.21 -0.22
N GLY A 1373 -16.98 -9.09 -0.82
CA GLY A 1373 -16.62 -8.77 -2.17
C GLY A 1373 -17.77 -8.15 -2.93
N GLN A 1374 -17.80 -8.32 -4.25
CA GLN A 1374 -18.86 -7.76 -5.06
C GLN A 1374 -20.14 -8.56 -4.89
N PHE A 1375 -21.27 -7.88 -5.14
CA PHE A 1375 -22.59 -8.52 -5.12
C PHE A 1375 -23.01 -8.83 -6.55
N SER A 1376 -23.27 -10.10 -6.82
CA SER A 1376 -23.60 -10.52 -8.18
C SER A 1376 -25.02 -10.13 -8.57
N PHE A 1377 -25.94 -10.03 -7.60
CA PHE A 1377 -27.36 -9.78 -7.84
C PHE A 1377 -28.04 -11.00 -8.45
N ILE A 1378 -27.27 -12.02 -8.81
CA ILE A 1378 -27.82 -13.24 -9.38
C ILE A 1378 -27.17 -14.43 -8.69
N GLY A 1379 -26.52 -14.18 -7.55
CA GLY A 1379 -25.82 -15.22 -6.83
C GLY A 1379 -24.45 -15.49 -7.44
N LYS A 1380 -23.66 -16.26 -6.69
CA LYS A 1380 -22.30 -16.59 -7.09
C LYS A 1380 -22.05 -18.08 -6.90
N VAL A 1381 -21.16 -18.63 -7.71
CA VAL A 1381 -20.67 -19.98 -7.49
C VAL A 1381 -19.80 -19.95 -6.23
N GLN A 1382 -20.02 -20.92 -5.35
CA GLN A 1382 -19.41 -20.91 -4.02
C GLN A 1382 -18.08 -21.65 -4.05
N TRP A 1383 -17.01 -20.93 -3.74
CA TRP A 1383 -15.66 -21.49 -3.62
C TRP A 1383 -15.22 -21.45 -2.17
N LYS A 1384 -14.20 -22.24 -1.85
CA LYS A 1384 -13.54 -22.19 -0.55
C LYS A 1384 -12.12 -22.68 -0.73
N ILE A 1385 -11.17 -21.76 -0.78
CA ILE A 1385 -9.78 -22.11 -1.08
C ILE A 1385 -9.17 -22.88 0.08
N PHE A 1386 -9.15 -22.26 1.26
CA PHE A 1386 -8.43 -22.77 2.41
C PHE A 1386 -9.33 -22.73 3.64
N THR A 1387 -9.05 -23.63 4.57
CA THR A 1387 -9.81 -23.74 5.81
C THR A 1387 -8.82 -23.82 6.96
N PRO A 1388 -8.89 -22.93 7.96
CA PRO A 1388 -8.04 -23.10 9.14
C PRO A 1388 -8.55 -24.24 10.01
N LYS A 1389 -8.18 -25.47 9.64
CA LYS A 1389 -8.68 -26.67 10.31
C LYS A 1389 -8.71 -26.49 11.83
N SER A 1390 -7.69 -25.82 12.37
CA SER A 1390 -7.68 -25.51 13.79
C SER A 1390 -8.80 -24.51 14.10
N GLU A 1391 -9.82 -24.95 14.81
CA GLU A 1391 -10.91 -24.07 15.19
C GLU A 1391 -10.40 -22.94 16.08
N PHE A 1392 -10.89 -21.74 15.83
CA PHE A 1392 -10.45 -20.58 16.60
C PHE A 1392 -11.00 -20.64 18.03
N GLU A 1393 -10.36 -19.89 18.92
CA GLU A 1393 -10.82 -19.82 20.30
C GLU A 1393 -12.20 -19.17 20.36
N PHE A 1394 -13.04 -19.67 21.26
CA PHE A 1394 -14.40 -19.19 21.47
C PHE A 1394 -15.29 -19.38 20.25
N ALA A 1395 -14.81 -20.10 19.23
CA ALA A 1395 -15.63 -20.36 18.05
C ALA A 1395 -16.68 -21.43 18.29
N ASP A 1396 -16.58 -22.17 19.39
CA ASP A 1396 -17.57 -23.19 19.75
C ASP A 1396 -17.91 -23.01 21.23
N MET A 1397 -18.87 -22.13 21.51
CA MET A 1397 -19.45 -22.00 22.83
C MET A 1397 -20.96 -22.14 22.83
N TYR A 1398 -21.61 -22.04 21.67
CA TYR A 1398 -23.01 -22.39 21.50
C TYR A 1398 -23.10 -23.46 20.43
N THR A 1399 -23.94 -24.47 20.68
CA THR A 1399 -24.07 -25.57 19.75
C THR A 1399 -24.46 -25.05 18.37
N SER A 1400 -23.86 -25.63 17.33
CA SER A 1400 -24.10 -25.14 15.97
C SER A 1400 -25.58 -25.06 15.65
N LYS A 1401 -26.37 -26.00 16.18
CA LYS A 1401 -27.81 -25.91 16.03
C LYS A 1401 -28.35 -24.65 16.70
N PHE A 1402 -27.83 -24.31 17.88
CA PHE A 1402 -28.31 -23.13 18.58
C PHE A 1402 -28.07 -21.87 17.76
N LEU A 1403 -26.94 -21.78 17.06
CA LEU A 1403 -26.65 -20.62 16.24
C LEU A 1403 -27.44 -20.59 14.94
N GLU A 1404 -28.19 -21.65 14.63
CA GLU A 1404 -29.12 -21.65 13.51
C GLU A 1404 -30.54 -21.32 13.92
N LEU A 1405 -30.94 -21.70 15.14
CA LEU A 1405 -32.23 -21.27 15.67
C LEU A 1405 -32.19 -19.82 16.11
N TRP A 1406 -31.07 -19.39 16.67
CA TRP A 1406 -30.90 -17.98 17.03
C TRP A 1406 -30.94 -17.08 15.81
N SER A 1407 -30.27 -17.51 14.72
CA SER A 1407 -30.24 -16.69 13.52
C SER A 1407 -31.62 -16.49 12.92
N SER A 1408 -32.60 -17.31 13.29
CA SER A 1408 -33.97 -17.17 12.83
C SER A 1408 -34.86 -16.46 13.83
N GLN A 1409 -34.71 -16.77 15.13
CA GLN A 1409 -35.52 -16.09 16.14
C GLN A 1409 -35.23 -14.59 16.15
N HIS A 1410 -33.95 -14.22 16.12
CA HIS A 1410 -33.54 -12.82 16.10
C HIS A 1410 -33.12 -12.46 14.68
N VAL A 1411 -34.11 -12.14 13.85
CA VAL A 1411 -33.82 -11.77 12.47
C VAL A 1411 -33.10 -10.42 12.43
N THR A 1412 -33.48 -9.50 13.32
CA THR A 1412 -32.99 -8.13 13.25
C THR A 1412 -31.46 -8.08 13.24
N TYR A 1413 -30.83 -8.92 14.04
CA TYR A 1413 -29.38 -8.84 14.20
C TYR A 1413 -28.61 -9.28 12.99
N ASP A 1414 -29.24 -9.55 11.85
CA ASP A 1414 -28.49 -9.72 10.61
C ASP A 1414 -27.97 -8.40 10.08
N TYR A 1415 -28.47 -7.26 10.59
CA TYR A 1415 -28.13 -5.95 10.08
C TYR A 1415 -27.40 -5.12 11.13
N ILE A 1416 -27.98 -4.92 12.30
CA ILE A 1416 -27.47 -3.99 13.30
C ILE A 1416 -26.79 -4.77 14.41
N ILE A 1417 -25.64 -4.27 14.85
CA ILE A 1417 -24.90 -4.97 15.91
C ILE A 1417 -25.72 -4.95 17.19
N PRO A 1418 -25.85 -6.06 17.91
CA PRO A 1418 -26.55 -6.01 19.19
C PRO A 1418 -25.77 -5.21 20.21
N LYS A 1419 -26.49 -4.66 21.18
CA LYS A 1419 -25.90 -3.80 22.21
C LYS A 1419 -26.14 -4.37 23.61
N GLY A 1420 -26.29 -5.67 23.71
CA GLY A 1420 -26.38 -6.32 25.00
C GLY A 1420 -25.36 -7.44 25.10
N ARG A 1421 -24.85 -7.64 26.32
CA ARG A 1421 -23.79 -8.63 26.52
C ARG A 1421 -24.22 -10.00 26.05
N ASP A 1422 -25.37 -10.48 26.54
CA ASP A 1422 -25.82 -11.83 26.19
C ASP A 1422 -26.18 -11.92 24.71
N ASN A 1423 -26.82 -10.89 24.16
CA ASN A 1423 -27.17 -10.88 22.75
C ASN A 1423 -26.02 -10.44 21.85
N LEU A 1424 -24.89 -10.04 22.42
CA LEU A 1424 -23.70 -9.73 21.63
C LEU A 1424 -22.72 -10.88 21.60
N LEU A 1425 -22.64 -11.69 22.65
CA LEU A 1425 -21.80 -12.88 22.60
C LEU A 1425 -22.25 -13.79 21.46
N ILE A 1426 -23.56 -13.99 21.33
CA ILE A 1426 -24.08 -14.86 20.28
C ILE A 1426 -23.76 -14.27 18.91
N TYR A 1427 -23.93 -12.96 18.75
CA TYR A 1427 -23.64 -12.33 17.47
C TYR A 1427 -22.17 -12.47 17.10
N LEU A 1428 -21.27 -12.28 18.07
CA LEU A 1428 -19.85 -12.38 17.79
C LEU A 1428 -19.46 -13.82 17.48
N VAL A 1429 -20.05 -14.78 18.18
CA VAL A 1429 -19.76 -16.19 17.88
C VAL A 1429 -20.27 -16.55 16.50
N ARG A 1430 -21.43 -16.00 16.11
CA ARG A 1430 -21.97 -16.26 14.78
C ARG A 1430 -21.07 -15.66 13.70
N LYS A 1431 -20.70 -14.39 13.85
CA LYS A 1431 -19.76 -13.79 12.91
C LYS A 1431 -18.44 -14.55 12.89
N LEU A 1432 -18.10 -15.20 14.01
CA LEU A 1432 -16.94 -16.07 14.03
C LEU A 1432 -17.23 -17.41 13.36
N ASN A 1433 -18.46 -17.90 13.46
CA ASN A 1433 -18.86 -19.13 12.78
C ASN A 1433 -19.54 -18.81 11.46
N ASP A 1434 -18.80 -18.11 10.61
CA ASP A 1434 -19.27 -17.74 9.28
C ASP A 1434 -18.21 -18.15 8.27
N PRO A 1435 -18.57 -18.84 7.17
CA PRO A 1435 -17.53 -19.29 6.24
C PRO A 1435 -17.13 -18.21 5.24
N SER A 1436 -16.99 -16.98 5.73
CA SER A 1436 -16.27 -15.93 5.01
C SER A 1436 -15.39 -15.08 5.91
N ILE A 1437 -15.68 -15.00 7.21
CA ILE A 1437 -14.80 -14.31 8.15
C ILE A 1437 -13.69 -15.23 8.62
N VAL A 1438 -14.01 -16.51 8.84
CA VAL A 1438 -12.97 -17.47 9.19
C VAL A 1438 -11.92 -17.54 8.10
N THR A 1439 -12.35 -17.46 6.84
CA THR A 1439 -11.39 -17.42 5.74
C THR A 1439 -10.53 -16.17 5.83
N ALA A 1440 -11.12 -15.03 6.17
CA ALA A 1440 -10.38 -13.77 6.22
C ALA A 1440 -9.49 -13.66 7.44
N MET A 1441 -9.67 -14.52 8.44
CA MET A 1441 -8.83 -14.50 9.63
C MET A 1441 -7.64 -15.45 9.53
N THR A 1442 -7.49 -16.17 8.42
CA THR A 1442 -6.37 -17.06 8.20
C THR A 1442 -5.63 -16.81 6.89
N MET A 1443 -6.07 -15.85 6.08
CA MET A 1443 -5.37 -15.50 4.85
C MET A 1443 -4.18 -14.59 5.17
N GLN A 1444 -3.27 -15.13 5.99
CA GLN A 1444 -2.15 -14.33 6.46
C GLN A 1444 -1.21 -13.98 5.31
N SER A 1445 -0.99 -14.91 4.39
CA SER A 1445 -0.07 -14.70 3.27
C SER A 1445 -0.83 -14.68 1.96
N PRO A 1446 -1.10 -13.50 1.38
CA PRO A 1446 -1.75 -13.47 0.06
C PRO A 1446 -0.95 -14.18 -1.02
N LEU A 1447 0.37 -14.19 -0.91
CA LEU A 1447 1.18 -14.90 -1.89
C LEU A 1447 0.85 -16.38 -1.91
N GLN A 1448 0.64 -16.97 -0.73
CA GLN A 1448 0.27 -18.37 -0.67
C GLN A 1448 -1.05 -18.61 -1.39
N LEU A 1449 -2.02 -17.73 -1.19
CA LEU A 1449 -3.30 -17.86 -1.88
C LEU A 1449 -3.14 -17.79 -3.38
N ARG A 1450 -2.39 -16.79 -3.85
CA ARG A 1450 -2.22 -16.61 -5.30
C ARG A 1450 -1.50 -17.81 -5.90
N PHE A 1451 -0.48 -18.33 -5.22
CA PHE A 1451 0.19 -19.53 -5.71
C PHE A 1451 -0.76 -20.73 -5.73
N ARG A 1452 -1.53 -20.91 -4.65
CA ARG A 1452 -2.41 -22.08 -4.55
C ARG A 1452 -3.47 -22.05 -5.65
N MET A 1453 -3.98 -20.88 -5.99
CA MET A 1453 -5.08 -20.80 -6.94
C MET A 1453 -4.78 -21.52 -8.24
N GLN A 1454 -3.52 -21.52 -8.69
CA GLN A 1454 -3.20 -22.16 -9.96
C GLN A 1454 -3.33 -23.66 -9.88
N ALA A 1455 -3.02 -24.25 -8.72
CA ALA A 1455 -3.13 -25.69 -8.53
C ALA A 1455 -4.49 -26.12 -8.01
N LYS A 1456 -5.32 -25.18 -7.56
CA LYS A 1456 -6.66 -25.49 -7.07
C LYS A 1456 -7.72 -25.42 -8.15
N GLN A 1457 -7.50 -24.63 -9.19
CA GLN A 1457 -8.45 -24.57 -10.30
C GLN A 1457 -8.57 -25.90 -11.03
N HIS A 1458 -7.63 -26.81 -10.81
CA HIS A 1458 -7.59 -28.10 -11.48
C HIS A 1458 -8.39 -29.10 -10.64
N MET A 1459 -8.19 -30.40 -10.86
CA MET A 1459 -9.02 -31.45 -10.29
C MET A 1459 -9.39 -31.23 -8.83
N LYS A 1460 -8.57 -30.51 -8.07
CA LYS A 1460 -8.93 -30.20 -6.69
C LYS A 1460 -10.36 -29.72 -6.59
N VAL A 1461 -11.15 -30.38 -5.75
CA VAL A 1461 -12.56 -30.03 -5.56
C VAL A 1461 -12.63 -28.86 -4.59
N CYS A 1462 -12.58 -27.64 -5.14
CA CYS A 1462 -12.52 -26.42 -4.34
C CYS A 1462 -13.80 -25.60 -4.46
N ARG A 1463 -14.91 -26.23 -4.79
CA ARG A 1463 -16.17 -25.50 -5.04
C ARG A 1463 -17.29 -26.51 -4.89
N LEU A 1464 -18.26 -26.21 -4.03
CA LEU A 1464 -19.25 -27.20 -3.62
C LEU A 1464 -20.61 -26.87 -4.21
N ASP A 1465 -21.20 -27.87 -4.90
CA ASP A 1465 -22.59 -27.84 -5.32
C ASP A 1465 -23.50 -28.57 -4.35
N GLY A 1466 -23.14 -28.56 -3.06
CA GLY A 1466 -23.74 -29.45 -2.09
C GLY A 1466 -23.05 -30.79 -1.99
N GLU A 1467 -22.07 -31.06 -2.85
CA GLU A 1467 -21.37 -32.34 -2.85
C GLU A 1467 -19.87 -32.21 -3.07
N TRP A 1468 -19.33 -30.99 -3.15
CA TRP A 1468 -17.89 -30.77 -3.30
C TRP A 1468 -17.35 -31.45 -4.56
N VAL A 1469 -17.82 -30.98 -5.71
CA VAL A 1469 -17.37 -31.47 -7.01
C VAL A 1469 -16.68 -30.31 -7.75
N THR A 1470 -15.84 -30.68 -8.72
CA THR A 1470 -15.01 -29.70 -9.40
C THR A 1470 -15.85 -28.74 -10.23
N PHE A 1471 -15.26 -27.56 -10.48
CA PHE A 1471 -15.90 -26.58 -11.36
C PHE A 1471 -16.09 -27.14 -12.76
N ARG A 1472 -15.27 -28.11 -13.16
CA ARG A 1472 -15.45 -28.74 -14.47
C ARG A 1472 -16.81 -29.42 -14.55
N GLU A 1473 -17.24 -30.06 -13.47
CA GLU A 1473 -18.53 -30.73 -13.46
C GLU A 1473 -19.69 -29.74 -13.35
N VAL A 1474 -19.45 -28.54 -12.83
CA VAL A 1474 -20.53 -27.56 -12.74
C VAL A 1474 -21.00 -27.15 -14.11
N LEU A 1475 -20.09 -27.06 -15.09
CA LEU A 1475 -20.52 -26.70 -16.43
C LEU A 1475 -21.45 -27.76 -17.00
N ALA A 1476 -21.13 -29.04 -16.80
CA ALA A 1476 -22.01 -30.10 -17.26
C ALA A 1476 -23.34 -30.09 -16.50
N ALA A 1477 -23.29 -29.83 -15.20
CA ALA A 1477 -24.53 -29.75 -14.42
C ALA A 1477 -25.42 -28.63 -14.92
N ALA A 1478 -24.83 -27.47 -15.23
CA ALA A 1478 -25.60 -26.35 -15.77
C ALA A 1478 -26.16 -26.69 -17.14
N ASN A 1479 -25.36 -27.34 -17.98
CA ASN A 1479 -25.84 -27.73 -19.31
C ASN A 1479 -27.00 -28.70 -19.21
N SER A 1480 -26.96 -29.61 -18.22
CA SER A 1480 -28.10 -30.50 -18.00
C SER A 1480 -29.31 -29.73 -17.50
N PHE A 1481 -29.12 -28.87 -16.49
CA PHE A 1481 -30.24 -28.12 -15.93
C PHE A 1481 -30.77 -27.09 -16.91
N ALA A 1482 -29.88 -26.43 -17.65
CA ALA A 1482 -30.32 -25.42 -18.61
C ALA A 1482 -31.21 -26.05 -19.67
N GLU A 1483 -30.81 -27.21 -20.21
CA GLU A 1483 -31.62 -27.88 -21.20
C GLU A 1483 -32.96 -28.31 -20.62
N ASN A 1484 -32.96 -28.85 -19.41
CA ASN A 1484 -34.18 -29.28 -18.73
C ASN A 1484 -34.76 -28.14 -17.87
N TYR A 1485 -34.97 -26.99 -18.49
CA TYR A 1485 -35.50 -25.82 -17.81
C TYR A 1485 -36.79 -25.39 -18.50
N SER A 1486 -37.78 -25.00 -17.70
CA SER A 1486 -39.06 -24.53 -18.20
C SER A 1486 -39.42 -23.22 -17.51
N ALA A 1487 -39.96 -22.29 -18.28
CA ALA A 1487 -40.34 -20.99 -17.72
C ALA A 1487 -41.50 -21.16 -16.74
N THR A 1488 -41.43 -20.44 -15.63
CA THR A 1488 -42.46 -20.50 -14.61
C THR A 1488 -42.74 -19.08 -14.12
N SER A 1489 -43.94 -18.90 -13.56
CA SER A 1489 -44.32 -17.58 -13.06
C SER A 1489 -43.36 -17.10 -11.98
N GLN A 1490 -42.95 -18.01 -11.09
CA GLN A 1490 -41.99 -17.64 -10.05
C GLN A 1490 -40.67 -17.18 -10.66
N ASP A 1491 -40.18 -17.91 -11.68
CA ASP A 1491 -38.93 -17.54 -12.32
C ASP A 1491 -39.02 -16.17 -12.97
N MET A 1492 -40.12 -15.91 -13.69
CA MET A 1492 -40.28 -14.61 -14.34
C MET A 1492 -40.38 -13.49 -13.32
N ASP A 1493 -41.14 -13.71 -12.25
CA ASP A 1493 -41.24 -12.69 -11.20
C ASP A 1493 -39.89 -12.40 -10.58
N LEU A 1494 -39.11 -13.45 -10.28
CA LEU A 1494 -37.80 -13.25 -9.70
C LEU A 1494 -36.88 -12.51 -10.66
N PHE A 1495 -36.91 -12.86 -11.93
CA PHE A 1495 -36.06 -12.18 -12.90
C PHE A 1495 -36.43 -10.71 -13.02
N GLN A 1496 -37.74 -10.40 -13.04
CA GLN A 1496 -38.16 -9.01 -13.10
C GLN A 1496 -37.73 -8.26 -11.84
N THR A 1497 -37.80 -8.92 -10.68
CA THR A 1497 -37.33 -8.29 -9.45
C THR A 1497 -35.83 -8.02 -9.52
N LEU A 1498 -35.07 -8.92 -10.13
CA LEU A 1498 -33.62 -8.72 -10.25
C LEU A 1498 -33.32 -7.45 -11.05
N THR A 1499 -34.12 -7.18 -12.08
CA THR A 1499 -33.90 -6.04 -12.97
C THR A 1499 -34.62 -4.79 -12.50
N SER A 1500 -34.89 -4.67 -11.21
CA SER A 1500 -35.56 -3.49 -10.67
C SER A 1500 -34.69 -2.24 -10.86
N ARG A 1528 -5.53 21.77 -16.05
CA ARG A 1528 -4.10 21.68 -15.75
C ARG A 1528 -3.85 21.56 -14.26
N ALA A 1529 -4.68 22.23 -13.46
CA ALA A 1529 -4.59 22.20 -12.01
C ALA A 1529 -5.50 21.09 -11.49
N LYS A 1530 -4.88 20.06 -10.90
CA LYS A 1530 -5.65 18.93 -10.40
C LYS A 1530 -6.66 19.39 -9.36
N VAL A 1531 -7.72 18.59 -9.20
CA VAL A 1531 -8.77 18.87 -8.22
C VAL A 1531 -9.34 17.54 -7.78
N ALA A 1532 -9.99 17.52 -6.62
CA ALA A 1532 -10.63 16.32 -6.11
C ALA A 1532 -12.12 16.56 -5.96
N ARG A 1533 -12.92 15.68 -6.55
CA ARG A 1533 -14.36 15.75 -6.47
C ARG A 1533 -14.90 14.44 -5.90
N THR A 1534 -16.21 14.41 -5.65
CA THR A 1534 -16.89 13.24 -5.12
C THR A 1534 -17.76 12.64 -6.22
N PHE A 1535 -17.58 11.35 -6.49
CA PHE A 1535 -18.31 10.65 -7.53
C PHE A 1535 -19.44 9.86 -6.88
N THR A 1536 -20.57 10.52 -6.67
CA THR A 1536 -21.74 9.88 -6.06
C THR A 1536 -22.50 9.14 -7.15
N VAL A 1537 -22.54 7.81 -7.03
CA VAL A 1537 -23.11 6.99 -8.11
C VAL A 1537 -24.63 7.06 -8.11
N ARG A 1538 -25.25 6.55 -7.05
CA ARG A 1538 -26.71 6.51 -6.95
C ARG A 1538 -27.26 7.28 -5.76
N GLU A 1539 -26.70 7.06 -4.56
CA GLU A 1539 -27.11 7.79 -3.36
C GLU A 1539 -28.52 7.35 -2.95
N LYS A 1540 -28.89 7.59 -1.70
CA LYS A 1540 -30.13 7.06 -1.13
C LYS A 1540 -31.20 8.15 -1.04
N ASP A 1541 -32.45 7.72 -1.09
CA ASP A 1541 -33.56 8.67 -1.12
C ASP A 1541 -33.55 9.56 0.12
N GLN A 1542 -33.87 10.84 -0.09
CA GLN A 1542 -33.79 11.81 1.00
C GLN A 1542 -34.92 11.62 2.01
N ILE A 1543 -36.11 11.25 1.54
CA ILE A 1543 -37.26 11.14 2.42
C ILE A 1543 -37.04 10.10 3.51
N ILE A 1544 -36.08 9.19 3.32
CA ILE A 1544 -35.83 8.14 4.30
C ILE A 1544 -35.16 8.71 5.54
N GLN A 1545 -33.95 9.23 5.38
CA GLN A 1545 -33.15 9.85 6.43
C GLN A 1545 -32.70 8.86 7.50
N ASN A 1546 -33.05 7.58 7.39
CA ASN A 1546 -32.65 6.55 8.33
C ASN A 1546 -31.87 5.48 7.57
N SER A 1547 -30.76 5.02 8.17
CA SER A 1547 -29.94 4.02 7.51
C SER A 1547 -30.79 2.81 7.16
N ILE A 1548 -30.63 2.34 5.92
CA ILE A 1548 -31.47 1.23 5.44
C ILE A 1548 -31.39 0.03 6.36
N PRO A 1549 -30.21 -0.43 6.80
CA PRO A 1549 -30.18 -1.57 7.72
C PRO A 1549 -30.98 -1.32 8.97
N ALA A 1550 -30.93 -0.11 9.52
CA ALA A 1550 -31.64 0.19 10.75
C ALA A 1550 -33.14 0.00 10.57
N VAL A 1551 -33.70 0.53 9.47
CA VAL A 1551 -35.14 0.44 9.28
C VAL A 1551 -35.55 -1.00 8.96
N ILE A 1552 -34.78 -1.70 8.12
CA ILE A 1552 -35.14 -3.08 7.82
C ILE A 1552 -35.10 -3.91 9.10
N GLY A 1553 -34.15 -3.63 9.99
CA GLY A 1553 -34.14 -4.29 11.29
C GLY A 1553 -35.35 -3.91 12.13
N TYR A 1554 -35.74 -2.63 12.08
CA TYR A 1554 -36.95 -2.21 12.77
C TYR A 1554 -38.15 -3.04 12.30
N LYS A 1555 -38.18 -3.39 11.02
CA LYS A 1555 -39.26 -4.24 10.53
C LYS A 1555 -39.23 -5.60 11.20
N PHE A 1556 -38.05 -6.16 11.41
CA PHE A 1556 -37.88 -7.46 12.05
C PHE A 1556 -37.74 -7.36 13.56
N ALA A 1557 -38.24 -6.29 14.17
CA ALA A 1557 -38.06 -6.04 15.59
C ALA A 1557 -39.27 -6.53 16.37
N VAL A 1558 -39.09 -7.58 17.17
CA VAL A 1558 -40.15 -8.09 18.03
C VAL A 1558 -39.73 -8.21 19.49
N THR A 1559 -38.45 -8.30 19.80
CA THR A 1559 -37.98 -8.42 21.17
C THR A 1559 -37.62 -7.05 21.73
N VAL A 1560 -37.62 -6.97 23.07
CA VAL A 1560 -37.26 -5.71 23.72
C VAL A 1560 -35.79 -5.38 23.43
N GLU A 1561 -34.91 -6.37 23.51
CA GLU A 1561 -33.50 -6.13 23.23
C GLU A 1561 -33.29 -5.68 21.79
N GLU A 1562 -33.97 -6.34 20.85
CA GLU A 1562 -33.84 -5.95 19.45
C GLU A 1562 -34.34 -4.54 19.21
N MET A 1563 -35.47 -4.19 19.82
CA MET A 1563 -36.01 -2.85 19.64
C MET A 1563 -35.07 -1.80 20.23
N SER A 1564 -34.50 -2.07 21.41
CA SER A 1564 -33.56 -1.14 22.00
C SER A 1564 -32.32 -0.98 21.13
N ASP A 1565 -31.81 -2.10 20.59
CA ASP A 1565 -30.64 -2.03 19.72
C ASP A 1565 -30.95 -1.22 18.47
N VAL A 1566 -32.13 -1.40 17.89
CA VAL A 1566 -32.52 -0.64 16.72
C VAL A 1566 -32.57 0.85 17.06
N LEU A 1567 -33.21 1.19 18.17
CA LEU A 1567 -33.35 2.59 18.54
C LEU A 1567 -31.99 3.24 18.78
N ASP A 1568 -31.08 2.53 19.45
CA ASP A 1568 -29.73 3.06 19.65
C ASP A 1568 -29.00 3.23 18.32
N THR A 1569 -29.14 2.24 17.42
CA THR A 1569 -28.36 2.27 16.19
C THR A 1569 -28.87 3.33 15.22
N ALA A 1570 -30.19 3.49 15.11
CA ALA A 1570 -30.76 4.45 14.18
C ALA A 1570 -30.26 5.85 14.50
N LYS A 1571 -29.78 6.56 13.48
CA LYS A 1571 -29.31 7.92 13.68
C LYS A 1571 -30.45 8.83 14.13
N PHE A 1572 -31.62 8.70 13.51
CA PHE A 1572 -32.79 9.50 13.81
C PHE A 1572 -33.94 8.57 14.19
N PRO A 1573 -34.13 8.26 15.47
CA PRO A 1573 -35.28 7.46 15.87
C PRO A 1573 -36.58 8.22 15.69
N ASP A 1574 -37.71 7.57 15.96
CA ASP A 1574 -39.06 8.10 15.81
C ASP A 1574 -39.46 8.26 14.35
N SER A 1575 -38.58 7.95 13.40
CA SER A 1575 -38.88 8.04 11.98
C SER A 1575 -38.72 6.72 11.25
N LEU A 1576 -38.42 5.63 11.97
CA LEU A 1576 -38.25 4.33 11.32
C LEU A 1576 -39.55 3.89 10.64
N SER A 1577 -40.68 4.13 11.28
CA SER A 1577 -41.97 3.83 10.65
C SER A 1577 -42.14 4.58 9.35
N VAL A 1578 -41.65 5.82 9.28
CA VAL A 1578 -41.76 6.60 8.05
C VAL A 1578 -41.03 5.89 6.91
N ASP A 1579 -39.80 5.43 7.17
CA ASP A 1579 -39.07 4.74 6.12
C ASP A 1579 -39.68 3.39 5.80
N LEU A 1580 -40.24 2.69 6.78
CA LEU A 1580 -40.93 1.44 6.48
C LEU A 1580 -42.11 1.68 5.55
N LYS A 1581 -42.89 2.72 5.82
CA LYS A 1581 -44.01 3.05 4.94
C LYS A 1581 -43.53 3.45 3.55
N THR A 1582 -42.45 4.24 3.48
CA THR A 1582 -41.91 4.61 2.18
C THR A 1582 -41.46 3.39 1.40
N MET A 1583 -40.80 2.45 2.08
CA MET A 1583 -40.35 1.24 1.42
C MET A 1583 -41.51 0.41 0.91
N LYS A 1584 -42.56 0.26 1.74
CA LYS A 1584 -43.71 -0.53 1.31
C LYS A 1584 -44.40 0.12 0.12
N ASP A 1585 -44.53 1.44 0.13
CA ASP A 1585 -45.13 2.13 -1.00
C ASP A 1585 -44.28 1.98 -2.26
N GLY A 1586 -42.96 2.10 -2.12
CA GLY A 1586 -42.10 2.00 -3.27
C GLY A 1586 -42.08 0.60 -3.88
N VAL A 1587 -42.12 -0.42 -3.03
CA VAL A 1587 -42.08 -1.80 -3.53
C VAL A 1587 -43.28 -2.07 -4.44
N TYR A 1588 -44.43 -1.47 -4.14
CA TYR A 1588 -45.61 -1.65 -4.96
C TYR A 1588 -45.44 -1.10 -6.37
N ARG A 1589 -44.45 -0.24 -6.61
CA ARG A 1589 -44.26 0.37 -7.92
C ARG A 1589 -43.43 -0.52 -8.85
N GLU A 1590 -42.19 -0.84 -8.45
CA GLU A 1590 -41.27 -1.58 -9.30
C GLU A 1590 -41.37 -3.09 -9.09
N LEU A 1591 -42.09 -3.55 -8.08
CA LEU A 1591 -42.19 -4.98 -7.77
C LEU A 1591 -43.63 -5.35 -7.48
N GLY A 1592 -44.05 -6.51 -8.00
CA GLY A 1592 -45.36 -7.04 -7.64
C GLY A 1592 -45.40 -7.75 -6.31
N LEU A 1593 -44.24 -8.09 -5.77
CA LEU A 1593 -44.17 -8.78 -4.49
C LEU A 1593 -44.33 -7.79 -3.35
N ASP A 1594 -44.75 -8.31 -2.19
CA ASP A 1594 -45.03 -7.50 -1.02
C ASP A 1594 -43.95 -7.69 0.03
N ILE A 1595 -43.50 -6.59 0.62
CA ILE A 1595 -42.49 -6.69 1.68
C ILE A 1595 -43.09 -7.20 2.98
N SER A 1596 -44.42 -7.16 3.12
CA SER A 1596 -45.04 -7.72 4.32
C SER A 1596 -44.56 -9.13 4.57
N LEU A 1597 -44.52 -9.96 3.53
CA LEU A 1597 -43.80 -11.22 3.63
C LEU A 1597 -42.30 -10.96 3.53
N PRO A 1598 -41.47 -11.75 4.21
CA PRO A 1598 -40.02 -11.51 4.15
C PRO A 1598 -39.42 -11.84 2.79
N ASP A 1599 -38.09 -11.74 2.68
CA ASP A 1599 -37.28 -12.12 1.53
C ASP A 1599 -37.28 -11.07 0.42
N VAL A 1600 -37.79 -9.87 0.68
CA VAL A 1600 -37.73 -8.77 -0.28
C VAL A 1600 -36.66 -7.76 0.10
N MET A 1601 -36.64 -7.35 1.37
CA MET A 1601 -35.66 -6.37 1.82
C MET A 1601 -34.24 -6.87 1.68
N LYS A 1602 -34.04 -8.20 1.62
CA LYS A 1602 -32.71 -8.74 1.43
C LYS A 1602 -32.12 -8.42 0.07
N ARG A 1603 -32.93 -7.93 -0.87
CA ARG A 1603 -32.51 -7.73 -2.25
C ARG A 1603 -31.90 -6.36 -2.48
N ILE A 1604 -32.58 -5.29 -2.05
CA ILE A 1604 -32.13 -3.95 -2.35
C ILE A 1604 -30.88 -3.60 -1.55
N ALA A 1605 -30.73 -4.17 -0.34
CA ALA A 1605 -29.71 -3.68 0.59
C ALA A 1605 -28.31 -3.64 -0.02
N PRO A 1606 -27.81 -4.68 -0.68
CA PRO A 1606 -26.50 -4.55 -1.34
C PRO A 1606 -26.48 -3.48 -2.43
N MET A 1607 -27.59 -3.32 -3.16
CA MET A 1607 -27.66 -2.29 -4.19
C MET A 1607 -27.51 -0.91 -3.59
N LEU A 1608 -28.21 -0.65 -2.49
CA LEU A 1608 -28.11 0.64 -1.82
C LEU A 1608 -26.79 0.81 -1.07
N TYR A 1609 -26.14 -0.29 -0.67
CA TYR A 1609 -24.80 -0.19 -0.12
C TYR A 1609 -23.81 0.26 -1.19
N LYS A 1610 -23.90 -0.32 -2.38
CA LYS A 1610 -23.08 0.13 -3.49
C LYS A 1610 -23.40 1.58 -3.86
N SER A 1611 -24.68 1.93 -3.82
CA SER A 1611 -25.09 3.31 -4.10
C SER A 1611 -24.49 4.28 -3.09
N SER A 1612 -24.51 3.91 -1.80
CA SER A 1612 -24.00 4.79 -0.76
C SER A 1612 -22.50 5.04 -0.87
N LYS A 1613 -21.78 4.17 -1.57
CA LYS A 1613 -20.35 4.38 -1.76
C LYS A 1613 -20.11 5.69 -2.49
N SER A 1614 -19.21 6.51 -1.94
CA SER A 1614 -18.84 7.79 -2.53
C SER A 1614 -17.33 7.89 -2.52
N ARG A 1615 -16.73 7.98 -3.70
CA ARG A 1615 -15.28 7.91 -3.85
C ARG A 1615 -14.73 9.23 -4.38
N VAL A 1616 -13.50 9.52 -3.97
CA VAL A 1616 -12.81 10.74 -4.40
C VAL A 1616 -12.20 10.50 -5.77
N VAL A 1617 -12.45 11.42 -6.70
CA VAL A 1617 -12.00 11.34 -8.07
C VAL A 1617 -11.06 12.51 -8.34
N ILE A 1618 -9.92 12.22 -8.95
CA ILE A 1618 -8.94 13.24 -9.29
C ILE A 1618 -9.22 13.70 -10.72
N VAL A 1619 -9.47 15.00 -10.88
CA VAL A 1619 -9.84 15.59 -12.15
C VAL A 1619 -8.81 16.66 -12.52
N GLN A 1620 -8.87 17.09 -13.78
CA GLN A 1620 -7.89 18.02 -14.32
C GLN A 1620 -8.12 19.46 -13.86
N GLY A 1621 -9.27 19.78 -13.28
CA GLY A 1621 -9.51 21.08 -12.65
C GLY A 1621 -10.76 21.76 -13.13
N ASN A 1622 -11.14 21.56 -14.39
CA ASN A 1622 -12.30 22.22 -14.96
C ASN A 1622 -13.60 21.50 -14.65
N VAL A 1623 -13.55 20.37 -13.96
CA VAL A 1623 -14.73 19.54 -13.75
C VAL A 1623 -15.60 20.13 -12.64
N GLU A 1624 -16.86 19.71 -12.62
CA GLU A 1624 -17.82 20.12 -11.62
C GLU A 1624 -18.07 18.99 -10.63
N GLY A 1625 -18.79 19.31 -9.55
CA GLY A 1625 -19.00 18.33 -8.49
C GLY A 1625 -19.86 17.16 -8.92
N THR A 1626 -20.86 17.41 -9.75
CA THR A 1626 -21.85 16.39 -10.08
C THR A 1626 -21.19 15.22 -10.83
N ALA A 1627 -21.85 14.06 -10.74
CA ALA A 1627 -21.32 12.85 -11.38
C ALA A 1627 -21.33 12.98 -12.90
N GLU A 1628 -22.35 13.64 -13.46
CA GLU A 1628 -22.43 13.77 -14.91
C GLU A 1628 -21.22 14.53 -15.45
N ALA A 1629 -20.81 15.60 -14.77
CA ALA A 1629 -19.64 16.36 -15.21
C ALA A 1629 -18.39 15.51 -15.15
N ILE A 1630 -18.24 14.70 -14.09
CA ILE A 1630 -17.06 13.84 -13.98
C ILE A 1630 -17.03 12.83 -15.12
N CYS A 1631 -18.18 12.23 -15.43
CA CYS A 1631 -18.22 11.26 -16.52
C CYS A 1631 -17.91 11.92 -17.86
N ARG A 1632 -18.44 13.12 -18.09
CA ARG A 1632 -18.13 13.83 -19.33
C ARG A 1632 -16.65 14.18 -19.41
N TYR A 1633 -16.03 14.55 -18.29
CA TYR A 1633 -14.59 14.80 -18.30
C TYR A 1633 -13.83 13.54 -18.65
N TRP A 1634 -14.23 12.40 -18.07
CA TRP A 1634 -13.58 11.14 -18.44
C TRP A 1634 -13.75 10.86 -19.91
N LEU A 1635 -14.91 11.20 -20.47
CA LEU A 1635 -15.11 11.04 -21.90
C LEU A 1635 -14.14 11.92 -22.69
N LYS A 1636 -13.97 13.18 -22.26
CA LYS A 1636 -13.10 14.11 -22.95
C LYS A 1636 -11.63 13.72 -22.87
N SER A 1637 -11.27 12.78 -22.00
CA SER A 1637 -9.88 12.38 -21.79
C SER A 1637 -9.52 11.10 -22.53
N MET A 1638 -10.37 10.61 -23.43
CA MET A 1638 -10.03 9.41 -24.17
C MET A 1638 -8.75 9.60 -24.96
N SER A 1639 -8.65 10.71 -25.68
CA SER A 1639 -7.47 11.00 -26.47
C SER A 1639 -6.36 11.56 -25.58
N LEU A 1640 -5.12 11.30 -25.95
CA LEU A 1640 -3.98 11.75 -25.17
C LEU A 1640 -3.38 13.05 -25.70
N VAL A 1641 -3.52 13.33 -26.99
CA VAL A 1641 -2.88 14.50 -27.58
C VAL A 1641 -3.86 15.31 -28.43
N LYS A 1642 -5.13 14.92 -28.41
CA LYS A 1642 -6.17 15.61 -29.18
C LYS A 1642 -7.36 15.90 -28.29
N THR A 1643 -7.99 17.05 -28.52
CA THR A 1643 -9.18 17.43 -27.77
C THR A 1643 -10.40 16.67 -28.28
N ILE A 1644 -11.37 16.48 -27.39
CA ILE A 1644 -12.63 15.83 -27.72
C ILE A 1644 -13.80 16.80 -27.69
N ARG A 1645 -13.55 18.07 -27.37
CA ARG A 1645 -14.62 19.06 -27.29
C ARG A 1645 -15.38 19.16 -28.61
PG ATP C . 12.26 9.58 9.31
O1G ATP C . 13.68 9.69 9.73
O2G ATP C . 11.98 8.34 8.45
O3G ATP C . 11.72 10.82 8.60
PB ATP C . 9.78 9.14 10.93
O1B ATP C . 9.59 7.89 11.68
O2B ATP C . 9.25 10.40 11.61
O3B ATP C . 11.31 9.40 10.59
PA ATP C . 7.63 9.09 8.89
O1A ATP C . 7.27 7.76 8.33
O2A ATP C . 7.56 10.25 7.89
O3A ATP C . 9.11 9.08 9.48
O5' ATP C . 6.74 9.45 10.14
C5' ATP C . 6.56 8.51 11.23
C4' ATP C . 5.23 8.79 11.89
O4' ATP C . 4.23 8.75 10.86
C3' ATP C . 4.84 7.64 12.80
O3' ATP C . 5.26 8.00 14.11
C2' ATP C . 3.32 7.76 12.78
O2' ATP C . 3.01 9.00 13.43
C1' ATP C . 3.09 8.04 11.31
N9 ATP C . 3.04 6.81 10.54
C8 ATP C . 4.03 6.25 9.77
N7 ATP C . 3.70 5.13 9.19
C5 ATP C . 2.39 4.92 9.61
C6 ATP C . 1.47 3.89 9.34
N6 ATP C . 1.72 2.84 8.56
N1 ATP C . 0.25 3.98 9.90
C2 ATP C . -0.02 5.03 10.68
N3 ATP C . 0.76 6.06 11.01
C4 ATP C . 1.97 5.94 10.44
H5'1 ATP C . 7.27 8.63 11.88
H5'2 ATP C . 6.57 7.60 10.89
H4' ATP C . 5.25 9.63 12.37
H3' ATP C . 5.17 6.77 12.51
HO3' ATP C . 4.85 8.72 14.31
H2' ATP C . 2.84 7.00 13.15
HO2' ATP C . 2.82 8.81 14.23
H1' ATP C . 2.27 8.57 11.17
H8 ATP C . 4.86 6.65 9.68
HN61 ATP C . 1.24 2.13 8.61
HN62 ATP C . 2.38 2.87 8.00
H2 ATP C . -0.88 5.05 11.06
MG MG D . 9.10 11.73 8.48
MG MG E . 7.59 11.55 6.39
#